data_1ZV6
#
_entry.id   1ZV6
#
_entity_poly.entity_id   1
_entity_poly.type   'polypeptide(L)'
_entity_poly.pdbx_seq_one_letter_code
;PGLQIYPYEMLVVTNKGRTKLPPGVDRMRLERHLSAEDFSRVFAMSPEEFGKLALWKRNELKKKAELF
;
_entity_poly.pdbx_strand_id   A
#
# COMPACT_ATOMS: atom_id res chain seq x y z
N PRO A 1 -8.59 16.40 -2.73
CA PRO A 1 -7.25 16.50 -2.09
C PRO A 1 -6.68 15.11 -1.76
N GLY A 2 -5.35 14.99 -1.84
CA GLY A 2 -4.69 13.73 -1.54
C GLY A 2 -4.41 12.92 -2.79
N LEU A 3 -4.46 11.60 -2.65
CA LEU A 3 -4.20 10.69 -3.75
C LEU A 3 -5.42 9.84 -4.07
N GLN A 4 -5.41 9.21 -5.25
CA GLN A 4 -6.52 8.36 -5.67
C GLN A 4 -6.44 6.99 -5.01
N ILE A 5 -7.57 6.52 -4.49
CA ILE A 5 -7.62 5.23 -3.81
C ILE A 5 -8.18 4.13 -4.73
N TYR A 6 -7.57 2.96 -4.69
CA TYR A 6 -7.98 1.83 -5.53
C TYR A 6 -7.92 0.52 -4.74
N PRO A 7 -8.42 -0.60 -5.34
CA PRO A 7 -8.39 -1.91 -4.69
C PRO A 7 -6.98 -2.32 -4.27
N TYR A 8 -6.86 -3.36 -3.46
CA TYR A 8 -5.57 -3.81 -3.00
C TYR A 8 -4.82 -4.57 -4.10
N GLU A 9 -5.43 -5.65 -4.60
CA GLU A 9 -4.83 -6.47 -5.65
C GLU A 9 -4.42 -5.62 -6.86
N MET A 10 -5.15 -4.55 -7.12
CA MET A 10 -4.86 -3.65 -8.24
C MET A 10 -3.64 -2.78 -7.94
N LEU A 11 -3.43 -2.47 -6.65
CA LEU A 11 -2.30 -1.63 -6.23
C LEU A 11 -1.09 -2.47 -5.77
N VAL A 12 -1.14 -3.79 -5.98
CA VAL A 12 -0.03 -4.66 -5.59
C VAL A 12 1.21 -4.34 -6.42
N VAL A 13 2.39 -4.69 -5.90
CA VAL A 13 3.64 -4.36 -6.59
C VAL A 13 4.15 -5.48 -7.52
N THR A 14 4.58 -6.60 -6.95
CA THR A 14 5.11 -7.71 -7.75
C THR A 14 4.16 -8.89 -7.84
N ASN A 15 3.60 -9.27 -6.69
CA ASN A 15 2.69 -10.41 -6.60
C ASN A 15 1.58 -10.38 -7.66
N LYS A 16 1.04 -9.19 -7.93
CA LYS A 16 -0.04 -9.05 -8.91
C LYS A 16 0.40 -8.23 -10.13
N GLY A 17 1.70 -8.25 -10.45
CA GLY A 17 2.20 -7.51 -11.59
C GLY A 17 3.55 -6.86 -11.33
N ARG A 18 3.69 -5.60 -11.75
CA ARG A 18 4.95 -4.86 -11.56
C ARG A 18 4.65 -3.38 -11.32
N THR A 19 4.24 -2.66 -12.37
CA THR A 19 3.90 -1.26 -12.26
C THR A 19 2.57 -1.00 -12.99
N LYS A 20 1.78 -2.04 -13.10
CA LYS A 20 0.48 -1.99 -13.76
C LYS A 20 -0.57 -1.27 -12.91
N LEU A 21 -0.12 -0.36 -12.06
CA LEU A 21 -0.97 0.41 -11.18
C LEU A 21 -2.03 1.21 -11.92
N PRO A 22 -3.19 1.40 -11.27
CA PRO A 22 -4.28 2.20 -11.82
C PRO A 22 -3.81 3.63 -12.11
N PRO A 23 -4.70 4.54 -12.55
CA PRO A 23 -4.31 5.92 -12.86
C PRO A 23 -3.85 6.71 -11.63
N GLY A 24 -2.52 6.95 -11.54
CA GLY A 24 -1.98 7.71 -10.43
C GLY A 24 -1.46 6.88 -9.26
N VAL A 25 -0.72 5.80 -9.55
CA VAL A 25 -0.18 4.93 -8.51
C VAL A 25 1.27 4.53 -8.77
N ASP A 26 2.08 4.60 -7.72
CA ASP A 26 3.49 4.24 -7.79
C ASP A 26 3.93 3.57 -6.49
N ARG A 27 4.90 2.65 -6.60
CA ARG A 27 5.42 1.92 -5.45
C ARG A 27 5.84 2.85 -4.31
N MET A 28 6.23 4.08 -4.65
CA MET A 28 6.65 5.08 -3.67
C MET A 28 5.68 5.17 -2.48
N ARG A 29 4.38 5.15 -2.78
CA ARG A 29 3.36 5.24 -1.73
C ARG A 29 2.15 4.35 -2.03
N LEU A 30 2.41 3.12 -2.49
CA LEU A 30 1.33 2.19 -2.79
C LEU A 30 0.55 1.84 -1.52
N GLU A 31 1.26 1.74 -0.40
CA GLU A 31 0.64 1.45 0.89
C GLU A 31 -0.21 2.63 1.39
N ARG A 32 -0.27 3.71 0.60
CA ARG A 32 -1.05 4.89 0.95
C ARG A 32 -2.19 5.09 -0.05
N HIS A 33 -2.13 4.34 -1.14
CA HIS A 33 -3.13 4.40 -2.18
C HIS A 33 -4.28 3.42 -1.90
N LEU A 34 -4.12 2.59 -0.87
CA LEU A 34 -5.13 1.63 -0.49
C LEU A 34 -6.18 2.30 0.40
N SER A 35 -7.42 1.87 0.25
CA SER A 35 -8.51 2.43 1.05
C SER A 35 -8.43 1.94 2.48
N ALA A 36 -9.22 2.55 3.37
CA ALA A 36 -9.23 2.16 4.78
C ALA A 36 -9.47 0.66 4.95
N GLU A 37 -10.27 0.09 4.05
CA GLU A 37 -10.56 -1.35 4.07
C GLU A 37 -9.32 -2.12 3.61
N ASP A 38 -8.83 -1.76 2.42
CA ASP A 38 -7.66 -2.40 1.85
C ASP A 38 -6.45 -2.34 2.79
N PHE A 39 -6.13 -1.14 3.27
CA PHE A 39 -5.00 -0.94 4.16
C PHE A 39 -5.14 -1.74 5.46
N SER A 40 -6.23 -1.50 6.19
CA SER A 40 -6.46 -2.20 7.45
C SER A 40 -6.62 -3.72 7.25
N ARG A 41 -6.82 -4.15 6.01
CA ARG A 41 -6.98 -5.57 5.69
C ARG A 41 -5.64 -6.22 5.35
N VAL A 42 -4.82 -5.52 4.57
CA VAL A 42 -3.51 -6.03 4.16
C VAL A 42 -2.42 -5.74 5.20
N PHE A 43 -2.54 -4.61 5.89
CA PHE A 43 -1.55 -4.21 6.89
C PHE A 43 -2.05 -4.41 8.33
N ALA A 44 -3.35 -4.14 8.55
CA ALA A 44 -3.95 -4.26 9.88
C ALA A 44 -3.61 -3.06 10.77
N MET A 45 -3.11 -1.99 10.14
CA MET A 45 -2.72 -0.77 10.83
C MET A 45 -3.26 0.45 10.09
N SER A 46 -3.38 1.55 10.81
CA SER A 46 -3.90 2.78 10.24
C SER A 46 -2.92 3.41 9.26
N PRO A 47 -3.44 4.03 8.17
CA PRO A 47 -2.58 4.69 7.19
C PRO A 47 -1.59 5.63 7.87
N GLU A 48 -2.04 6.26 8.96
CA GLU A 48 -1.20 7.15 9.74
C GLU A 48 -0.18 6.35 10.53
N GLU A 49 -0.61 5.15 11.00
CA GLU A 49 0.27 4.27 11.76
C GLU A 49 1.57 4.02 10.98
N PHE A 50 1.44 3.54 9.73
CA PHE A 50 2.59 3.27 8.86
C PHE A 50 3.64 4.38 8.94
N GLY A 51 3.21 5.62 8.64
CA GLY A 51 4.11 6.75 8.69
C GLY A 51 4.78 6.93 10.05
N LYS A 52 4.06 6.57 11.11
CA LYS A 52 4.56 6.67 12.47
C LYS A 52 5.25 5.39 12.94
N LEU A 53 5.33 4.38 12.06
CA LEU A 53 5.96 3.12 12.40
C LEU A 53 7.49 3.27 12.31
N ALA A 54 8.16 2.24 11.81
CA ALA A 54 9.62 2.25 11.67
C ALA A 54 10.05 1.85 10.26
N LEU A 55 11.33 2.05 9.94
CA LEU A 55 11.87 1.71 8.63
C LEU A 55 11.86 0.20 8.37
N TRP A 56 11.99 -0.59 9.43
CA TRP A 56 11.98 -2.03 9.32
C TRP A 56 10.53 -2.49 9.30
N LYS A 57 9.69 -1.75 10.04
CA LYS A 57 8.27 -2.04 10.10
C LYS A 57 7.61 -1.73 8.77
N ARG A 58 7.68 -0.46 8.35
CA ARG A 58 7.13 -0.02 7.07
C ARG A 58 7.55 -0.98 5.97
N ASN A 59 8.83 -1.36 6.00
CA ASN A 59 9.36 -2.29 5.01
C ASN A 59 8.61 -3.63 5.11
N GLU A 60 8.78 -4.32 6.24
CA GLU A 60 8.12 -5.60 6.49
C GLU A 60 6.65 -5.59 6.12
N LEU A 61 5.96 -4.47 6.35
CA LEU A 61 4.54 -4.36 6.01
C LEU A 61 4.38 -4.41 4.52
N LYS A 62 4.98 -3.44 3.84
CA LYS A 62 4.96 -3.39 2.37
C LYS A 62 5.53 -4.71 1.82
N LYS A 63 6.37 -5.37 2.62
CA LYS A 63 7.01 -6.61 2.25
C LYS A 63 6.08 -7.83 2.48
N LYS A 64 5.17 -7.71 3.46
CA LYS A 64 4.24 -8.78 3.77
C LYS A 64 2.90 -8.52 3.07
N ALA A 65 2.60 -7.23 2.87
CA ALA A 65 1.38 -6.80 2.21
C ALA A 65 1.45 -7.01 0.69
N GLU A 66 2.54 -7.61 0.20
CA GLU A 66 2.72 -7.88 -1.23
C GLU A 66 3.00 -6.60 -2.04
N LEU A 67 3.35 -5.51 -1.34
CA LEU A 67 3.63 -4.24 -2.01
C LEU A 67 4.81 -3.48 -1.41
N PHE A 68 6.01 -4.06 -1.57
CA PHE A 68 7.24 -3.43 -1.09
C PHE A 68 8.17 -3.10 -2.25
N PRO A 1 -8.37 17.38 -4.40
CA PRO A 1 -8.41 17.27 -2.91
C PRO A 1 -7.26 16.41 -2.38
N GLY A 2 -7.19 15.17 -2.86
CA GLY A 2 -6.14 14.27 -2.42
C GLY A 2 -5.74 13.28 -3.49
N LEU A 3 -5.75 12.01 -3.14
CA LEU A 3 -5.37 10.95 -4.06
C LEU A 3 -6.54 9.99 -4.31
N GLN A 4 -6.44 9.20 -5.36
CA GLN A 4 -7.49 8.25 -5.70
C GLN A 4 -7.23 6.89 -5.05
N ILE A 5 -8.27 6.34 -4.42
CA ILE A 5 -8.17 5.06 -3.74
C ILE A 5 -8.64 3.93 -4.65
N TYR A 6 -7.76 2.97 -4.89
CA TYR A 6 -8.08 1.83 -5.76
C TYR A 6 -7.89 0.51 -5.02
N PRO A 7 -8.46 -0.59 -5.56
CA PRO A 7 -8.34 -1.91 -4.94
C PRO A 7 -6.91 -2.25 -4.56
N TYR A 8 -6.75 -3.30 -3.75
CA TYR A 8 -5.44 -3.72 -3.30
C TYR A 8 -4.77 -4.63 -4.33
N GLU A 9 -5.42 -5.74 -4.66
CA GLU A 9 -4.87 -6.70 -5.63
C GLU A 9 -4.40 -5.99 -6.89
N MET A 10 -5.01 -4.85 -7.20
CA MET A 10 -4.62 -4.07 -8.38
C MET A 10 -3.45 -3.15 -8.04
N LEU A 11 -3.38 -2.73 -6.79
CA LEU A 11 -2.33 -1.84 -6.32
C LEU A 11 -1.13 -2.62 -5.76
N VAL A 12 -1.15 -3.93 -5.93
CA VAL A 12 -0.06 -4.78 -5.46
C VAL A 12 1.21 -4.46 -6.26
N VAL A 13 2.36 -4.95 -5.80
CA VAL A 13 3.62 -4.63 -6.48
C VAL A 13 4.16 -5.77 -7.35
N THR A 14 4.58 -6.87 -6.74
CA THR A 14 5.13 -7.99 -7.50
C THR A 14 4.17 -9.16 -7.60
N ASN A 15 3.60 -9.56 -6.47
CA ASN A 15 2.68 -10.68 -6.41
C ASN A 15 1.67 -10.68 -7.56
N LYS A 16 1.37 -9.51 -8.10
CA LYS A 16 0.42 -9.41 -9.21
C LYS A 16 1.09 -8.87 -10.47
N GLY A 17 2.39 -9.09 -10.60
CA GLY A 17 3.12 -8.63 -11.77
C GLY A 17 4.07 -7.50 -11.44
N ARG A 18 3.75 -6.30 -11.93
CA ARG A 18 4.58 -5.13 -11.69
C ARG A 18 3.71 -3.94 -11.35
N THR A 19 4.26 -2.73 -11.47
CA THR A 19 3.49 -1.52 -11.16
C THR A 19 2.15 -1.56 -11.89
N LYS A 20 2.12 -1.08 -13.14
CA LYS A 20 0.91 -1.09 -13.93
C LYS A 20 -0.28 -0.55 -13.14
N LEU A 21 0.02 0.24 -12.14
CA LEU A 21 -0.98 0.83 -11.27
C LEU A 21 -1.99 1.70 -12.01
N PRO A 22 -3.15 1.89 -11.36
CA PRO A 22 -4.22 2.74 -11.90
C PRO A 22 -3.68 4.15 -12.22
N PRO A 23 -4.54 5.12 -12.53
CA PRO A 23 -4.09 6.48 -12.85
C PRO A 23 -3.71 7.26 -11.59
N GLY A 24 -2.41 7.46 -11.39
CA GLY A 24 -1.94 8.20 -10.23
C GLY A 24 -1.54 7.29 -9.08
N VAL A 25 -0.95 6.14 -9.40
CA VAL A 25 -0.53 5.18 -8.39
C VAL A 25 0.83 4.58 -8.74
N ASP A 26 1.77 4.70 -7.80
CA ASP A 26 3.11 4.19 -7.99
C ASP A 26 3.55 3.34 -6.80
N ARG A 27 4.39 2.34 -7.07
CA ARG A 27 4.87 1.45 -6.03
C ARG A 27 5.60 2.22 -4.93
N MET A 28 6.01 3.45 -5.23
CA MET A 28 6.72 4.27 -4.25
C MET A 28 5.94 4.39 -2.95
N ARG A 29 4.63 4.57 -3.06
CA ARG A 29 3.78 4.68 -1.88
C ARG A 29 2.45 3.96 -2.08
N LEU A 30 2.50 2.83 -2.76
CA LEU A 30 1.30 2.05 -3.03
C LEU A 30 0.52 1.77 -1.75
N GLU A 31 1.21 1.80 -0.61
CA GLU A 31 0.55 1.57 0.67
C GLU A 31 -0.11 2.83 1.18
N ARG A 32 -0.27 3.83 0.31
CA ARG A 32 -0.90 5.08 0.68
C ARG A 32 -2.15 5.30 -0.17
N HIS A 33 -2.25 4.51 -1.24
CA HIS A 33 -3.37 4.58 -2.15
C HIS A 33 -4.46 3.56 -1.78
N LEU A 34 -4.21 2.81 -0.71
CA LEU A 34 -5.16 1.81 -0.25
C LEU A 34 -6.22 2.43 0.64
N SER A 35 -7.45 1.96 0.49
CA SER A 35 -8.56 2.46 1.29
C SER A 35 -8.49 1.91 2.71
N ALA A 36 -9.25 2.50 3.62
CA ALA A 36 -9.26 2.06 5.01
C ALA A 36 -9.42 0.54 5.08
N GLU A 37 -10.36 0.00 4.33
CA GLU A 37 -10.59 -1.44 4.30
C GLU A 37 -9.34 -2.16 3.82
N ASP A 38 -8.90 -1.80 2.61
CA ASP A 38 -7.73 -2.40 2.01
C ASP A 38 -6.52 -2.30 2.93
N PHE A 39 -6.20 -1.08 3.36
CA PHE A 39 -5.06 -0.85 4.24
C PHE A 39 -5.17 -1.69 5.52
N SER A 40 -6.24 -1.45 6.28
CA SER A 40 -6.46 -2.17 7.53
C SER A 40 -6.61 -3.67 7.29
N ARG A 41 -6.82 -4.07 6.04
CA ARG A 41 -6.99 -5.48 5.71
C ARG A 41 -5.65 -6.14 5.37
N VAL A 42 -4.73 -5.35 4.80
CA VAL A 42 -3.42 -5.87 4.43
C VAL A 42 -2.38 -5.62 5.51
N PHE A 43 -2.44 -4.44 6.13
CA PHE A 43 -1.48 -4.07 7.16
C PHE A 43 -2.07 -4.25 8.56
N ALA A 44 -3.38 -3.99 8.70
CA ALA A 44 -4.05 -4.10 9.99
C ALA A 44 -3.73 -2.90 10.89
N MET A 45 -3.19 -1.85 10.28
CA MET A 45 -2.81 -0.64 11.00
C MET A 45 -3.36 0.59 10.30
N SER A 46 -3.40 1.69 11.03
CA SER A 46 -3.92 2.94 10.50
C SER A 46 -2.97 3.56 9.48
N PRO A 47 -3.51 4.13 8.38
CA PRO A 47 -2.69 4.78 7.37
C PRO A 47 -1.69 5.74 8.00
N GLU A 48 -2.07 6.28 9.16
CA GLU A 48 -1.22 7.18 9.91
C GLU A 48 -0.18 6.37 10.67
N GLU A 49 -0.58 5.19 11.13
CA GLU A 49 0.32 4.31 11.87
C GLU A 49 1.60 4.08 11.06
N PHE A 50 1.45 3.63 9.82
CA PHE A 50 2.59 3.38 8.93
C PHE A 50 3.63 4.50 9.01
N GLY A 51 3.22 5.70 8.60
CA GLY A 51 4.13 6.84 8.65
C GLY A 51 4.77 7.04 10.00
N LYS A 52 4.11 6.55 11.05
CA LYS A 52 4.62 6.68 12.41
C LYS A 52 5.35 5.41 12.85
N LEU A 53 5.42 4.42 11.97
CA LEU A 53 6.08 3.17 12.28
C LEU A 53 7.60 3.32 12.12
N ALA A 54 8.26 2.26 11.68
CA ALA A 54 9.70 2.28 11.49
C ALA A 54 10.09 1.81 10.08
N LEU A 55 11.35 2.04 9.72
CA LEU A 55 11.85 1.67 8.41
C LEU A 55 11.88 0.15 8.23
N TRP A 56 12.01 -0.58 9.31
CA TRP A 56 12.05 -2.01 9.28
C TRP A 56 10.62 -2.53 9.32
N LYS A 57 9.78 -1.80 10.04
CA LYS A 57 8.38 -2.15 10.14
C LYS A 57 7.70 -1.86 8.80
N ARG A 58 7.76 -0.60 8.37
CA ARG A 58 7.19 -0.20 7.08
C ARG A 58 7.58 -1.19 6.01
N ASN A 59 8.85 -1.55 6.02
CA ASN A 59 9.38 -2.52 5.06
C ASN A 59 8.63 -3.84 5.19
N GLU A 60 8.78 -4.48 6.35
CA GLU A 60 8.12 -5.76 6.62
C GLU A 60 6.65 -5.72 6.21
N LEU A 61 5.97 -4.62 6.51
CA LEU A 61 4.56 -4.48 6.15
C LEU A 61 4.42 -4.56 4.64
N LYS A 62 5.00 -3.59 3.96
CA LYS A 62 4.98 -3.55 2.50
C LYS A 62 5.54 -4.87 1.96
N LYS A 63 6.35 -5.53 2.78
CA LYS A 63 6.98 -6.79 2.41
C LYS A 63 6.03 -7.97 2.66
N LYS A 64 5.14 -7.83 3.63
CA LYS A 64 4.17 -8.86 3.94
C LYS A 64 2.84 -8.56 3.25
N ALA A 65 2.64 -7.28 2.96
CA ALA A 65 1.44 -6.81 2.31
C ALA A 65 1.47 -7.08 0.80
N GLU A 66 2.53 -7.73 0.33
CA GLU A 66 2.68 -8.03 -1.09
C GLU A 66 3.01 -6.77 -1.89
N LEU A 67 3.33 -5.68 -1.18
CA LEU A 67 3.65 -4.42 -1.83
C LEU A 67 4.88 -3.72 -1.24
N PHE A 68 6.05 -4.32 -1.46
CA PHE A 68 7.31 -3.74 -0.99
C PHE A 68 8.28 -3.54 -2.15
N PRO A 1 -3.45 16.84 -2.72
CA PRO A 1 -4.30 16.58 -1.52
C PRO A 1 -5.23 15.40 -1.74
N GLY A 2 -4.99 14.31 -1.01
CA GLY A 2 -5.82 13.12 -1.13
C GLY A 2 -5.74 12.48 -2.50
N LEU A 3 -5.65 11.16 -2.51
CA LEU A 3 -5.57 10.41 -3.75
C LEU A 3 -6.77 9.48 -3.90
N GLN A 4 -6.97 8.98 -5.12
CA GLN A 4 -8.07 8.07 -5.40
C GLN A 4 -7.77 6.66 -4.88
N ILE A 5 -8.76 6.03 -4.28
CA ILE A 5 -8.61 4.68 -3.73
C ILE A 5 -9.09 3.63 -4.72
N TYR A 6 -8.39 2.50 -4.78
CA TYR A 6 -8.75 1.42 -5.68
C TYR A 6 -8.53 0.06 -5.02
N PRO A 7 -8.83 -1.04 -5.72
CA PRO A 7 -8.62 -2.39 -5.19
C PRO A 7 -7.20 -2.58 -4.66
N TYR A 8 -6.95 -3.67 -3.97
CA TYR A 8 -5.63 -3.94 -3.42
C TYR A 8 -4.71 -4.58 -4.46
N GLU A 9 -5.10 -5.77 -4.94
CA GLU A 9 -4.32 -6.50 -5.93
C GLU A 9 -3.89 -5.60 -7.09
N MET A 10 -4.75 -4.66 -7.46
CA MET A 10 -4.47 -3.75 -8.55
C MET A 10 -3.35 -2.77 -8.19
N LEU A 11 -3.09 -2.61 -6.89
CA LEU A 11 -2.04 -1.70 -6.43
C LEU A 11 -0.81 -2.46 -5.94
N VAL A 12 -0.78 -3.77 -6.15
CA VAL A 12 0.36 -4.56 -5.72
C VAL A 12 1.59 -4.14 -6.50
N VAL A 13 2.77 -4.54 -6.05
CA VAL A 13 4.00 -4.13 -6.72
C VAL A 13 4.58 -5.23 -7.62
N THR A 14 5.04 -6.33 -7.03
CA THR A 14 5.62 -7.41 -7.81
C THR A 14 4.69 -8.61 -7.94
N ASN A 15 4.40 -9.22 -6.79
CA ASN A 15 3.54 -10.41 -6.71
C ASN A 15 2.39 -10.38 -7.73
N LYS A 16 1.78 -9.22 -7.92
CA LYS A 16 0.67 -9.09 -8.85
C LYS A 16 0.99 -8.15 -10.01
N GLY A 17 2.27 -8.04 -10.35
CA GLY A 17 2.68 -7.19 -11.45
C GLY A 17 4.04 -6.56 -11.24
N ARG A 18 4.17 -5.29 -11.61
CA ARG A 18 5.43 -4.57 -11.47
C ARG A 18 5.17 -3.08 -11.25
N THR A 19 4.28 -2.51 -12.05
CA THR A 19 3.95 -1.11 -11.96
C THR A 19 2.65 -0.80 -12.72
N LYS A 20 1.87 -1.84 -12.94
CA LYS A 20 0.59 -1.71 -13.64
C LYS A 20 -0.45 -0.97 -12.80
N LEU A 21 0.01 -0.11 -11.91
CA LEU A 21 -0.85 0.65 -11.04
C LEU A 21 -1.85 1.52 -11.81
N PRO A 22 -3.04 1.70 -11.23
CA PRO A 22 -4.10 2.52 -11.83
C PRO A 22 -3.63 3.96 -12.00
N PRO A 23 -4.53 4.86 -12.43
CA PRO A 23 -4.20 6.27 -12.63
C PRO A 23 -3.97 7.00 -11.31
N GLY A 24 -2.71 7.33 -11.02
CA GLY A 24 -2.38 8.02 -9.79
C GLY A 24 -1.79 7.12 -8.72
N VAL A 25 -1.50 5.87 -9.07
CA VAL A 25 -0.94 4.92 -8.12
C VAL A 25 0.52 4.59 -8.46
N ASP A 26 1.37 4.78 -7.46
CA ASP A 26 2.80 4.52 -7.61
C ASP A 26 3.37 3.91 -6.34
N ARG A 27 4.38 3.06 -6.50
CA ARG A 27 5.02 2.41 -5.35
C ARG A 27 5.40 3.42 -4.27
N MET A 28 5.60 4.67 -4.67
CA MET A 28 5.97 5.72 -3.73
C MET A 28 4.96 5.82 -2.58
N ARG A 29 3.68 5.73 -2.93
CA ARG A 29 2.62 5.81 -1.93
C ARG A 29 1.57 4.73 -2.14
N LEU A 30 2.01 3.57 -2.63
CA LEU A 30 1.10 2.45 -2.88
C LEU A 30 0.29 2.11 -1.64
N GLU A 31 0.96 2.07 -0.48
CA GLU A 31 0.30 1.77 0.77
C GLU A 31 -0.59 2.93 1.24
N ARG A 32 -0.79 3.92 0.37
CA ARG A 32 -1.62 5.06 0.71
C ARG A 32 -2.81 5.14 -0.23
N HIS A 33 -2.81 4.25 -1.22
CA HIS A 33 -3.86 4.18 -2.21
C HIS A 33 -4.90 3.12 -1.85
N LEU A 34 -4.64 2.38 -0.78
CA LEU A 34 -5.54 1.35 -0.32
C LEU A 34 -6.64 1.94 0.56
N SER A 35 -7.83 1.38 0.46
CA SER A 35 -8.96 1.84 1.24
C SER A 35 -8.83 1.40 2.68
N ALA A 36 -9.56 2.06 3.58
CA ALA A 36 -9.52 1.73 4.99
C ALA A 36 -9.68 0.24 5.22
N GLU A 37 -10.53 -0.40 4.42
CA GLU A 37 -10.75 -1.84 4.52
C GLU A 37 -9.52 -2.56 4.00
N ASP A 38 -9.09 -2.16 2.80
CA ASP A 38 -7.93 -2.74 2.17
C ASP A 38 -6.69 -2.63 3.06
N PHE A 39 -6.33 -1.38 3.41
CA PHE A 39 -5.17 -1.14 4.26
C PHE A 39 -5.21 -2.00 5.52
N SER A 40 -6.31 -1.91 6.25
CA SER A 40 -6.47 -2.68 7.48
C SER A 40 -6.52 -4.18 7.18
N ARG A 41 -6.69 -4.53 5.91
CA ARG A 41 -6.76 -5.94 5.52
C ARG A 41 -5.39 -6.47 5.12
N VAL A 42 -4.58 -5.63 4.49
CA VAL A 42 -3.25 -6.04 4.05
C VAL A 42 -2.19 -5.79 5.13
N PHE A 43 -2.37 -4.71 5.90
CA PHE A 43 -1.42 -4.36 6.94
C PHE A 43 -1.99 -4.60 8.33
N ALA A 44 -3.29 -4.37 8.50
CA ALA A 44 -3.96 -4.55 9.79
C ALA A 44 -3.64 -3.39 10.74
N MET A 45 -3.16 -2.29 10.17
CA MET A 45 -2.82 -1.10 10.94
C MET A 45 -3.41 0.14 10.29
N SER A 46 -3.49 1.21 11.06
CA SER A 46 -4.07 2.45 10.59
C SER A 46 -3.16 3.15 9.57
N PRO A 47 -3.75 3.72 8.51
CA PRO A 47 -2.97 4.43 7.49
C PRO A 47 -1.99 5.40 8.14
N GLU A 48 -2.37 5.90 9.31
CA GLU A 48 -1.53 6.81 10.07
C GLU A 48 -0.45 6.03 10.79
N GLU A 49 -0.81 4.83 11.24
CA GLU A 49 0.12 3.96 11.94
C GLU A 49 1.41 3.79 11.12
N PHE A 50 1.25 3.41 9.85
CA PHE A 50 2.39 3.22 8.94
C PHE A 50 3.38 4.37 9.07
N GLY A 51 2.95 5.57 8.70
CA GLY A 51 3.81 6.74 8.78
C GLY A 51 4.43 6.91 10.16
N LYS A 52 3.77 6.37 11.17
CA LYS A 52 4.26 6.47 12.54
C LYS A 52 5.05 5.23 12.94
N LEU A 53 5.18 4.28 12.01
CA LEU A 53 5.90 3.05 12.27
C LEU A 53 7.41 3.29 12.14
N ALA A 54 8.13 2.30 11.64
CA ALA A 54 9.57 2.41 11.46
C ALA A 54 9.97 2.05 10.03
N LEU A 55 11.28 2.05 9.77
CA LEU A 55 11.80 1.73 8.45
C LEU A 55 11.81 0.23 8.19
N TRP A 56 11.92 -0.54 9.27
CA TRP A 56 11.92 -1.98 9.19
C TRP A 56 10.48 -2.45 9.19
N LYS A 57 9.65 -1.72 9.92
CA LYS A 57 8.23 -2.02 10.02
C LYS A 57 7.57 -1.75 8.68
N ARG A 58 7.63 -0.49 8.24
CA ARG A 58 7.06 -0.10 6.96
C ARG A 58 7.49 -1.05 5.87
N ASN A 59 8.77 -1.40 5.91
CA ASN A 59 9.34 -2.32 4.94
C ASN A 59 8.60 -3.66 5.00
N GLU A 60 8.73 -4.37 6.11
CA GLU A 60 8.08 -5.66 6.30
C GLU A 60 6.63 -5.64 5.84
N LEU A 61 5.93 -4.55 6.15
CA LEU A 61 4.52 -4.43 5.75
C LEU A 61 4.41 -4.41 4.24
N LYS A 62 5.01 -3.40 3.63
CA LYS A 62 5.02 -3.28 2.18
C LYS A 62 5.68 -4.51 1.57
N LYS A 63 6.48 -5.20 2.38
CA LYS A 63 7.19 -6.39 1.94
C LYS A 63 6.32 -7.64 2.10
N LYS A 64 5.40 -7.60 3.06
CA LYS A 64 4.50 -8.71 3.31
C LYS A 64 3.17 -8.47 2.59
N ALA A 65 2.92 -7.19 2.31
CA ALA A 65 1.71 -6.78 1.62
C ALA A 65 1.83 -6.92 0.11
N GLU A 66 2.96 -7.47 -0.34
CA GLU A 66 3.22 -7.65 -1.77
C GLU A 66 3.43 -6.31 -2.46
N LEU A 67 3.65 -5.26 -1.68
CA LEU A 67 3.88 -3.93 -2.22
C LEU A 67 5.03 -3.18 -1.55
N PHE A 68 6.25 -3.65 -1.77
CA PHE A 68 7.44 -3.01 -1.22
C PHE A 68 8.43 -2.69 -2.34
N PRO A 1 -8.32 16.94 -3.48
CA PRO A 1 -7.47 17.35 -2.33
C PRO A 1 -6.39 16.33 -2.02
N GLY A 2 -6.78 15.07 -1.88
CA GLY A 2 -5.83 14.02 -1.59
C GLY A 2 -5.42 13.25 -2.83
N LEU A 3 -5.29 11.94 -2.66
CA LEU A 3 -4.90 11.08 -3.76
C LEU A 3 -5.99 10.06 -4.07
N GLN A 4 -5.89 9.43 -5.25
CA GLN A 4 -6.87 8.43 -5.66
C GLN A 4 -6.64 7.10 -4.94
N ILE A 5 -7.73 6.41 -4.65
CA ILE A 5 -7.66 5.13 -3.96
C ILE A 5 -8.40 4.03 -4.74
N TYR A 6 -7.67 2.95 -5.04
CA TYR A 6 -8.25 1.82 -5.77
C TYR A 6 -8.05 0.51 -5.01
N PRO A 7 -8.65 -0.59 -5.48
CA PRO A 7 -8.53 -1.90 -4.83
C PRO A 7 -7.08 -2.23 -4.47
N TYR A 8 -6.90 -3.25 -3.64
CA TYR A 8 -5.57 -3.66 -3.22
C TYR A 8 -4.92 -4.59 -4.25
N GLU A 9 -5.55 -5.73 -4.49
CA GLU A 9 -5.04 -6.71 -5.46
C GLU A 9 -4.63 -6.03 -6.76
N MET A 10 -5.39 -5.01 -7.15
CA MET A 10 -5.11 -4.27 -8.37
C MET A 10 -3.92 -3.32 -8.14
N LEU A 11 -3.77 -2.88 -6.89
CA LEU A 11 -2.70 -1.97 -6.52
C LEU A 11 -1.44 -2.72 -6.07
N VAL A 12 -1.48 -4.05 -6.11
CA VAL A 12 -0.32 -4.85 -5.69
C VAL A 12 0.88 -4.52 -6.58
N VAL A 13 2.06 -4.94 -6.17
CA VAL A 13 3.27 -4.61 -6.94
C VAL A 13 3.80 -5.76 -7.80
N THR A 14 4.29 -6.82 -7.15
CA THR A 14 4.85 -7.95 -7.88
C THR A 14 3.93 -9.17 -7.85
N ASN A 15 3.49 -9.51 -6.65
CA ASN A 15 2.64 -10.68 -6.43
C ASN A 15 1.53 -10.81 -7.48
N LYS A 16 1.13 -9.70 -8.09
CA LYS A 16 0.08 -9.72 -9.12
C LYS A 16 0.62 -9.37 -10.50
N GLY A 17 1.90 -9.63 -10.71
CA GLY A 17 2.51 -9.34 -12.01
C GLY A 17 3.58 -8.27 -11.92
N ARG A 18 3.19 -7.03 -12.24
CA ARG A 18 4.11 -5.92 -12.19
C ARG A 18 3.41 -4.71 -11.57
N THR A 19 3.91 -3.51 -11.84
CA THR A 19 3.30 -2.32 -11.28
C THR A 19 1.85 -2.19 -11.78
N LYS A 20 1.68 -2.05 -13.10
CA LYS A 20 0.35 -1.96 -13.70
C LYS A 20 -0.62 -1.11 -12.87
N LEU A 21 -0.06 -0.19 -12.07
CA LEU A 21 -0.87 0.66 -11.22
C LEU A 21 -1.86 1.50 -12.00
N PRO A 22 -3.10 1.63 -11.49
CA PRO A 22 -4.13 2.44 -12.12
C PRO A 22 -3.65 3.88 -12.30
N PRO A 23 -4.51 4.81 -12.73
CA PRO A 23 -4.12 6.20 -12.93
C PRO A 23 -3.90 6.94 -11.61
N GLY A 24 -2.63 7.23 -11.30
CA GLY A 24 -2.31 7.96 -10.08
C GLY A 24 -1.74 7.08 -8.97
N VAL A 25 -0.85 6.16 -9.33
CA VAL A 25 -0.23 5.28 -8.34
C VAL A 25 1.25 5.07 -8.62
N ASP A 26 2.07 5.42 -7.63
CA ASP A 26 3.51 5.28 -7.75
C ASP A 26 4.03 4.33 -6.68
N ARG A 27 5.09 3.60 -7.00
CA ARG A 27 5.66 2.64 -6.06
C ARG A 27 6.30 3.34 -4.86
N MET A 28 6.46 4.66 -4.95
CA MET A 28 7.05 5.43 -3.87
C MET A 28 6.22 5.33 -2.58
N ARG A 29 4.90 5.40 -2.73
CA ARG A 29 4.00 5.31 -1.59
C ARG A 29 2.72 4.55 -1.94
N LEU A 30 2.88 3.37 -2.53
CA LEU A 30 1.75 2.57 -2.93
C LEU A 30 0.87 2.24 -1.72
N GLU A 31 1.48 2.09 -0.55
CA GLU A 31 0.75 1.80 0.67
C GLU A 31 0.01 3.05 1.17
N ARG A 32 -0.09 4.06 0.33
CA ARG A 32 -0.77 5.30 0.70
C ARG A 32 -1.97 5.52 -0.22
N HIS A 33 -2.08 4.65 -1.22
CA HIS A 33 -3.16 4.72 -2.19
C HIS A 33 -4.25 3.70 -1.88
N LEU A 34 -4.05 2.94 -0.80
CA LEU A 34 -4.99 1.92 -0.39
C LEU A 34 -6.11 2.53 0.46
N SER A 35 -7.32 2.02 0.27
CA SER A 35 -8.48 2.51 1.01
C SER A 35 -8.39 2.09 2.47
N ALA A 36 -9.12 2.80 3.32
CA ALA A 36 -9.12 2.49 4.75
C ALA A 36 -9.35 1.01 5.00
N GLU A 37 -10.05 0.36 4.07
CA GLU A 37 -10.31 -1.07 4.18
C GLU A 37 -9.10 -1.84 3.69
N ASP A 38 -8.68 -1.53 2.47
CA ASP A 38 -7.53 -2.18 1.86
C ASP A 38 -6.31 -2.10 2.77
N PHE A 39 -6.06 -0.91 3.31
CA PHE A 39 -4.92 -0.69 4.20
C PHE A 39 -5.00 -1.58 5.43
N SER A 40 -5.97 -1.29 6.30
CA SER A 40 -6.15 -2.06 7.53
C SER A 40 -6.37 -3.54 7.24
N ARG A 41 -6.74 -3.87 6.00
CA ARG A 41 -6.98 -5.25 5.61
C ARG A 41 -5.69 -5.96 5.24
N VAL A 42 -4.73 -5.19 4.71
CA VAL A 42 -3.45 -5.74 4.31
C VAL A 42 -2.39 -5.54 5.39
N PHE A 43 -2.37 -4.35 5.97
CA PHE A 43 -1.40 -4.01 6.99
C PHE A 43 -1.92 -4.22 8.41
N ALA A 44 -3.23 -4.07 8.58
CA ALA A 44 -3.88 -4.24 9.89
C ALA A 44 -3.75 -3.00 10.77
N MET A 45 -3.04 -1.99 10.28
CA MET A 45 -2.87 -0.75 11.04
C MET A 45 -3.53 0.43 10.33
N SER A 46 -3.52 1.56 11.00
CA SER A 46 -4.11 2.77 10.46
C SER A 46 -3.16 3.46 9.48
N PRO A 47 -3.70 4.12 8.44
CA PRO A 47 -2.87 4.84 7.48
C PRO A 47 -1.90 5.79 8.17
N GLU A 48 -2.27 6.21 9.37
CA GLU A 48 -1.44 7.10 10.16
C GLU A 48 -0.47 6.30 11.03
N GLU A 49 -0.74 5.00 11.18
CA GLU A 49 0.12 4.14 11.97
C GLU A 49 1.41 3.84 11.21
N PHE A 50 1.28 3.44 9.94
CA PHE A 50 2.43 3.15 9.09
C PHE A 50 3.53 4.21 9.26
N GLY A 51 3.16 5.46 9.02
CA GLY A 51 4.13 6.55 9.16
C GLY A 51 4.69 6.63 10.56
N LYS A 52 3.92 6.16 11.53
CA LYS A 52 4.35 6.17 12.93
C LYS A 52 5.01 4.85 13.32
N LEU A 53 5.16 3.95 12.36
CA LEU A 53 5.78 2.66 12.60
C LEU A 53 7.30 2.78 12.49
N ALA A 54 7.95 1.75 11.98
CA ALA A 54 9.41 1.77 11.84
C ALA A 54 9.86 1.44 10.42
N LEU A 55 11.12 1.70 10.14
CA LEU A 55 11.69 1.45 8.81
C LEU A 55 11.74 -0.04 8.49
N TRP A 56 11.86 -0.85 9.54
CA TRP A 56 11.89 -2.29 9.39
C TRP A 56 10.47 -2.80 9.34
N LYS A 57 9.61 -2.12 10.09
CA LYS A 57 8.20 -2.47 10.12
C LYS A 57 7.58 -2.10 8.78
N ARG A 58 7.61 -0.82 8.45
CA ARG A 58 7.09 -0.32 7.18
C ARG A 58 7.51 -1.25 6.05
N ASN A 59 8.78 -1.61 6.07
CA ASN A 59 9.34 -2.51 5.07
C ASN A 59 8.59 -3.84 5.09
N GLU A 60 8.74 -4.57 6.18
CA GLU A 60 8.08 -5.87 6.35
C GLU A 60 6.61 -5.79 5.94
N LEU A 61 5.95 -4.69 6.28
CA LEU A 61 4.54 -4.52 5.91
C LEU A 61 4.40 -4.53 4.41
N LYS A 62 4.99 -3.53 3.78
CA LYS A 62 4.97 -3.43 2.32
C LYS A 62 5.53 -4.70 1.70
N LYS A 63 6.34 -5.40 2.48
CA LYS A 63 6.98 -6.63 2.05
C LYS A 63 6.06 -7.85 2.23
N LYS A 64 5.22 -7.80 3.25
CA LYS A 64 4.29 -8.88 3.52
C LYS A 64 2.93 -8.54 2.92
N ALA A 65 2.74 -7.27 2.62
CA ALA A 65 1.51 -6.77 2.04
C ALA A 65 1.52 -6.94 0.52
N GLU A 66 2.59 -7.54 0.00
CA GLU A 66 2.73 -7.76 -1.44
C GLU A 66 2.99 -6.45 -2.17
N LEU A 67 3.40 -5.42 -1.44
CA LEU A 67 3.68 -4.12 -2.04
C LEU A 67 4.89 -3.41 -1.43
N PHE A 68 6.08 -3.96 -1.69
CA PHE A 68 7.32 -3.35 -1.22
C PHE A 68 8.31 -3.23 -2.37
N PRO A 1 -10.10 17.33 -1.09
CA PRO A 1 -9.43 16.74 -2.28
C PRO A 1 -8.24 15.87 -1.89
N GLY A 2 -7.95 14.87 -2.71
CA GLY A 2 -6.84 13.98 -2.43
C GLY A 2 -6.43 13.16 -3.64
N LEU A 3 -5.94 11.96 -3.38
CA LEU A 3 -5.49 11.08 -4.43
C LEU A 3 -6.51 9.98 -4.71
N GLN A 4 -6.37 9.32 -5.85
CA GLN A 4 -7.28 8.25 -6.23
C GLN A 4 -7.00 6.97 -5.44
N ILE A 5 -8.04 6.36 -4.91
CA ILE A 5 -7.92 5.13 -4.14
C ILE A 5 -8.47 3.95 -4.91
N TYR A 6 -7.59 3.02 -5.28
CA TYR A 6 -7.99 1.84 -6.04
C TYR A 6 -7.86 0.58 -5.18
N PRO A 7 -8.44 -0.55 -5.62
CA PRO A 7 -8.35 -1.82 -4.88
C PRO A 7 -6.93 -2.18 -4.52
N TYR A 8 -6.76 -3.21 -3.69
CA TYR A 8 -5.45 -3.64 -3.26
C TYR A 8 -4.82 -4.58 -4.28
N GLU A 9 -5.50 -5.69 -4.57
CA GLU A 9 -5.00 -6.67 -5.54
C GLU A 9 -4.63 -6.01 -6.86
N MET A 10 -5.27 -4.88 -7.15
CA MET A 10 -4.98 -4.14 -8.37
C MET A 10 -3.83 -3.17 -8.14
N LEU A 11 -3.64 -2.78 -6.88
CA LEU A 11 -2.58 -1.86 -6.51
C LEU A 11 -1.31 -2.59 -6.05
N VAL A 12 -1.34 -3.92 -6.11
CA VAL A 12 -0.19 -4.72 -5.70
C VAL A 12 0.99 -4.44 -6.62
N VAL A 13 2.19 -4.89 -6.22
CA VAL A 13 3.37 -4.60 -7.01
C VAL A 13 3.88 -5.78 -7.86
N THR A 14 4.36 -6.83 -7.20
CA THR A 14 4.90 -7.99 -7.92
C THR A 14 3.96 -9.19 -7.87
N ASN A 15 3.52 -9.52 -6.66
CA ASN A 15 2.65 -10.67 -6.44
C ASN A 15 1.53 -10.78 -7.49
N LYS A 16 1.15 -9.66 -8.09
CA LYS A 16 0.09 -9.67 -9.10
C LYS A 16 0.64 -9.37 -10.49
N GLY A 17 1.91 -9.69 -10.71
CA GLY A 17 2.53 -9.44 -12.01
C GLY A 17 3.59 -8.37 -11.96
N ARG A 18 3.20 -7.15 -12.28
CA ARG A 18 4.11 -6.03 -12.26
C ARG A 18 3.42 -4.82 -11.66
N THR A 19 3.91 -3.62 -11.93
CA THR A 19 3.28 -2.43 -11.39
C THR A 19 1.84 -2.31 -11.88
N LYS A 20 1.67 -2.18 -13.20
CA LYS A 20 0.34 -2.09 -13.80
C LYS A 20 -0.62 -1.23 -12.97
N LEU A 21 -0.06 -0.31 -12.19
CA LEU A 21 -0.84 0.55 -11.34
C LEU A 21 -1.84 1.40 -12.12
N PRO A 22 -3.03 1.61 -11.55
CA PRO A 22 -4.06 2.44 -12.16
C PRO A 22 -3.52 3.84 -12.45
N PRO A 23 -4.39 4.79 -12.84
CA PRO A 23 -3.95 6.16 -13.14
C PRO A 23 -3.57 6.94 -11.88
N GLY A 24 -2.26 7.17 -11.70
CA GLY A 24 -1.80 7.93 -10.56
C GLY A 24 -1.32 7.07 -9.40
N VAL A 25 -0.57 6.01 -9.69
CA VAL A 25 -0.05 5.13 -8.66
C VAL A 25 1.40 4.71 -8.93
N ASP A 26 2.24 4.86 -7.92
CA ASP A 26 3.65 4.50 -8.03
C ASP A 26 4.12 3.81 -6.76
N ARG A 27 5.07 2.88 -6.91
CA ARG A 27 5.60 2.14 -5.77
C ARG A 27 6.14 3.07 -4.69
N MET A 28 6.44 4.32 -5.07
CA MET A 28 6.97 5.29 -4.13
C MET A 28 6.10 5.39 -2.87
N ARG A 29 4.78 5.37 -3.05
CA ARG A 29 3.86 5.45 -1.93
C ARG A 29 2.61 4.63 -2.19
N LEU A 30 2.78 3.42 -2.70
CA LEU A 30 1.66 2.54 -2.99
C LEU A 30 0.84 2.27 -1.74
N GLU A 31 1.51 2.28 -0.58
CA GLU A 31 0.83 2.06 0.68
C GLU A 31 0.10 3.32 1.13
N ARG A 32 -0.06 4.28 0.22
CA ARG A 32 -0.76 5.51 0.52
C ARG A 32 -1.99 5.65 -0.36
N HIS A 33 -2.02 4.85 -1.42
CA HIS A 33 -3.12 4.85 -2.37
C HIS A 33 -4.18 3.84 -1.96
N LEU A 34 -3.94 3.16 -0.84
CA LEU A 34 -4.87 2.18 -0.33
C LEU A 34 -5.95 2.83 0.50
N SER A 35 -7.17 2.34 0.36
CA SER A 35 -8.31 2.88 1.10
C SER A 35 -8.22 2.51 2.57
N ALA A 36 -8.94 3.24 3.41
CA ALA A 36 -8.93 2.99 4.85
C ALA A 36 -9.16 1.51 5.13
N GLU A 37 -9.94 0.86 4.30
CA GLU A 37 -10.21 -0.57 4.46
C GLU A 37 -9.03 -1.37 3.95
N ASP A 38 -8.63 -1.07 2.72
CA ASP A 38 -7.51 -1.74 2.08
C ASP A 38 -6.27 -1.66 2.95
N PHE A 39 -5.94 -0.46 3.40
CA PHE A 39 -4.77 -0.25 4.24
C PHE A 39 -4.83 -1.10 5.50
N SER A 40 -5.80 -0.81 6.36
CA SER A 40 -5.95 -1.55 7.61
C SER A 40 -6.23 -3.03 7.37
N ARG A 41 -6.52 -3.40 6.12
CA ARG A 41 -6.80 -4.79 5.79
C ARG A 41 -5.52 -5.53 5.40
N VAL A 42 -4.65 -4.85 4.66
CA VAL A 42 -3.40 -5.44 4.22
C VAL A 42 -2.29 -5.23 5.25
N PHE A 43 -2.35 -4.11 5.96
CA PHE A 43 -1.35 -3.76 6.95
C PHE A 43 -1.83 -4.00 8.38
N ALA A 44 -3.10 -3.68 8.64
CA ALA A 44 -3.70 -3.84 9.97
C ALA A 44 -3.54 -2.60 10.85
N MET A 45 -2.84 -1.58 10.35
CA MET A 45 -2.65 -0.35 11.12
C MET A 45 -3.26 0.84 10.41
N SER A 46 -3.26 1.97 11.10
CA SER A 46 -3.80 3.21 10.56
C SER A 46 -2.83 3.86 9.59
N PRO A 47 -3.34 4.54 8.54
CA PRO A 47 -2.47 5.23 7.58
C PRO A 47 -1.47 6.14 8.28
N GLU A 48 -1.83 6.55 9.50
CA GLU A 48 -0.97 7.41 10.30
C GLU A 48 -0.05 6.57 11.20
N GLU A 49 -0.32 5.27 11.27
CA GLU A 49 0.49 4.38 12.09
C GLU A 49 1.75 3.98 11.32
N PHE A 50 1.56 3.58 10.05
CA PHE A 50 2.68 3.20 9.19
C PHE A 50 3.83 4.19 9.32
N GLY A 51 3.54 5.47 9.08
CA GLY A 51 4.56 6.50 9.17
C GLY A 51 5.18 6.58 10.56
N LYS A 52 4.43 6.12 11.56
CA LYS A 52 4.91 6.15 12.93
C LYS A 52 5.42 4.77 13.38
N LEU A 53 5.47 3.82 12.45
CA LEU A 53 5.94 2.49 12.76
C LEU A 53 7.47 2.46 12.76
N ALA A 54 8.05 1.38 12.25
CA ALA A 54 9.50 1.24 12.20
C ALA A 54 9.99 0.92 10.80
N LEU A 55 11.30 0.74 10.64
CA LEU A 55 11.88 0.42 9.34
C LEU A 55 11.74 -1.06 9.02
N TRP A 56 11.65 -1.87 10.07
CA TRP A 56 11.50 -3.29 9.92
C TRP A 56 10.03 -3.59 9.78
N LYS A 57 9.22 -2.78 10.44
CA LYS A 57 7.77 -2.92 10.38
C LYS A 57 7.28 -2.51 8.99
N ARG A 58 7.48 -1.23 8.65
CA ARG A 58 7.08 -0.72 7.35
C ARG A 58 7.48 -1.69 6.26
N ASN A 59 8.71 -2.18 6.37
CA ASN A 59 9.24 -3.13 5.41
C ASN A 59 8.36 -4.39 5.38
N GLU A 60 8.32 -5.10 6.50
CA GLU A 60 7.53 -6.31 6.63
C GLU A 60 6.10 -6.10 6.14
N LEU A 61 5.55 -4.92 6.40
CA LEU A 61 4.20 -4.60 5.97
C LEU A 61 4.14 -4.56 4.46
N LYS A 62 4.88 -3.63 3.89
CA LYS A 62 4.95 -3.49 2.43
C LYS A 62 5.47 -4.79 1.83
N LYS A 63 6.14 -5.58 2.66
CA LYS A 63 6.71 -6.85 2.23
C LYS A 63 5.69 -7.98 2.36
N LYS A 64 4.76 -7.84 3.29
CA LYS A 64 3.71 -8.82 3.51
C LYS A 64 2.46 -8.40 2.76
N ALA A 65 2.39 -7.10 2.47
CA ALA A 65 1.27 -6.51 1.75
C ALA A 65 1.41 -6.69 0.25
N GLU A 66 2.45 -7.43 -0.16
CA GLU A 66 2.70 -7.66 -1.58
C GLU A 66 3.06 -6.35 -2.28
N LEU A 67 3.44 -5.34 -1.51
CA LEU A 67 3.82 -4.04 -2.05
C LEU A 67 5.04 -3.44 -1.37
N PHE A 68 6.19 -4.10 -1.56
CA PHE A 68 7.44 -3.60 -1.00
C PHE A 68 8.49 -3.47 -2.09
N PRO A 1 -9.16 17.34 -2.30
CA PRO A 1 -7.72 17.44 -1.91
C PRO A 1 -7.15 16.09 -1.49
N GLY A 2 -7.30 15.09 -2.37
CA GLY A 2 -6.79 13.77 -2.08
C GLY A 2 -6.35 13.03 -3.31
N LEU A 3 -6.14 11.73 -3.17
CA LEU A 3 -5.72 10.89 -4.27
C LEU A 3 -6.74 9.81 -4.59
N GLN A 4 -6.61 9.20 -5.76
CA GLN A 4 -7.52 8.15 -6.19
C GLN A 4 -7.22 6.84 -5.48
N ILE A 5 -8.26 6.19 -4.98
CA ILE A 5 -8.11 4.92 -4.27
C ILE A 5 -8.69 3.76 -5.07
N TYR A 6 -7.92 2.67 -5.19
CA TYR A 6 -8.35 1.50 -5.93
C TYR A 6 -8.21 0.24 -5.08
N PRO A 7 -8.72 -0.91 -5.56
CA PRO A 7 -8.63 -2.17 -4.82
C PRO A 7 -7.20 -2.46 -4.38
N TYR A 8 -7.03 -3.47 -3.55
CA TYR A 8 -5.70 -3.83 -3.05
C TYR A 8 -4.97 -4.74 -4.05
N GLU A 9 -5.53 -5.91 -4.33
CA GLU A 9 -4.94 -6.87 -5.25
C GLU A 9 -4.41 -6.19 -6.52
N MET A 10 -5.25 -5.37 -7.14
CA MET A 10 -4.85 -4.66 -8.35
C MET A 10 -3.76 -3.65 -8.03
N LEU A 11 -3.76 -3.16 -6.80
CA LEU A 11 -2.79 -2.19 -6.34
C LEU A 11 -1.55 -2.86 -5.74
N VAL A 12 -1.45 -4.18 -5.86
CA VAL A 12 -0.30 -4.89 -5.33
C VAL A 12 0.95 -4.60 -6.15
N VAL A 13 2.13 -4.90 -5.60
CA VAL A 13 3.38 -4.59 -6.29
C VAL A 13 4.06 -5.79 -6.97
N THR A 14 4.51 -6.75 -6.17
CA THR A 14 5.23 -7.91 -6.72
C THR A 14 4.32 -9.09 -7.06
N ASN A 15 3.02 -8.94 -6.84
CA ASN A 15 2.09 -10.01 -7.13
C ASN A 15 1.27 -9.76 -8.39
N LYS A 16 1.44 -8.58 -8.97
CA LYS A 16 0.71 -8.22 -10.19
C LYS A 16 1.68 -7.97 -11.36
N GLY A 17 2.84 -8.62 -11.31
CA GLY A 17 3.83 -8.45 -12.36
C GLY A 17 4.99 -7.59 -11.92
N ARG A 18 4.87 -6.28 -12.11
CA ARG A 18 5.91 -5.34 -11.72
C ARG A 18 5.27 -4.17 -10.96
N THR A 19 4.28 -3.57 -11.60
CA THR A 19 3.54 -2.48 -10.99
C THR A 19 2.11 -2.47 -11.52
N LYS A 20 1.97 -2.37 -12.83
CA LYS A 20 0.66 -2.40 -13.48
C LYS A 20 -0.39 -1.58 -12.73
N LEU A 21 0.07 -0.61 -11.95
CA LEU A 21 -0.80 0.24 -11.17
C LEU A 21 -1.78 1.01 -12.05
N PRO A 22 -3.03 1.19 -11.58
CA PRO A 22 -4.03 1.96 -12.30
C PRO A 22 -3.51 3.36 -12.60
N PRO A 23 -4.36 4.25 -13.16
CA PRO A 23 -3.93 5.62 -13.49
C PRO A 23 -3.62 6.48 -12.26
N GLY A 24 -2.33 6.75 -12.04
CA GLY A 24 -1.92 7.60 -10.92
C GLY A 24 -1.47 6.83 -9.69
N VAL A 25 -0.68 5.78 -9.88
CA VAL A 25 -0.19 4.99 -8.76
C VAL A 25 1.28 4.58 -8.95
N ASP A 26 2.07 4.83 -7.91
CA ASP A 26 3.49 4.51 -7.94
C ASP A 26 3.93 3.90 -6.61
N ARG A 27 4.91 3.01 -6.66
CA ARG A 27 5.41 2.35 -5.45
C ARG A 27 5.85 3.36 -4.40
N MET A 28 6.12 4.60 -4.83
CA MET A 28 6.55 5.65 -3.92
C MET A 28 5.65 5.72 -2.68
N ARG A 29 4.35 5.58 -2.88
CA ARG A 29 3.39 5.63 -1.78
C ARG A 29 2.19 4.73 -2.04
N LEU A 30 2.47 3.53 -2.57
CA LEU A 30 1.40 2.59 -2.86
C LEU A 30 0.59 2.27 -1.62
N GLU A 31 1.28 2.15 -0.48
CA GLU A 31 0.61 1.89 0.78
C GLU A 31 -0.23 3.08 1.22
N ARG A 32 -0.35 4.10 0.35
CA ARG A 32 -1.12 5.27 0.66
C ARG A 32 -2.30 5.40 -0.30
N HIS A 33 -2.25 4.58 -1.35
CA HIS A 33 -3.29 4.56 -2.36
C HIS A 33 -4.38 3.57 -1.99
N LEU A 34 -4.18 2.88 -0.87
CA LEU A 34 -5.13 1.89 -0.39
C LEU A 34 -6.23 2.56 0.42
N SER A 35 -7.44 2.05 0.25
CA SER A 35 -8.59 2.59 0.97
C SER A 35 -8.51 2.25 2.45
N ALA A 36 -9.18 3.04 3.28
CA ALA A 36 -9.18 2.82 4.72
C ALA A 36 -9.45 1.35 5.05
N GLU A 37 -10.21 0.70 4.18
CA GLU A 37 -10.53 -0.71 4.37
C GLU A 37 -9.34 -1.55 3.92
N ASP A 38 -8.87 -1.25 2.72
CA ASP A 38 -7.73 -1.96 2.15
C ASP A 38 -6.53 -1.89 3.08
N PHE A 39 -6.14 -0.68 3.46
CA PHE A 39 -4.99 -0.49 4.35
C PHE A 39 -5.16 -1.30 5.64
N SER A 40 -6.22 -1.00 6.39
CA SER A 40 -6.49 -1.69 7.64
C SER A 40 -6.70 -3.18 7.41
N ARG A 41 -6.92 -3.58 6.16
CA ARG A 41 -7.14 -4.98 5.84
C ARG A 41 -5.83 -5.69 5.49
N VAL A 42 -4.90 -4.95 4.89
CA VAL A 42 -3.61 -5.52 4.49
C VAL A 42 -2.56 -5.33 5.58
N PHE A 43 -2.59 -4.16 6.23
CA PHE A 43 -1.61 -3.85 7.28
C PHE A 43 -2.23 -3.96 8.68
N ALA A 44 -3.50 -3.60 8.81
CA ALA A 44 -4.20 -3.65 10.10
C ALA A 44 -3.77 -2.49 10.99
N MET A 45 -3.18 -1.47 10.38
CA MET A 45 -2.72 -0.28 11.09
C MET A 45 -3.19 0.98 10.38
N SER A 46 -3.17 2.08 11.11
CA SER A 46 -3.63 3.36 10.58
C SER A 46 -2.65 3.92 9.56
N PRO A 47 -3.17 4.48 8.44
CA PRO A 47 -2.31 5.07 7.41
C PRO A 47 -1.26 5.98 8.02
N GLU A 48 -1.60 6.57 9.17
CA GLU A 48 -0.69 7.44 9.89
C GLU A 48 0.31 6.61 10.67
N GLU A 49 -0.15 5.45 11.16
CA GLU A 49 0.70 4.54 11.92
C GLU A 49 1.95 4.19 11.11
N PHE A 50 1.75 3.72 9.87
CA PHE A 50 2.86 3.36 8.97
C PHE A 50 3.97 4.40 9.03
N GLY A 51 3.68 5.61 8.59
CA GLY A 51 4.67 6.68 8.59
C GLY A 51 5.31 6.86 9.95
N LYS A 52 4.61 6.45 11.01
CA LYS A 52 5.14 6.58 12.36
C LYS A 52 5.73 5.26 12.86
N LEU A 53 5.73 4.24 12.01
CA LEU A 53 6.27 2.95 12.38
C LEU A 53 7.80 2.96 12.26
N ALA A 54 8.37 1.86 11.78
CA ALA A 54 9.82 1.75 11.62
C ALA A 54 10.18 1.33 10.20
N LEU A 55 11.46 1.40 9.89
CA LEU A 55 11.96 1.02 8.57
C LEU A 55 11.89 -0.48 8.34
N TRP A 56 11.96 -1.24 9.43
CA TRP A 56 11.88 -2.68 9.35
C TRP A 56 10.44 -3.08 9.34
N LYS A 57 9.62 -2.32 10.06
CA LYS A 57 8.19 -2.56 10.12
C LYS A 57 7.57 -2.21 8.77
N ARG A 58 7.67 -0.94 8.38
CA ARG A 58 7.14 -0.49 7.10
C ARG A 58 7.50 -1.48 6.01
N ASN A 59 8.75 -1.93 6.06
CA ASN A 59 9.25 -2.91 5.09
C ASN A 59 8.42 -4.18 5.19
N GLU A 60 8.52 -4.86 6.33
CA GLU A 60 7.78 -6.09 6.58
C GLU A 60 6.31 -5.94 6.21
N LEU A 61 5.73 -4.78 6.48
CA LEU A 61 4.34 -4.53 6.14
C LEU A 61 4.14 -4.58 4.65
N LYS A 62 4.80 -3.66 3.96
CA LYS A 62 4.74 -3.62 2.51
C LYS A 62 5.22 -4.95 1.94
N LYS A 63 6.01 -5.66 2.73
CA LYS A 63 6.56 -6.96 2.34
C LYS A 63 5.57 -8.08 2.65
N LYS A 64 4.73 -7.86 3.65
CA LYS A 64 3.72 -8.83 4.04
C LYS A 64 2.41 -8.49 3.35
N ALA A 65 2.31 -7.24 2.90
CA ALA A 65 1.14 -6.74 2.21
C ALA A 65 1.24 -7.03 0.72
N GLU A 66 2.26 -7.79 0.32
CA GLU A 66 2.47 -8.12 -1.08
C GLU A 66 2.82 -6.88 -1.90
N LEU A 67 3.08 -5.77 -1.21
CA LEU A 67 3.42 -4.52 -1.89
C LEU A 67 4.74 -3.91 -1.43
N PHE A 68 5.84 -4.63 -1.70
CA PHE A 68 7.17 -4.15 -1.37
C PHE A 68 8.17 -4.58 -2.44
N PRO A 1 -8.84 16.69 -2.89
CA PRO A 1 -8.51 16.68 -1.44
C PRO A 1 -7.20 15.94 -1.17
N GLY A 2 -7.05 14.76 -1.77
CA GLY A 2 -5.85 13.97 -1.57
C GLY A 2 -5.41 13.26 -2.83
N LEU A 3 -5.27 11.95 -2.73
CA LEU A 3 -4.85 11.14 -3.86
C LEU A 3 -5.93 10.13 -4.24
N GLN A 4 -5.81 9.56 -5.44
CA GLN A 4 -6.79 8.59 -5.92
C GLN A 4 -6.58 7.23 -5.25
N ILE A 5 -7.65 6.72 -4.65
CA ILE A 5 -7.60 5.42 -3.97
C ILE A 5 -8.20 4.33 -4.85
N TYR A 6 -7.41 3.27 -5.09
CA TYR A 6 -7.87 2.16 -5.92
C TYR A 6 -7.83 0.85 -5.14
N PRO A 7 -8.31 -0.26 -5.74
CA PRO A 7 -8.32 -1.57 -5.10
C PRO A 7 -6.92 -1.99 -4.67
N TYR A 8 -6.84 -3.04 -3.86
CA TYR A 8 -5.56 -3.54 -3.38
C TYR A 8 -4.91 -4.48 -4.40
N GLU A 9 -5.62 -5.56 -4.74
CA GLU A 9 -5.12 -6.54 -5.70
C GLU A 9 -4.58 -5.85 -6.95
N MET A 10 -5.13 -4.68 -7.27
CA MET A 10 -4.68 -3.92 -8.43
C MET A 10 -3.52 -3.01 -8.04
N LEU A 11 -3.53 -2.57 -6.79
CA LEU A 11 -2.50 -1.69 -6.26
C LEU A 11 -1.27 -2.48 -5.79
N VAL A 12 -1.37 -3.80 -5.79
CA VAL A 12 -0.26 -4.66 -5.36
C VAL A 12 0.97 -4.41 -6.23
N VAL A 13 2.12 -4.93 -5.82
CA VAL A 13 3.36 -4.68 -6.57
C VAL A 13 3.81 -5.86 -7.45
N THR A 14 4.21 -6.95 -6.83
CA THR A 14 4.71 -8.11 -7.57
C THR A 14 3.70 -9.26 -7.60
N ASN A 15 3.39 -9.78 -6.42
CA ASN A 15 2.47 -10.92 -6.26
C ASN A 15 1.35 -10.94 -7.29
N LYS A 16 0.87 -9.78 -7.72
CA LYS A 16 -0.21 -9.71 -8.69
C LYS A 16 0.29 -9.47 -10.11
N GLY A 17 1.52 -9.89 -10.38
CA GLY A 17 2.10 -9.71 -11.70
C GLY A 17 3.23 -8.70 -11.71
N ARG A 18 2.88 -7.43 -11.91
CA ARG A 18 3.86 -6.38 -11.94
C ARG A 18 3.24 -5.11 -11.35
N THR A 19 3.74 -3.94 -11.74
CA THR A 19 3.19 -2.71 -11.21
C THR A 19 1.75 -2.52 -11.67
N LYS A 20 1.56 -2.43 -12.99
CA LYS A 20 0.21 -2.29 -13.57
C LYS A 20 -0.69 -1.37 -12.76
N LEU A 21 -0.10 -0.47 -12.00
CA LEU A 21 -0.84 0.46 -11.17
C LEU A 21 -1.78 1.34 -12.00
N PRO A 22 -2.97 1.62 -11.47
CA PRO A 22 -3.93 2.50 -12.13
C PRO A 22 -3.30 3.87 -12.37
N PRO A 23 -4.07 4.86 -12.85
CA PRO A 23 -3.53 6.19 -13.11
C PRO A 23 -3.25 6.98 -11.82
N GLY A 24 -1.97 7.14 -11.49
CA GLY A 24 -1.61 7.89 -10.29
C GLY A 24 -1.09 7.02 -9.15
N VAL A 25 -0.22 6.06 -9.45
CA VAL A 25 0.34 5.20 -8.42
C VAL A 25 1.83 4.93 -8.65
N ASP A 26 2.58 4.94 -7.55
CA ASP A 26 4.01 4.70 -7.60
C ASP A 26 4.44 3.87 -6.39
N ARG A 27 5.42 2.98 -6.58
CA ARG A 27 5.91 2.13 -5.51
C ARG A 27 6.34 2.94 -4.29
N MET A 28 6.64 4.22 -4.50
CA MET A 28 7.07 5.09 -3.42
C MET A 28 6.00 5.24 -2.35
N ARG A 29 4.75 5.38 -2.77
CA ARG A 29 3.63 5.54 -1.84
C ARG A 29 2.47 4.62 -2.19
N LEU A 30 2.77 3.39 -2.56
CA LEU A 30 1.74 2.43 -2.93
C LEU A 30 0.85 2.13 -1.72
N GLU A 31 1.45 1.95 -0.55
CA GLU A 31 0.69 1.68 0.67
C GLU A 31 -0.03 2.94 1.14
N ARG A 32 -0.13 3.95 0.28
CA ARG A 32 -0.81 5.19 0.62
C ARG A 32 -1.99 5.40 -0.30
N HIS A 33 -2.01 4.63 -1.39
CA HIS A 33 -3.06 4.70 -2.37
C HIS A 33 -4.19 3.72 -2.03
N LEU A 34 -4.01 2.98 -0.93
CA LEU A 34 -5.00 2.02 -0.49
C LEU A 34 -6.07 2.69 0.35
N SER A 35 -7.30 2.20 0.24
CA SER A 35 -8.41 2.74 1.00
C SER A 35 -8.40 2.20 2.42
N ALA A 36 -9.12 2.88 3.31
CA ALA A 36 -9.20 2.45 4.70
C ALA A 36 -9.49 0.96 4.81
N GLU A 37 -10.21 0.44 3.83
CA GLU A 37 -10.54 -0.98 3.80
C GLU A 37 -9.33 -1.80 3.36
N ASP A 38 -8.81 -1.47 2.18
CA ASP A 38 -7.65 -2.15 1.64
C ASP A 38 -6.47 -2.09 2.62
N PHE A 39 -6.20 -0.90 3.15
CA PHE A 39 -5.10 -0.72 4.08
C PHE A 39 -5.28 -1.58 5.33
N SER A 40 -6.30 -1.26 6.12
CA SER A 40 -6.57 -1.99 7.35
C SER A 40 -6.78 -3.48 7.09
N ARG A 41 -7.05 -3.84 5.84
CA ARG A 41 -7.26 -5.23 5.47
C ARG A 41 -5.95 -5.93 5.15
N VAL A 42 -4.98 -5.17 4.64
CA VAL A 42 -3.68 -5.72 4.27
C VAL A 42 -2.66 -5.53 5.39
N PHE A 43 -2.63 -4.34 5.98
CA PHE A 43 -1.66 -4.03 7.03
C PHE A 43 -2.28 -4.20 8.43
N ALA A 44 -3.58 -3.91 8.54
CA ALA A 44 -4.27 -4.03 9.83
C ALA A 44 -3.94 -2.85 10.75
N MET A 45 -3.35 -1.81 10.17
CA MET A 45 -2.96 -0.61 10.91
C MET A 45 -3.48 0.64 10.20
N SER A 46 -3.50 1.73 10.94
CA SER A 46 -4.00 2.99 10.43
C SER A 46 -3.04 3.61 9.42
N PRO A 47 -3.57 4.19 8.33
CA PRO A 47 -2.74 4.84 7.31
C PRO A 47 -1.72 5.77 7.96
N GLU A 48 -2.09 6.31 9.12
CA GLU A 48 -1.22 7.20 9.86
C GLU A 48 -0.20 6.36 10.63
N GLU A 49 -0.61 5.17 11.07
CA GLU A 49 0.26 4.27 11.81
C GLU A 49 1.54 4.02 11.01
N PHE A 50 1.38 3.61 9.75
CA PHE A 50 2.52 3.33 8.86
C PHE A 50 3.57 4.45 8.96
N GLY A 51 3.19 5.65 8.54
CA GLY A 51 4.10 6.77 8.59
C GLY A 51 4.71 6.97 9.97
N LYS A 52 4.03 6.47 11.00
CA LYS A 52 4.51 6.60 12.37
C LYS A 52 5.24 5.33 12.82
N LEU A 53 5.33 4.35 11.93
CA LEU A 53 5.99 3.10 12.24
C LEU A 53 7.51 3.27 12.10
N ALA A 54 8.19 2.21 11.68
CA ALA A 54 9.64 2.24 11.50
C ALA A 54 10.04 1.78 10.11
N LEU A 55 11.31 1.99 9.76
CA LEU A 55 11.82 1.60 8.46
C LEU A 55 11.82 0.08 8.28
N TRP A 56 11.93 -0.64 9.38
CA TRP A 56 11.91 -2.09 9.34
C TRP A 56 10.47 -2.55 9.36
N LYS A 57 9.65 -1.78 10.07
CA LYS A 57 8.23 -2.07 10.16
C LYS A 57 7.56 -1.80 8.82
N ARG A 58 7.64 -0.55 8.37
CA ARG A 58 7.06 -0.15 7.09
C ARG A 58 7.46 -1.14 6.01
N ASN A 59 8.73 -1.54 6.04
CA ASN A 59 9.25 -2.51 5.08
C ASN A 59 8.49 -3.83 5.20
N GLU A 60 8.66 -4.50 6.34
CA GLU A 60 8.01 -5.78 6.61
C GLU A 60 6.55 -5.76 6.17
N LEU A 61 5.85 -4.66 6.47
CA LEU A 61 4.44 -4.54 6.09
C LEU A 61 4.32 -4.62 4.59
N LYS A 62 4.90 -3.65 3.90
CA LYS A 62 4.90 -3.62 2.45
C LYS A 62 5.49 -4.92 1.92
N LYS A 63 6.30 -5.57 2.76
CA LYS A 63 6.97 -6.81 2.40
C LYS A 63 6.04 -8.01 2.58
N LYS A 64 5.16 -7.94 3.58
CA LYS A 64 4.20 -9.02 3.84
C LYS A 64 2.86 -8.71 3.20
N ALA A 65 2.65 -7.44 2.91
CA ALA A 65 1.42 -6.96 2.30
C ALA A 65 1.45 -7.19 0.79
N GLU A 66 2.50 -7.84 0.29
CA GLU A 66 2.64 -8.11 -1.12
C GLU A 66 2.91 -6.83 -1.91
N LEU A 67 3.31 -5.78 -1.22
CA LEU A 67 3.59 -4.49 -1.88
C LEU A 67 4.81 -3.78 -1.30
N PHE A 68 5.99 -4.38 -1.50
CA PHE A 68 7.23 -3.79 -1.03
C PHE A 68 8.18 -3.56 -2.21
N PRO A 1 -9.51 16.28 -0.45
CA PRO A 1 -9.02 15.90 -1.80
C PRO A 1 -7.50 15.70 -1.80
N GLY A 2 -7.07 14.44 -1.81
CA GLY A 2 -5.65 14.15 -1.82
C GLY A 2 -5.23 13.38 -3.05
N LEU A 3 -5.10 12.06 -2.89
CA LEU A 3 -4.69 11.21 -3.98
C LEU A 3 -5.78 10.19 -4.30
N GLN A 4 -5.67 9.56 -5.47
CA GLN A 4 -6.66 8.56 -5.90
C GLN A 4 -6.45 7.24 -5.17
N ILE A 5 -7.55 6.59 -4.81
CA ILE A 5 -7.49 5.33 -4.10
C ILE A 5 -8.25 4.23 -4.84
N TYR A 6 -7.56 3.13 -5.13
CA TYR A 6 -8.15 2.00 -5.84
C TYR A 6 -8.00 0.72 -5.03
N PRO A 7 -8.61 -0.40 -5.48
CA PRO A 7 -8.51 -1.68 -4.77
C PRO A 7 -7.07 -2.03 -4.41
N TYR A 8 -6.89 -3.08 -3.62
CA TYR A 8 -5.56 -3.49 -3.21
C TYR A 8 -4.92 -4.40 -4.27
N GLU A 9 -5.57 -5.52 -4.56
CA GLU A 9 -5.05 -6.47 -5.56
C GLU A 9 -4.55 -5.75 -6.81
N MET A 10 -5.38 -4.87 -7.37
CA MET A 10 -5.00 -4.13 -8.55
C MET A 10 -3.82 -3.21 -8.25
N LEU A 11 -3.70 -2.84 -6.98
CA LEU A 11 -2.63 -1.96 -6.53
C LEU A 11 -1.40 -2.74 -6.09
N VAL A 12 -1.46 -4.07 -6.14
CA VAL A 12 -0.32 -4.89 -5.72
C VAL A 12 0.88 -4.60 -6.59
N VAL A 13 2.07 -5.02 -6.17
CA VAL A 13 3.29 -4.71 -6.94
C VAL A 13 3.81 -5.89 -7.76
N THR A 14 4.29 -6.94 -7.10
CA THR A 14 4.84 -8.10 -7.80
C THR A 14 3.89 -9.30 -7.76
N ASN A 15 3.45 -9.63 -6.56
CA ASN A 15 2.57 -10.78 -6.33
C ASN A 15 1.48 -10.91 -7.40
N LYS A 16 1.09 -9.81 -8.02
CA LYS A 16 0.05 -9.85 -9.05
C LYS A 16 0.59 -9.47 -10.43
N GLY A 17 1.88 -9.72 -10.65
CA GLY A 17 2.50 -9.40 -11.92
C GLY A 17 3.57 -8.33 -11.79
N ARG A 18 3.23 -7.10 -12.15
CA ARG A 18 4.16 -5.99 -12.05
C ARG A 18 3.42 -4.76 -11.52
N THR A 19 3.83 -3.57 -11.93
CA THR A 19 3.18 -2.37 -11.46
C THR A 19 1.69 -2.34 -11.84
N LYS A 20 1.39 -2.28 -13.13
CA LYS A 20 0.00 -2.26 -13.58
C LYS A 20 -0.87 -1.31 -12.76
N LEU A 21 -0.23 -0.37 -12.07
CA LEU A 21 -0.94 0.58 -11.24
C LEU A 21 -1.91 1.45 -12.03
N PRO A 22 -3.12 1.65 -11.49
CA PRO A 22 -4.12 2.51 -12.11
C PRO A 22 -3.57 3.92 -12.31
N PRO A 23 -4.39 4.89 -12.76
CA PRO A 23 -3.93 6.25 -12.98
C PRO A 23 -3.59 7.00 -11.69
N GLY A 24 -2.31 7.22 -11.44
CA GLY A 24 -1.88 7.94 -10.24
C GLY A 24 -1.37 7.05 -9.13
N VAL A 25 -0.55 6.06 -9.48
CA VAL A 25 0.02 5.15 -8.47
C VAL A 25 1.47 4.83 -8.77
N ASP A 26 2.30 4.92 -7.73
CA ASP A 26 3.73 4.63 -7.85
C ASP A 26 4.23 3.93 -6.61
N ARG A 27 5.17 3.01 -6.79
CA ARG A 27 5.75 2.26 -5.68
C ARG A 27 6.23 3.18 -4.56
N MET A 28 6.52 4.43 -4.91
CA MET A 28 6.99 5.40 -3.93
C MET A 28 6.10 5.44 -2.69
N ARG A 29 4.78 5.39 -2.91
CA ARG A 29 3.82 5.42 -1.80
C ARG A 29 2.58 4.61 -2.13
N LEU A 30 2.76 3.36 -2.54
CA LEU A 30 1.65 2.49 -2.88
C LEU A 30 0.82 2.18 -1.64
N GLU A 31 1.47 2.14 -0.48
CA GLU A 31 0.78 1.87 0.77
C GLU A 31 0.01 3.10 1.25
N ARG A 32 -0.10 4.12 0.39
CA ARG A 32 -0.81 5.33 0.73
C ARG A 32 -2.00 5.53 -0.22
N HIS A 33 -1.98 4.77 -1.31
CA HIS A 33 -3.02 4.83 -2.30
C HIS A 33 -4.16 3.84 -1.98
N LEU A 34 -3.98 3.08 -0.91
CA LEU A 34 -4.96 2.10 -0.49
C LEU A 34 -6.05 2.73 0.35
N SER A 35 -7.28 2.27 0.15
CA SER A 35 -8.43 2.79 0.89
C SER A 35 -8.38 2.35 2.34
N ALA A 36 -9.04 3.09 3.21
CA ALA A 36 -9.08 2.77 4.63
C ALA A 36 -9.40 1.30 4.85
N GLU A 37 -10.15 0.72 3.92
CA GLU A 37 -10.51 -0.70 4.00
C GLU A 37 -9.33 -1.54 3.53
N ASP A 38 -8.82 -1.20 2.35
CA ASP A 38 -7.69 -1.90 1.77
C ASP A 38 -6.50 -1.87 2.72
N PHE A 39 -6.12 -0.68 3.17
CA PHE A 39 -5.00 -0.53 4.07
C PHE A 39 -5.19 -1.36 5.34
N SER A 40 -6.27 -1.08 6.06
CA SER A 40 -6.57 -1.80 7.29
C SER A 40 -6.77 -3.30 7.03
N ARG A 41 -6.95 -3.67 5.76
CA ARG A 41 -7.16 -5.06 5.40
C ARG A 41 -5.85 -5.75 5.04
N VAL A 42 -4.90 -4.99 4.50
CA VAL A 42 -3.61 -5.55 4.11
C VAL A 42 -2.57 -5.38 5.23
N PHE A 43 -2.64 -4.25 5.93
CA PHE A 43 -1.69 -3.98 7.00
C PHE A 43 -2.33 -4.15 8.38
N ALA A 44 -3.61 -3.81 8.49
CA ALA A 44 -4.33 -3.92 9.76
C ALA A 44 -3.96 -2.77 10.70
N MET A 45 -3.35 -1.73 10.13
CA MET A 45 -2.93 -0.56 10.89
C MET A 45 -3.38 0.71 10.19
N SER A 46 -3.38 1.80 10.95
CA SER A 46 -3.82 3.09 10.43
C SER A 46 -2.81 3.67 9.45
N PRO A 47 -3.29 4.30 8.35
CA PRO A 47 -2.40 4.92 7.37
C PRO A 47 -1.39 5.82 8.06
N GLU A 48 -1.79 6.34 9.22
CA GLU A 48 -0.92 7.19 10.02
C GLU A 48 0.05 6.33 10.82
N GLU A 49 -0.41 5.14 11.20
CA GLU A 49 0.43 4.21 11.96
C GLU A 49 1.73 3.92 11.19
N PHE A 50 1.59 3.51 9.93
CA PHE A 50 2.74 3.22 9.06
C PHE A 50 3.83 4.28 9.21
N GLY A 51 3.52 5.51 8.80
CA GLY A 51 4.48 6.59 8.89
C GLY A 51 5.09 6.73 10.28
N LYS A 52 4.36 6.24 11.29
CA LYS A 52 4.83 6.32 12.67
C LYS A 52 5.45 5.00 13.13
N LEU A 53 5.50 4.02 12.23
CA LEU A 53 6.08 2.73 12.54
C LEU A 53 7.61 2.79 12.46
N ALA A 54 8.23 1.71 12.04
CA ALA A 54 9.68 1.64 11.91
C ALA A 54 10.11 1.19 10.52
N LEU A 55 11.36 1.45 10.19
CA LEU A 55 11.90 1.07 8.88
C LEU A 55 11.82 -0.43 8.63
N TRP A 56 11.88 -1.21 9.70
CA TRP A 56 11.79 -2.64 9.60
C TRP A 56 10.32 -3.03 9.58
N LYS A 57 9.54 -2.25 10.30
CA LYS A 57 8.10 -2.46 10.34
C LYS A 57 7.51 -2.14 8.98
N ARG A 58 7.67 -0.87 8.56
CA ARG A 58 7.20 -0.42 7.26
C ARG A 58 7.56 -1.43 6.19
N ASN A 59 8.80 -1.90 6.24
CA ASN A 59 9.28 -2.88 5.28
C ASN A 59 8.42 -4.15 5.33
N GLU A 60 8.52 -4.88 6.45
CA GLU A 60 7.75 -6.11 6.64
C GLU A 60 6.30 -5.95 6.18
N LEU A 61 5.71 -4.79 6.45
CA LEU A 61 4.33 -4.53 6.04
C LEU A 61 4.23 -4.56 4.53
N LYS A 62 4.90 -3.62 3.90
CA LYS A 62 4.93 -3.54 2.44
C LYS A 62 5.45 -4.85 1.87
N LYS A 63 6.19 -5.58 2.70
CA LYS A 63 6.77 -6.86 2.30
C LYS A 63 5.77 -8.00 2.48
N LYS A 64 4.87 -7.84 3.44
CA LYS A 64 3.84 -8.84 3.71
C LYS A 64 2.55 -8.47 2.99
N ALA A 65 2.43 -7.18 2.69
CA ALA A 65 1.27 -6.64 2.01
C ALA A 65 1.36 -6.83 0.51
N GLU A 66 2.41 -7.52 0.05
CA GLU A 66 2.60 -7.76 -1.37
C GLU A 66 2.93 -6.47 -2.11
N LEU A 67 3.39 -5.45 -1.36
CA LEU A 67 3.73 -4.17 -1.95
C LEU A 67 4.96 -3.52 -1.32
N PHE A 68 6.11 -4.16 -1.52
CA PHE A 68 7.38 -3.63 -1.00
C PHE A 68 8.40 -3.53 -2.13
N PRO A 1 -8.91 15.97 -2.95
CA PRO A 1 -8.50 15.67 -1.54
C PRO A 1 -7.44 14.56 -1.49
N GLY A 2 -6.35 14.75 -2.23
CA GLY A 2 -5.29 13.76 -2.26
C GLY A 2 -5.23 13.00 -3.57
N LEU A 3 -5.14 11.68 -3.45
CA LEU A 3 -5.06 10.83 -4.63
C LEU A 3 -6.25 9.86 -4.68
N GLN A 4 -6.47 9.28 -5.85
CA GLN A 4 -7.57 8.32 -6.03
C GLN A 4 -7.24 6.97 -5.41
N ILE A 5 -8.23 6.41 -4.71
CA ILE A 5 -8.06 5.13 -4.04
C ILE A 5 -8.60 3.99 -4.91
N TYR A 6 -8.00 2.81 -4.79
CA TYR A 6 -8.42 1.65 -5.56
C TYR A 6 -8.23 0.37 -4.76
N PRO A 7 -8.59 -0.79 -5.34
CA PRO A 7 -8.43 -2.08 -4.67
C PRO A 7 -6.99 -2.29 -4.21
N TYR A 8 -6.74 -3.35 -3.46
CA TYR A 8 -5.39 -3.63 -2.97
C TYR A 8 -4.56 -4.38 -4.02
N GLU A 9 -4.99 -5.60 -4.35
CA GLU A 9 -4.29 -6.43 -5.33
C GLU A 9 -3.96 -5.64 -6.59
N MET A 10 -4.75 -4.60 -6.87
CA MET A 10 -4.53 -3.78 -8.05
C MET A 10 -3.31 -2.86 -7.89
N LEU A 11 -2.96 -2.55 -6.64
CA LEU A 11 -1.82 -1.67 -6.37
C LEU A 11 -0.61 -2.47 -5.88
N VAL A 12 -0.69 -3.79 -5.92
CA VAL A 12 0.43 -4.62 -5.47
C VAL A 12 1.68 -4.25 -6.26
N VAL A 13 2.84 -4.58 -5.71
CA VAL A 13 4.09 -4.24 -6.39
C VAL A 13 4.63 -5.36 -7.27
N THR A 14 5.04 -6.47 -6.67
CA THR A 14 5.60 -7.58 -7.44
C THR A 14 4.64 -8.77 -7.58
N ASN A 15 4.09 -9.20 -6.45
CA ASN A 15 3.19 -10.35 -6.42
C ASN A 15 2.09 -10.29 -7.48
N LYS A 16 1.53 -9.11 -7.70
CA LYS A 16 0.45 -8.97 -8.68
C LYS A 16 0.82 -8.05 -9.84
N GLY A 17 2.11 -7.95 -10.14
CA GLY A 17 2.55 -7.10 -11.23
C GLY A 17 3.80 -6.30 -10.92
N ARG A 18 3.80 -5.05 -11.37
CA ARG A 18 4.94 -4.17 -11.16
C ARG A 18 4.48 -2.72 -10.97
N THR A 19 3.94 -2.14 -12.05
CA THR A 19 3.47 -0.76 -12.03
C THR A 19 2.17 -0.63 -12.81
N LYS A 20 1.56 -1.77 -13.06
CA LYS A 20 0.33 -1.85 -13.83
C LYS A 20 -0.92 -1.50 -13.02
N LEU A 21 -0.74 -0.87 -11.86
CA LEU A 21 -1.89 -0.50 -11.03
C LEU A 21 -2.82 0.42 -11.82
N PRO A 22 -4.01 0.66 -11.28
CA PRO A 22 -5.00 1.56 -11.90
C PRO A 22 -4.40 2.94 -12.14
N PRO A 23 -5.22 3.93 -12.52
CA PRO A 23 -4.75 5.30 -12.78
C PRO A 23 -4.46 6.05 -11.48
N GLY A 24 -3.20 6.43 -11.27
CA GLY A 24 -2.83 7.17 -10.08
C GLY A 24 -2.24 6.29 -8.99
N VAL A 25 -1.45 5.30 -9.40
CA VAL A 25 -0.82 4.37 -8.47
C VAL A 25 0.61 4.07 -8.90
N ASP A 26 1.54 4.26 -7.97
CA ASP A 26 2.95 4.01 -8.23
C ASP A 26 3.65 3.44 -7.00
N ARG A 27 4.66 2.61 -7.24
CA ARG A 27 5.41 1.98 -6.15
C ARG A 27 5.87 3.02 -5.12
N MET A 28 6.00 4.27 -5.56
CA MET A 28 6.43 5.35 -4.68
C MET A 28 5.56 5.43 -3.43
N ARG A 29 4.26 5.21 -3.60
CA ARG A 29 3.32 5.28 -2.48
C ARG A 29 2.13 4.34 -2.70
N LEU A 30 2.41 3.07 -2.97
CA LEU A 30 1.36 2.09 -3.19
C LEU A 30 0.58 1.82 -1.90
N GLU A 31 1.28 1.92 -0.77
CA GLU A 31 0.66 1.71 0.53
C GLU A 31 -0.14 2.95 0.97
N ARG A 32 -0.28 3.91 0.06
CA ARG A 32 -1.02 5.12 0.36
C ARG A 32 -2.22 5.24 -0.58
N HIS A 33 -2.22 4.40 -1.60
CA HIS A 33 -3.28 4.38 -2.59
C HIS A 33 -4.38 3.40 -2.18
N LEU A 34 -4.15 2.70 -1.06
CA LEU A 34 -5.10 1.74 -0.54
C LEU A 34 -6.16 2.43 0.31
N SER A 35 -7.38 1.92 0.25
CA SER A 35 -8.47 2.49 1.03
C SER A 35 -8.40 2.01 2.48
N ALA A 36 -9.09 2.74 3.36
CA ALA A 36 -9.10 2.39 4.78
C ALA A 36 -9.40 0.90 4.97
N GLU A 37 -10.15 0.34 4.03
CA GLU A 37 -10.47 -1.08 4.10
C GLU A 37 -9.28 -1.89 3.62
N ASP A 38 -8.79 -1.54 2.44
CA ASP A 38 -7.65 -2.22 1.84
C ASP A 38 -6.44 -2.14 2.78
N PHE A 39 -6.08 -0.91 3.17
CA PHE A 39 -4.95 -0.71 4.07
C PHE A 39 -5.13 -1.49 5.36
N SER A 40 -6.25 -1.25 6.03
CA SER A 40 -6.55 -1.91 7.29
C SER A 40 -6.71 -3.43 7.09
N ARG A 41 -6.86 -3.86 5.84
CA ARG A 41 -7.03 -5.27 5.53
C ARG A 41 -5.69 -5.94 5.22
N VAL A 42 -4.79 -5.19 4.58
CA VAL A 42 -3.48 -5.73 4.23
C VAL A 42 -2.46 -5.48 5.34
N PHE A 43 -2.57 -4.35 6.02
CA PHE A 43 -1.64 -4.01 7.09
C PHE A 43 -2.29 -4.12 8.46
N ALA A 44 -3.57 -3.78 8.56
CA ALA A 44 -4.29 -3.85 9.83
C ALA A 44 -3.93 -2.67 10.73
N MET A 45 -3.33 -1.64 10.13
CA MET A 45 -2.92 -0.45 10.85
C MET A 45 -3.38 0.80 10.13
N SER A 46 -3.40 1.91 10.85
CA SER A 46 -3.85 3.18 10.30
C SER A 46 -2.85 3.75 9.30
N PRO A 47 -3.34 4.31 8.18
CA PRO A 47 -2.46 4.91 7.18
C PRO A 47 -1.45 5.85 7.82
N GLU A 48 -1.84 6.42 8.96
CA GLU A 48 -0.97 7.32 9.70
C GLU A 48 0.02 6.49 10.52
N GLU A 49 -0.44 5.33 10.98
CA GLU A 49 0.41 4.43 11.77
C GLU A 49 1.70 4.12 11.01
N PHE A 50 1.57 3.65 9.76
CA PHE A 50 2.72 3.34 8.90
C PHE A 50 3.79 4.43 9.00
N GLY A 51 3.43 5.65 8.63
CA GLY A 51 4.37 6.75 8.67
C GLY A 51 4.98 6.95 10.05
N LYS A 52 4.28 6.46 11.08
CA LYS A 52 4.77 6.59 12.45
C LYS A 52 5.41 5.30 12.94
N LEU A 53 5.50 4.31 12.06
CA LEU A 53 6.09 3.03 12.40
C LEU A 53 7.62 3.12 12.32
N ALA A 54 8.26 2.03 11.93
CA ALA A 54 9.71 1.98 11.80
C ALA A 54 10.14 1.48 10.43
N LEU A 55 11.43 1.60 10.13
CA LEU A 55 11.98 1.17 8.85
C LEU A 55 11.88 -0.35 8.67
N TRP A 56 11.90 -1.06 9.78
CA TRP A 56 11.80 -2.50 9.76
C TRP A 56 10.35 -2.90 9.78
N LYS A 57 9.56 -2.09 10.47
CA LYS A 57 8.12 -2.32 10.55
C LYS A 57 7.50 -2.01 9.20
N ARG A 58 7.70 -0.78 8.71
CA ARG A 58 7.18 -0.37 7.42
C ARG A 58 7.54 -1.40 6.37
N ASN A 59 8.79 -1.83 6.41
CA ASN A 59 9.28 -2.83 5.47
C ASN A 59 8.43 -4.10 5.53
N GLU A 60 8.52 -4.81 6.65
CA GLU A 60 7.76 -6.05 6.85
C GLU A 60 6.33 -5.92 6.34
N LEU A 61 5.70 -4.79 6.58
CA LEU A 61 4.32 -4.57 6.13
C LEU A 61 4.27 -4.60 4.62
N LYS A 62 4.94 -3.65 4.00
CA LYS A 62 5.01 -3.56 2.55
C LYS A 62 5.62 -4.84 1.99
N LYS A 63 6.35 -5.56 2.85
CA LYS A 63 7.00 -6.79 2.47
C LYS A 63 6.04 -7.98 2.59
N LYS A 64 5.10 -7.88 3.52
CA LYS A 64 4.12 -8.93 3.74
C LYS A 64 2.83 -8.59 2.98
N ALA A 65 2.66 -7.31 2.72
CA ALA A 65 1.50 -6.81 2.00
C ALA A 65 1.64 -7.00 0.50
N GLU A 66 2.74 -7.63 0.08
CA GLU A 66 2.99 -7.86 -1.34
C GLU A 66 3.31 -6.56 -2.06
N LEU A 67 3.60 -5.51 -1.29
CA LEU A 67 3.92 -4.21 -1.87
C LEU A 67 5.09 -3.50 -1.18
N PHE A 68 6.30 -4.06 -1.33
CA PHE A 68 7.49 -3.45 -0.77
C PHE A 68 8.51 -3.18 -1.88
N PRO A 1 -9.27 16.20 -2.04
CA PRO A 1 -8.06 16.90 -1.51
C PRO A 1 -6.97 15.91 -1.12
N GLY A 2 -6.78 14.89 -1.95
CA GLY A 2 -5.76 13.89 -1.68
C GLY A 2 -5.34 13.13 -2.92
N LEU A 3 -5.25 11.82 -2.79
CA LEU A 3 -4.86 10.97 -3.90
C LEU A 3 -5.98 9.99 -4.24
N GLN A 4 -5.88 9.38 -5.42
CA GLN A 4 -6.88 8.43 -5.88
C GLN A 4 -6.71 7.09 -5.18
N ILE A 5 -7.82 6.55 -4.67
CA ILE A 5 -7.80 5.27 -3.97
C ILE A 5 -8.26 4.15 -4.89
N TYR A 6 -7.47 3.09 -4.97
CA TYR A 6 -7.79 1.95 -5.81
C TYR A 6 -7.70 0.65 -5.02
N PRO A 7 -8.36 -0.43 -5.51
CA PRO A 7 -8.33 -1.74 -4.84
C PRO A 7 -6.91 -2.13 -4.44
N TYR A 8 -6.78 -3.20 -3.68
CA TYR A 8 -5.47 -3.65 -3.24
C TYR A 8 -4.80 -4.52 -4.29
N GLU A 9 -5.44 -5.64 -4.64
CA GLU A 9 -4.90 -6.56 -5.64
C GLU A 9 -4.36 -5.82 -6.86
N MET A 10 -5.15 -4.91 -7.39
CA MET A 10 -4.74 -4.13 -8.55
C MET A 10 -3.58 -3.20 -8.17
N LEU A 11 -3.54 -2.81 -6.90
CA LEU A 11 -2.51 -1.93 -6.39
C LEU A 11 -1.27 -2.70 -5.92
N VAL A 12 -1.33 -4.04 -6.00
CA VAL A 12 -0.19 -4.86 -5.58
C VAL A 12 1.02 -4.53 -6.45
N VAL A 13 2.21 -4.97 -6.04
CA VAL A 13 3.42 -4.65 -6.78
C VAL A 13 3.93 -5.80 -7.66
N THR A 14 4.39 -6.87 -7.04
CA THR A 14 4.94 -8.01 -7.78
C THR A 14 4.00 -9.21 -7.80
N ASN A 15 3.54 -9.61 -6.63
CA ASN A 15 2.66 -10.76 -6.47
C ASN A 15 1.58 -10.85 -7.55
N LYS A 16 1.17 -9.70 -8.09
CA LYS A 16 0.14 -9.67 -9.13
C LYS A 16 0.74 -9.32 -10.49
N GLY A 17 2.01 -9.64 -10.68
CA GLY A 17 2.67 -9.35 -11.94
C GLY A 17 3.73 -8.27 -11.80
N ARG A 18 3.40 -7.08 -12.27
CA ARG A 18 4.31 -5.95 -12.19
C ARG A 18 3.61 -4.75 -11.57
N THR A 19 4.10 -3.54 -11.84
CA THR A 19 3.47 -2.36 -11.26
C THR A 19 2.02 -2.22 -11.74
N LYS A 20 1.83 -2.03 -13.05
CA LYS A 20 0.50 -1.92 -13.62
C LYS A 20 -0.43 -1.07 -12.77
N LEU A 21 0.13 -0.19 -11.97
CA LEU A 21 -0.63 0.67 -11.09
C LEU A 21 -1.60 1.55 -11.87
N PRO A 22 -2.79 1.78 -11.29
CA PRO A 22 -3.79 2.66 -11.90
C PRO A 22 -3.19 4.04 -12.17
N PRO A 23 -4.02 5.01 -12.60
CA PRO A 23 -3.53 6.36 -12.90
C PRO A 23 -3.10 7.13 -11.65
N GLY A 24 -1.78 7.30 -11.48
CA GLY A 24 -1.27 8.05 -10.34
C GLY A 24 -0.89 7.18 -9.15
N VAL A 25 -0.22 6.06 -9.39
CA VAL A 25 0.19 5.17 -8.30
C VAL A 25 1.64 4.74 -8.44
N ASP A 26 2.40 4.94 -7.35
CA ASP A 26 3.80 4.58 -7.32
C ASP A 26 4.11 3.78 -6.06
N ARG A 27 5.08 2.87 -6.16
CA ARG A 27 5.47 2.03 -5.01
C ARG A 27 5.97 2.89 -3.85
N MET A 28 6.36 4.13 -4.15
CA MET A 28 6.88 5.04 -3.13
C MET A 28 5.89 5.18 -1.97
N ARG A 29 4.60 5.29 -2.29
CA ARG A 29 3.57 5.44 -1.26
C ARG A 29 2.36 4.57 -1.58
N LEU A 30 2.60 3.42 -2.19
CA LEU A 30 1.52 2.51 -2.55
C LEU A 30 0.64 2.19 -1.35
N GLU A 31 1.25 2.04 -0.18
CA GLU A 31 0.50 1.74 1.03
C GLU A 31 -0.37 2.93 1.45
N ARG A 32 -0.33 4.01 0.69
CA ARG A 32 -1.13 5.20 1.00
C ARG A 32 -2.22 5.39 -0.04
N HIS A 33 -2.14 4.59 -1.10
CA HIS A 33 -3.12 4.64 -2.17
C HIS A 33 -4.28 3.69 -1.88
N LEU A 34 -4.15 2.90 -0.82
CA LEU A 34 -5.18 1.96 -0.43
C LEU A 34 -6.25 2.65 0.41
N SER A 35 -7.48 2.17 0.28
CA SER A 35 -8.58 2.73 1.05
C SER A 35 -8.58 2.18 2.47
N ALA A 36 -9.24 2.88 3.38
CA ALA A 36 -9.30 2.47 4.78
C ALA A 36 -9.62 0.98 4.90
N GLU A 37 -10.38 0.47 3.93
CA GLU A 37 -10.75 -0.94 3.93
C GLU A 37 -9.55 -1.80 3.52
N ASP A 38 -9.02 -1.49 2.36
CA ASP A 38 -7.87 -2.21 1.82
C ASP A 38 -6.69 -2.17 2.79
N PHE A 39 -6.36 -0.97 3.28
CA PHE A 39 -5.25 -0.81 4.20
C PHE A 39 -5.39 -1.71 5.41
N SER A 40 -6.37 -1.43 6.25
CA SER A 40 -6.62 -2.21 7.46
C SER A 40 -6.78 -3.70 7.13
N ARG A 41 -7.05 -4.01 5.87
CA ARG A 41 -7.24 -5.39 5.45
C ARG A 41 -5.90 -6.04 5.10
N VAL A 42 -4.94 -5.22 4.65
CA VAL A 42 -3.62 -5.73 4.28
C VAL A 42 -2.61 -5.58 5.42
N PHE A 43 -2.61 -4.40 6.04
CA PHE A 43 -1.67 -4.11 7.12
C PHE A 43 -2.30 -4.30 8.50
N ALA A 44 -3.59 -3.97 8.61
CA ALA A 44 -4.31 -4.10 9.88
C ALA A 44 -4.06 -2.90 10.79
N MET A 45 -3.45 -1.85 10.25
CA MET A 45 -3.17 -0.65 11.01
C MET A 45 -3.82 0.56 10.34
N SER A 46 -3.67 1.70 10.98
CA SER A 46 -4.21 2.93 10.45
C SER A 46 -3.28 3.53 9.40
N PRO A 47 -3.81 4.06 8.30
CA PRO A 47 -2.98 4.67 7.26
C PRO A 47 -1.97 5.64 7.86
N GLU A 48 -2.31 6.16 9.05
CA GLU A 48 -1.45 7.09 9.75
C GLU A 48 -0.46 6.35 10.66
N GLU A 49 -0.75 5.08 10.94
CA GLU A 49 0.10 4.27 11.78
C GLU A 49 1.39 3.94 11.02
N PHE A 50 1.22 3.60 9.73
CA PHE A 50 2.36 3.29 8.86
C PHE A 50 3.41 4.40 8.93
N GLY A 51 3.02 5.60 8.55
CA GLY A 51 3.94 6.73 8.57
C GLY A 51 4.58 6.91 9.94
N LYS A 52 3.88 6.45 10.97
CA LYS A 52 4.39 6.56 12.34
C LYS A 52 5.22 5.34 12.71
N LEU A 53 5.25 4.34 11.83
CA LEU A 53 6.00 3.13 12.07
C LEU A 53 7.49 3.39 11.83
N ALA A 54 8.20 2.35 11.40
CA ALA A 54 9.63 2.46 11.14
C ALA A 54 9.98 1.97 9.73
N LEU A 55 11.21 2.23 9.31
CA LEU A 55 11.68 1.82 7.98
C LEU A 55 11.72 0.31 7.85
N TRP A 56 11.92 -0.38 8.96
CA TRP A 56 11.98 -1.83 8.97
C TRP A 56 10.56 -2.35 9.12
N LYS A 57 9.76 -1.60 9.86
CA LYS A 57 8.36 -1.95 10.06
C LYS A 57 7.63 -1.80 8.73
N ARG A 58 7.70 -0.60 8.16
CA ARG A 58 7.09 -0.32 6.87
C ARG A 58 7.50 -1.37 5.86
N ASN A 59 8.80 -1.65 5.85
CA ASN A 59 9.36 -2.65 4.94
C ASN A 59 8.61 -3.97 5.08
N GLU A 60 8.72 -4.59 6.26
CA GLU A 60 8.06 -5.85 6.55
C GLU A 60 6.60 -5.82 6.08
N LEU A 61 5.89 -4.73 6.37
CA LEU A 61 4.50 -4.61 5.96
C LEU A 61 4.42 -4.67 4.44
N LYS A 62 5.04 -3.68 3.80
CA LYS A 62 5.08 -3.63 2.34
C LYS A 62 5.60 -4.97 1.81
N LYS A 63 6.38 -5.64 2.65
CA LYS A 63 6.98 -6.91 2.30
C LYS A 63 6.02 -8.09 2.50
N LYS A 64 5.13 -7.96 3.47
CA LYS A 64 4.14 -9.00 3.74
C LYS A 64 2.82 -8.65 3.07
N ALA A 65 2.68 -7.37 2.73
CA ALA A 65 1.48 -6.86 2.08
C ALA A 65 1.56 -7.06 0.56
N GLU A 66 2.62 -7.71 0.10
CA GLU A 66 2.81 -7.95 -1.33
C GLU A 66 3.07 -6.65 -2.09
N LEU A 67 3.47 -5.61 -1.36
CA LEU A 67 3.75 -4.32 -1.98
C LEU A 67 4.99 -3.63 -1.41
N PHE A 68 6.13 -4.29 -1.54
CA PHE A 68 7.40 -3.73 -1.09
C PHE A 68 8.35 -3.54 -2.27
N PRO A 1 -4.47 17.55 -1.93
CA PRO A 1 -5.92 17.24 -1.80
C PRO A 1 -6.14 15.78 -1.45
N GLY A 2 -5.76 14.88 -2.36
CA GLY A 2 -5.94 13.46 -2.13
C GLY A 2 -5.63 12.64 -3.37
N LEU A 3 -5.53 11.33 -3.18
CA LEU A 3 -5.24 10.43 -4.29
C LEU A 3 -6.38 9.45 -4.51
N GLN A 4 -6.38 8.80 -5.67
CA GLN A 4 -7.41 7.84 -6.02
C GLN A 4 -7.18 6.51 -5.29
N ILE A 5 -8.23 5.97 -4.69
CA ILE A 5 -8.15 4.71 -3.96
C ILE A 5 -8.58 3.54 -4.84
N TYR A 6 -7.73 2.53 -4.94
CA TYR A 6 -8.01 1.36 -5.76
C TYR A 6 -7.82 0.07 -4.95
N PRO A 7 -8.40 -1.05 -5.40
CA PRO A 7 -8.28 -2.34 -4.73
C PRO A 7 -6.83 -2.63 -4.35
N TYR A 8 -6.62 -3.67 -3.54
CA TYR A 8 -5.27 -4.02 -3.11
C TYR A 8 -4.57 -4.90 -4.15
N GLU A 9 -5.11 -6.09 -4.39
CA GLU A 9 -4.52 -7.04 -5.34
C GLU A 9 -4.08 -6.33 -6.62
N MET A 10 -4.94 -5.49 -7.17
CA MET A 10 -4.62 -4.75 -8.38
C MET A 10 -3.53 -3.73 -8.10
N LEU A 11 -3.52 -3.20 -6.89
CA LEU A 11 -2.55 -2.21 -6.46
C LEU A 11 -1.24 -2.85 -6.01
N VAL A 12 -1.22 -4.18 -5.92
CA VAL A 12 -0.01 -4.89 -5.50
C VAL A 12 1.17 -4.48 -6.38
N VAL A 13 2.36 -4.43 -5.80
CA VAL A 13 3.55 -4.00 -6.54
C VAL A 13 4.04 -5.04 -7.56
N THR A 14 4.54 -6.16 -7.07
CA THR A 14 5.04 -7.21 -7.94
C THR A 14 4.09 -8.41 -8.00
N ASN A 15 4.04 -9.13 -6.89
CA ASN A 15 3.21 -10.32 -6.73
C ASN A 15 1.99 -10.35 -7.67
N LYS A 16 1.13 -9.34 -7.57
CA LYS A 16 -0.07 -9.30 -8.41
C LYS A 16 -0.08 -8.11 -9.35
N GLY A 17 1.09 -7.61 -9.74
CA GLY A 17 1.14 -6.48 -10.65
C GLY A 17 2.52 -5.89 -10.81
N ARG A 18 2.57 -4.68 -11.39
CA ARG A 18 3.82 -3.97 -11.62
C ARG A 18 3.64 -2.49 -11.30
N THR A 19 4.33 -1.61 -12.02
CA THR A 19 4.20 -0.17 -11.82
C THR A 19 3.06 0.38 -12.68
N LYS A 20 2.32 -0.54 -13.30
CA LYS A 20 1.22 -0.20 -14.19
C LYS A 20 -0.11 -0.23 -13.45
N LEU A 21 -0.09 0.25 -12.22
CA LEU A 21 -1.30 0.27 -11.39
C LEU A 21 -2.36 1.11 -12.10
N PRO A 22 -3.62 1.08 -11.62
CA PRO A 22 -4.69 1.88 -12.22
C PRO A 22 -4.23 3.32 -12.48
N PRO A 23 -5.08 4.18 -13.05
CA PRO A 23 -4.70 5.57 -13.35
C PRO A 23 -4.35 6.38 -12.10
N GLY A 24 -3.06 6.67 -11.93
CA GLY A 24 -2.62 7.49 -10.80
C GLY A 24 -2.02 6.71 -9.64
N VAL A 25 -1.17 5.73 -9.92
CA VAL A 25 -0.55 4.95 -8.85
C VAL A 25 0.92 4.64 -9.13
N ASP A 26 1.71 4.74 -8.06
CA ASP A 26 3.14 4.46 -8.12
C ASP A 26 3.57 3.79 -6.82
N ARG A 27 4.44 2.79 -6.94
CA ARG A 27 4.93 2.06 -5.77
C ARG A 27 5.50 3.00 -4.70
N MET A 28 5.86 4.21 -5.10
CA MET A 28 6.43 5.19 -4.18
C MET A 28 5.60 5.30 -2.90
N ARG A 29 4.28 5.29 -3.04
CA ARG A 29 3.40 5.39 -1.89
C ARG A 29 2.18 4.49 -2.04
N LEU A 30 2.37 3.34 -2.67
CA LEU A 30 1.29 2.39 -2.88
C LEU A 30 0.52 2.10 -1.60
N GLU A 31 1.23 2.06 -0.47
CA GLU A 31 0.58 1.82 0.82
C GLU A 31 -0.28 3.01 1.23
N ARG A 32 -0.40 4.00 0.35
CA ARG A 32 -1.20 5.18 0.63
C ARG A 32 -2.38 5.25 -0.33
N HIS A 33 -2.34 4.42 -1.36
CA HIS A 33 -3.38 4.37 -2.37
C HIS A 33 -4.46 3.36 -1.97
N LEU A 34 -4.21 2.63 -0.88
CA LEU A 34 -5.15 1.64 -0.39
C LEU A 34 -6.21 2.29 0.48
N SER A 35 -7.45 1.80 0.35
CA SER A 35 -8.55 2.33 1.14
C SER A 35 -8.49 1.78 2.55
N ALA A 36 -9.24 2.40 3.46
CA ALA A 36 -9.25 1.96 4.85
C ALA A 36 -9.40 0.44 4.95
N GLU A 37 -10.32 -0.11 4.16
CA GLU A 37 -10.54 -1.54 4.15
C GLU A 37 -9.27 -2.26 3.70
N ASP A 38 -8.80 -1.89 2.52
CA ASP A 38 -7.60 -2.49 1.95
C ASP A 38 -6.41 -2.37 2.91
N PHE A 39 -6.09 -1.14 3.32
CA PHE A 39 -4.98 -0.92 4.23
C PHE A 39 -5.14 -1.73 5.51
N SER A 40 -6.25 -1.53 6.20
CA SER A 40 -6.52 -2.24 7.44
C SER A 40 -6.65 -3.74 7.20
N ARG A 41 -6.81 -4.14 5.95
CA ARG A 41 -6.95 -5.55 5.61
C ARG A 41 -5.61 -6.18 5.26
N VAL A 42 -4.72 -5.39 4.67
CA VAL A 42 -3.39 -5.89 4.29
C VAL A 42 -2.37 -5.66 5.39
N PHE A 43 -2.48 -4.53 6.08
CA PHE A 43 -1.55 -4.19 7.15
C PHE A 43 -2.16 -4.37 8.53
N ALA A 44 -3.46 -4.09 8.65
CA ALA A 44 -4.16 -4.21 9.92
C ALA A 44 -3.83 -3.04 10.85
N MET A 45 -3.28 -1.99 10.27
CA MET A 45 -2.90 -0.79 11.01
C MET A 45 -3.42 0.46 10.33
N SER A 46 -3.47 1.55 11.08
CA SER A 46 -3.97 2.81 10.57
C SER A 46 -3.01 3.44 9.58
N PRO A 47 -3.53 4.04 8.49
CA PRO A 47 -2.69 4.70 7.49
C PRO A 47 -1.69 5.63 8.16
N GLU A 48 -2.07 6.15 9.33
CA GLU A 48 -1.22 7.03 10.10
C GLU A 48 -0.19 6.20 10.85
N GLU A 49 -0.61 5.01 11.28
CA GLU A 49 0.28 4.10 12.02
C GLU A 49 1.56 3.87 11.22
N PHE A 50 1.41 3.46 9.95
CA PHE A 50 2.56 3.21 9.07
C PHE A 50 3.60 4.30 9.19
N GLY A 51 3.23 5.52 8.79
CA GLY A 51 4.15 6.64 8.88
C GLY A 51 4.76 6.81 10.26
N LYS A 52 4.06 6.30 11.27
CA LYS A 52 4.52 6.40 12.65
C LYS A 52 5.24 5.12 13.08
N LEU A 53 5.34 4.15 12.17
CA LEU A 53 5.99 2.91 12.46
C LEU A 53 7.52 3.07 12.35
N ALA A 54 8.19 2.02 11.92
CA ALA A 54 9.64 2.04 11.77
C ALA A 54 10.07 1.61 10.37
N LEU A 55 11.36 1.76 10.09
CA LEU A 55 11.90 1.39 8.78
C LEU A 55 11.86 -0.12 8.56
N TRP A 56 11.91 -0.87 9.66
CA TRP A 56 11.88 -2.31 9.60
C TRP A 56 10.43 -2.76 9.62
N LYS A 57 9.63 -1.99 10.34
CA LYS A 57 8.20 -2.27 10.44
C LYS A 57 7.54 -1.98 9.10
N ARG A 58 7.67 -0.73 8.64
CA ARG A 58 7.10 -0.31 7.36
C ARG A 58 7.52 -1.29 6.27
N ASN A 59 8.79 -1.66 6.30
CA ASN A 59 9.33 -2.60 5.33
C ASN A 59 8.55 -3.90 5.35
N GLU A 60 8.65 -4.64 6.45
CA GLU A 60 7.96 -5.92 6.62
C GLU A 60 6.52 -5.84 6.13
N LEU A 61 5.84 -4.73 6.40
CA LEU A 61 4.46 -4.57 5.97
C LEU A 61 4.38 -4.55 4.45
N LYS A 62 5.02 -3.56 3.86
CA LYS A 62 5.05 -3.44 2.40
C LYS A 62 5.72 -4.68 1.81
N LYS A 63 6.49 -5.37 2.64
CA LYS A 63 7.20 -6.57 2.24
C LYS A 63 6.31 -7.81 2.35
N LYS A 64 5.36 -7.76 3.28
CA LYS A 64 4.43 -8.85 3.50
C LYS A 64 3.13 -8.58 2.74
N ALA A 65 2.90 -7.30 2.48
CA ALA A 65 1.72 -6.88 1.76
C ALA A 65 1.91 -7.00 0.25
N GLU A 66 3.02 -7.61 -0.16
CA GLU A 66 3.32 -7.79 -1.58
C GLU A 66 3.50 -6.43 -2.26
N LEU A 67 3.73 -5.38 -1.47
CA LEU A 67 3.91 -4.05 -2.01
C LEU A 67 5.08 -3.28 -1.38
N PHE A 68 6.29 -3.81 -1.54
CA PHE A 68 7.48 -3.15 -1.03
C PHE A 68 8.48 -2.91 -2.16
N PRO A 1 -9.49 15.95 -1.31
CA PRO A 1 -8.13 16.49 -1.62
C PRO A 1 -7.04 15.49 -1.25
N GLY A 2 -6.66 14.65 -2.20
CA GLY A 2 -5.63 13.66 -1.96
C GLY A 2 -5.31 12.83 -3.19
N LEU A 3 -5.25 11.52 -2.98
CA LEU A 3 -4.96 10.59 -4.07
C LEU A 3 -6.10 9.63 -4.30
N GLN A 4 -6.10 8.96 -5.45
CA GLN A 4 -7.15 8.00 -5.80
C GLN A 4 -6.95 6.69 -5.05
N ILE A 5 -8.05 5.98 -4.81
CA ILE A 5 -8.00 4.71 -4.10
C ILE A 5 -8.78 3.62 -4.83
N TYR A 6 -8.10 2.52 -5.14
CA TYR A 6 -8.71 1.40 -5.84
C TYR A 6 -8.41 0.09 -5.09
N PRO A 7 -8.91 -1.06 -5.58
CA PRO A 7 -8.66 -2.35 -4.93
C PRO A 7 -7.20 -2.52 -4.51
N TYR A 8 -6.93 -3.56 -3.74
CA TYR A 8 -5.57 -3.82 -3.26
C TYR A 8 -4.72 -4.52 -4.33
N GLU A 9 -5.15 -5.71 -4.74
CA GLU A 9 -4.42 -6.49 -5.75
C GLU A 9 -4.00 -5.62 -6.93
N MET A 10 -4.73 -4.55 -7.18
CA MET A 10 -4.42 -3.65 -8.29
C MET A 10 -3.20 -2.77 -7.97
N LEU A 11 -3.11 -2.32 -6.72
CA LEU A 11 -2.01 -1.46 -6.30
C LEU A 11 -0.82 -2.27 -5.81
N VAL A 12 -0.86 -3.58 -5.99
CA VAL A 12 0.25 -4.43 -5.58
C VAL A 12 1.52 -4.01 -6.31
N VAL A 13 2.69 -4.42 -5.81
CA VAL A 13 3.94 -4.02 -6.43
C VAL A 13 4.53 -5.11 -7.33
N THR A 14 4.94 -6.23 -6.75
CA THR A 14 5.56 -7.30 -7.53
C THR A 14 4.63 -8.49 -7.77
N ASN A 15 4.01 -8.98 -6.71
CA ASN A 15 3.12 -10.13 -6.79
C ASN A 15 2.10 -10.01 -7.92
N LYS A 16 1.57 -8.81 -8.14
CA LYS A 16 0.58 -8.60 -9.19
C LYS A 16 1.07 -7.64 -10.27
N GLY A 17 2.38 -7.57 -10.47
CA GLY A 17 2.92 -6.69 -11.50
C GLY A 17 4.13 -5.90 -11.05
N ARG A 18 4.16 -4.61 -11.40
CA ARG A 18 5.27 -3.74 -11.04
C ARG A 18 4.81 -2.29 -10.95
N THR A 19 4.08 -1.86 -11.98
CA THR A 19 3.58 -0.49 -12.04
C THR A 19 2.27 -0.46 -12.84
N LYS A 20 1.67 -1.63 -12.99
CA LYS A 20 0.46 -1.79 -13.76
C LYS A 20 -0.80 -1.44 -12.96
N LEU A 21 -0.64 -0.79 -11.80
CA LEU A 21 -1.79 -0.41 -10.99
C LEU A 21 -2.72 0.49 -11.80
N PRO A 22 -3.93 0.73 -11.28
CA PRO A 22 -4.90 1.61 -11.92
C PRO A 22 -4.30 2.99 -12.19
N PRO A 23 -5.12 3.98 -12.59
CA PRO A 23 -4.62 5.33 -12.85
C PRO A 23 -4.45 6.14 -11.57
N GLY A 24 -3.19 6.36 -11.18
CA GLY A 24 -2.91 7.13 -9.97
C GLY A 24 -2.29 6.28 -8.87
N VAL A 25 -1.53 5.26 -9.25
CA VAL A 25 -0.87 4.38 -8.30
C VAL A 25 0.54 4.04 -8.74
N ASP A 26 1.49 4.18 -7.82
CA ASP A 26 2.90 3.91 -8.10
C ASP A 26 3.57 3.30 -6.88
N ARG A 27 4.53 2.40 -7.12
CA ARG A 27 5.26 1.73 -6.03
C ARG A 27 5.79 2.73 -5.01
N MET A 28 6.00 3.97 -5.44
CA MET A 28 6.51 5.02 -4.55
C MET A 28 5.69 5.10 -3.26
N ARG A 29 4.38 4.98 -3.39
CA ARG A 29 3.48 5.04 -2.23
C ARG A 29 2.24 4.20 -2.45
N LEU A 30 2.43 2.97 -2.90
CA LEU A 30 1.31 2.08 -3.16
C LEU A 30 0.51 1.82 -1.88
N GLU A 31 1.17 1.91 -0.73
CA GLU A 31 0.49 1.71 0.54
C GLU A 31 -0.23 2.97 0.98
N ARG A 32 -0.36 3.93 0.07
CA ARG A 32 -1.05 5.18 0.36
C ARG A 32 -2.25 5.33 -0.57
N HIS A 33 -2.40 4.35 -1.45
CA HIS A 33 -3.49 4.34 -2.40
C HIS A 33 -4.55 3.31 -2.03
N LEU A 34 -4.31 2.60 -0.93
CA LEU A 34 -5.23 1.58 -0.46
C LEU A 34 -6.33 2.21 0.38
N SER A 35 -7.55 1.71 0.20
CA SER A 35 -8.70 2.21 0.93
C SER A 35 -8.58 1.84 2.40
N ALA A 36 -9.30 2.58 3.25
CA ALA A 36 -9.27 2.32 4.69
C ALA A 36 -9.41 0.83 4.98
N GLU A 37 -10.41 0.21 4.35
CA GLU A 37 -10.64 -1.23 4.53
C GLU A 37 -9.42 -2.02 4.08
N ASP A 38 -9.02 -1.77 2.83
CA ASP A 38 -7.87 -2.46 2.27
C ASP A 38 -6.62 -2.26 3.12
N PHE A 39 -6.25 -1.01 3.38
CA PHE A 39 -5.08 -0.72 4.18
C PHE A 39 -5.10 -1.53 5.49
N SER A 40 -6.16 -1.36 6.27
CA SER A 40 -6.30 -2.08 7.52
C SER A 40 -6.50 -3.57 7.27
N ARG A 41 -6.74 -3.93 6.01
CA ARG A 41 -6.94 -5.33 5.63
C ARG A 41 -5.61 -6.00 5.28
N VAL A 42 -4.75 -5.27 4.58
CA VAL A 42 -3.45 -5.81 4.18
C VAL A 42 -2.38 -5.55 5.24
N PHE A 43 -2.44 -4.37 5.85
CA PHE A 43 -1.45 -4.00 6.87
C PHE A 43 -1.98 -4.20 8.29
N ALA A 44 -3.27 -3.90 8.49
CA ALA A 44 -3.89 -4.03 9.81
C ALA A 44 -3.51 -2.86 10.72
N MET A 45 -3.04 -1.79 10.11
CA MET A 45 -2.61 -0.59 10.83
C MET A 45 -3.11 0.66 10.14
N SER A 46 -3.14 1.75 10.88
CA SER A 46 -3.62 3.02 10.35
C SER A 46 -2.65 3.62 9.34
N PRO A 47 -3.16 4.16 8.22
CA PRO A 47 -2.32 4.79 7.21
C PRO A 47 -1.35 5.77 7.85
N GLU A 48 -1.76 6.31 9.00
CA GLU A 48 -0.92 7.23 9.74
C GLU A 48 0.12 6.45 10.54
N GLU A 49 -0.28 5.27 11.00
CA GLU A 49 0.61 4.40 11.76
C GLU A 49 1.91 4.17 10.98
N PHE A 50 1.78 3.70 9.74
CA PHE A 50 2.94 3.45 8.86
C PHE A 50 4.01 4.53 9.01
N GLY A 51 3.65 5.76 8.62
CA GLY A 51 4.59 6.87 8.71
C GLY A 51 5.19 7.03 10.10
N LYS A 52 4.49 6.51 11.10
CA LYS A 52 4.97 6.60 12.48
C LYS A 52 5.58 5.29 12.96
N LEU A 53 5.67 4.31 12.07
CA LEU A 53 6.24 3.02 12.42
C LEU A 53 7.76 3.07 12.33
N ALA A 54 8.36 1.97 11.92
CA ALA A 54 9.82 1.89 11.81
C ALA A 54 10.24 1.41 10.42
N LEU A 55 11.54 1.50 10.14
CA LEU A 55 12.07 1.09 8.83
C LEU A 55 11.93 -0.41 8.63
N TRP A 56 11.90 -1.16 9.72
CA TRP A 56 11.78 -2.59 9.67
C TRP A 56 10.30 -2.95 9.69
N LYS A 57 9.54 -2.13 10.40
CA LYS A 57 8.10 -2.32 10.48
C LYS A 57 7.45 -1.93 9.15
N ARG A 58 7.70 -0.70 8.72
CA ARG A 58 7.17 -0.22 7.44
C ARG A 58 7.47 -1.21 6.34
N ASN A 59 8.71 -1.69 6.35
CA ASN A 59 9.16 -2.67 5.36
C ASN A 59 8.29 -3.94 5.42
N GLU A 60 8.38 -4.65 6.54
CA GLU A 60 7.61 -5.88 6.74
C GLU A 60 6.18 -5.75 6.25
N LEU A 61 5.56 -4.60 6.47
CA LEU A 61 4.19 -4.39 6.03
C LEU A 61 4.10 -4.43 4.53
N LYS A 62 4.79 -3.49 3.88
CA LYS A 62 4.84 -3.43 2.43
C LYS A 62 5.44 -4.73 1.88
N LYS A 63 6.18 -5.43 2.75
CA LYS A 63 6.82 -6.68 2.40
C LYS A 63 5.87 -7.86 2.54
N LYS A 64 4.93 -7.74 3.47
CA LYS A 64 3.93 -8.79 3.71
C LYS A 64 2.65 -8.47 2.96
N ALA A 65 2.47 -7.19 2.65
CA ALA A 65 1.31 -6.73 1.93
C ALA A 65 1.45 -6.93 0.43
N GLU A 66 2.55 -7.58 0.02
CA GLU A 66 2.81 -7.83 -1.40
C GLU A 66 3.15 -6.54 -2.14
N LEU A 67 3.40 -5.46 -1.38
CA LEU A 67 3.73 -4.17 -1.99
C LEU A 67 4.91 -3.48 -1.31
N PHE A 68 6.10 -4.05 -1.47
CA PHE A 68 7.32 -3.46 -0.91
C PHE A 68 8.32 -3.17 -2.03
N PRO A 1 -4.26 17.75 -0.65
CA PRO A 1 -4.61 17.06 -1.92
C PRO A 1 -4.86 15.57 -1.69
N GLY A 2 -6.06 15.11 -2.04
CA GLY A 2 -6.40 13.71 -1.87
C GLY A 2 -6.07 12.88 -3.09
N LEU A 3 -5.91 11.59 -2.88
CA LEU A 3 -5.59 10.66 -3.96
C LEU A 3 -6.69 9.62 -4.14
N GLN A 4 -6.67 8.94 -5.28
CA GLN A 4 -7.67 7.91 -5.58
C GLN A 4 -7.36 6.63 -4.80
N ILE A 5 -8.42 5.92 -4.42
CA ILE A 5 -8.27 4.68 -3.68
C ILE A 5 -8.83 3.50 -4.47
N TYR A 6 -7.94 2.60 -4.88
CA TYR A 6 -8.34 1.42 -5.64
C TYR A 6 -8.07 0.14 -4.85
N PRO A 7 -8.62 -1.01 -5.31
CA PRO A 7 -8.42 -2.30 -4.63
C PRO A 7 -6.96 -2.54 -4.30
N TYR A 8 -6.69 -3.60 -3.53
CA TYR A 8 -5.34 -3.94 -3.13
C TYR A 8 -4.63 -4.76 -4.21
N GLU A 9 -5.16 -5.94 -4.49
CA GLU A 9 -4.58 -6.84 -5.51
C GLU A 9 -4.20 -6.08 -6.77
N MET A 10 -5.12 -5.25 -7.25
CA MET A 10 -4.87 -4.45 -8.45
C MET A 10 -3.78 -3.42 -8.17
N LEU A 11 -3.70 -2.99 -6.90
CA LEU A 11 -2.73 -2.01 -6.48
C LEU A 11 -1.43 -2.66 -5.99
N VAL A 12 -1.30 -3.97 -6.16
CA VAL A 12 -0.08 -4.65 -5.72
C VAL A 12 1.11 -4.18 -6.56
N VAL A 13 2.31 -4.32 -6.02
CA VAL A 13 3.51 -3.86 -6.74
C VAL A 13 4.08 -4.91 -7.70
N THR A 14 4.60 -5.99 -7.15
CA THR A 14 5.20 -7.04 -7.98
C THR A 14 4.30 -8.27 -8.08
N ASN A 15 4.10 -8.93 -6.94
CA ASN A 15 3.31 -10.15 -6.85
C ASN A 15 2.14 -10.20 -7.84
N LYS A 16 1.43 -9.08 -8.00
CA LYS A 16 0.28 -9.05 -8.92
C LYS A 16 0.48 -8.07 -10.06
N GLY A 17 1.73 -7.81 -10.44
CA GLY A 17 2.00 -6.90 -11.54
C GLY A 17 3.22 -6.03 -11.32
N ARG A 18 3.13 -4.79 -11.76
CA ARG A 18 4.23 -3.85 -11.63
C ARG A 18 3.71 -2.45 -11.25
N THR A 19 4.19 -1.43 -11.94
CA THR A 19 3.79 -0.05 -11.70
C THR A 19 2.61 0.35 -12.57
N LYS A 20 2.07 -0.64 -13.28
CA LYS A 20 0.96 -0.44 -14.19
C LYS A 20 -0.38 -0.40 -13.46
N LEU A 21 -0.36 0.11 -12.24
CA LEU A 21 -1.57 0.23 -11.43
C LEU A 21 -2.58 1.09 -12.16
N PRO A 22 -3.84 1.12 -11.67
CA PRO A 22 -4.88 1.95 -12.29
C PRO A 22 -4.35 3.36 -12.59
N PRO A 23 -5.14 4.21 -13.26
CA PRO A 23 -4.70 5.56 -13.61
C PRO A 23 -4.28 6.40 -12.39
N GLY A 24 -2.97 6.62 -12.26
CA GLY A 24 -2.46 7.44 -11.17
C GLY A 24 -1.89 6.67 -9.98
N VAL A 25 -1.20 5.55 -10.23
CA VAL A 25 -0.62 4.78 -9.14
C VAL A 25 0.76 4.24 -9.45
N ASP A 26 1.61 4.28 -8.43
CA ASP A 26 2.99 3.80 -8.51
C ASP A 26 3.39 3.16 -7.19
N ARG A 27 4.25 2.15 -7.25
CA ARG A 27 4.68 1.45 -6.03
C ARG A 27 5.34 2.42 -5.04
N MET A 28 5.73 3.60 -5.52
CA MET A 28 6.37 4.60 -4.67
C MET A 28 5.61 4.80 -3.36
N ARG A 29 4.28 4.85 -3.44
CA ARG A 29 3.45 5.04 -2.25
C ARG A 29 2.18 4.20 -2.32
N LEU A 30 2.28 3.03 -2.95
CA LEU A 30 1.15 2.14 -3.08
C LEU A 30 0.46 1.90 -1.74
N GLU A 31 1.21 2.03 -0.65
CA GLU A 31 0.64 1.84 0.68
C GLU A 31 -0.15 3.08 1.12
N ARG A 32 -0.38 4.00 0.18
CA ARG A 32 -1.12 5.21 0.47
C ARG A 32 -2.38 5.26 -0.38
N HIS A 33 -2.41 4.43 -1.42
CA HIS A 33 -3.52 4.35 -2.33
C HIS A 33 -4.54 3.32 -1.86
N LEU A 34 -4.23 2.63 -0.76
CA LEU A 34 -5.11 1.63 -0.20
C LEU A 34 -6.14 2.26 0.70
N SER A 35 -7.36 1.73 0.65
CA SER A 35 -8.45 2.24 1.46
C SER A 35 -8.31 1.80 2.91
N ALA A 36 -9.03 2.45 3.81
CA ALA A 36 -8.98 2.11 5.22
C ALA A 36 -9.19 0.62 5.44
N GLU A 37 -9.91 -0.01 4.51
CA GLU A 37 -10.17 -1.44 4.59
C GLU A 37 -8.95 -2.20 4.07
N ASP A 38 -8.54 -1.85 2.86
CA ASP A 38 -7.39 -2.48 2.23
C ASP A 38 -6.15 -2.34 3.11
N PHE A 39 -5.88 -1.11 3.55
CA PHE A 39 -4.73 -0.84 4.40
C PHE A 39 -4.79 -1.66 5.69
N SER A 40 -5.88 -1.46 6.45
CA SER A 40 -6.07 -2.17 7.70
C SER A 40 -6.23 -3.67 7.48
N ARG A 41 -6.43 -4.09 6.23
CA ARG A 41 -6.60 -5.50 5.91
C ARG A 41 -5.27 -6.14 5.54
N VAL A 42 -4.45 -5.42 4.77
CA VAL A 42 -3.15 -5.93 4.34
C VAL A 42 -2.08 -5.66 5.39
N PHE A 43 -2.22 -4.56 6.11
CA PHE A 43 -1.24 -4.18 7.12
C PHE A 43 -1.74 -4.43 8.55
N ALA A 44 -3.03 -4.18 8.77
CA ALA A 44 -3.66 -4.38 10.08
C ALA A 44 -3.54 -3.13 10.96
N MET A 45 -2.95 -2.07 10.43
CA MET A 45 -2.81 -0.82 11.19
C MET A 45 -3.50 0.33 10.48
N SER A 46 -3.54 1.47 11.15
CA SER A 46 -4.16 2.67 10.61
C SER A 46 -3.25 3.36 9.61
N PRO A 47 -3.81 4.03 8.59
CA PRO A 47 -3.02 4.74 7.60
C PRO A 47 -2.06 5.72 8.27
N GLU A 48 -2.41 6.11 9.48
CA GLU A 48 -1.58 7.03 10.26
C GLU A 48 -0.61 6.25 11.16
N GLU A 49 -0.81 4.94 11.25
CA GLU A 49 0.06 4.09 12.04
C GLU A 49 1.35 3.78 11.28
N PHE A 50 1.21 3.38 10.01
CA PHE A 50 2.37 3.10 9.16
C PHE A 50 3.43 4.17 9.31
N GLY A 51 3.05 5.42 9.05
CA GLY A 51 3.99 6.52 9.16
C GLY A 51 4.57 6.63 10.56
N LYS A 52 3.82 6.15 11.54
CA LYS A 52 4.27 6.19 12.93
C LYS A 52 4.95 4.88 13.34
N LEU A 53 5.09 3.96 12.39
CA LEU A 53 5.73 2.69 12.64
C LEU A 53 7.25 2.85 12.59
N ALA A 54 7.93 1.83 12.10
CA ALA A 54 9.38 1.86 11.99
C ALA A 54 9.86 1.53 10.58
N LEU A 55 11.15 1.75 10.33
CA LEU A 55 11.72 1.49 9.02
C LEU A 55 11.76 0.00 8.71
N TRP A 56 11.84 -0.81 9.75
CA TRP A 56 11.87 -2.25 9.59
C TRP A 56 10.43 -2.75 9.52
N LYS A 57 9.57 -2.04 10.24
CA LYS A 57 8.15 -2.36 10.25
C LYS A 57 7.55 -2.00 8.89
N ARG A 58 7.59 -0.70 8.56
CA ARG A 58 7.08 -0.22 7.28
C ARG A 58 7.53 -1.12 6.16
N ASN A 59 8.79 -1.49 6.21
CA ASN A 59 9.38 -2.37 5.21
C ASN A 59 8.65 -3.72 5.19
N GLU A 60 8.81 -4.48 6.26
CA GLU A 60 8.17 -5.79 6.40
C GLU A 60 6.71 -5.75 5.96
N LEU A 61 6.02 -4.66 6.29
CA LEU A 61 4.62 -4.51 5.92
C LEU A 61 4.49 -4.47 4.41
N LYS A 62 5.07 -3.44 3.82
CA LYS A 62 5.06 -3.30 2.36
C LYS A 62 5.72 -4.52 1.72
N LYS A 63 6.53 -5.21 2.51
CA LYS A 63 7.24 -6.39 2.04
C LYS A 63 6.39 -7.65 2.17
N LYS A 64 5.49 -7.65 3.15
CA LYS A 64 4.59 -8.77 3.37
C LYS A 64 3.26 -8.50 2.69
N ALA A 65 3.00 -7.22 2.44
CA ALA A 65 1.77 -6.76 1.82
C ALA A 65 1.86 -6.89 0.29
N GLU A 66 2.96 -7.45 -0.19
CA GLU A 66 3.16 -7.61 -1.64
C GLU A 66 3.37 -6.26 -2.31
N LEU A 67 3.61 -5.23 -1.51
CA LEU A 67 3.83 -3.88 -2.05
C LEU A 67 5.01 -3.15 -1.39
N PHE A 68 6.22 -3.65 -1.65
CA PHE A 68 7.42 -3.02 -1.12
C PHE A 68 8.41 -2.72 -2.25
N PRO A 1 -7.62 17.96 -1.92
CA PRO A 1 -6.22 17.46 -1.95
C PRO A 1 -6.12 16.01 -1.49
N GLY A 2 -5.88 15.11 -2.43
CA GLY A 2 -5.77 13.70 -2.10
C GLY A 2 -5.39 12.85 -3.29
N LEU A 3 -5.31 11.54 -3.06
CA LEU A 3 -4.96 10.62 -4.12
C LEU A 3 -6.08 9.62 -4.38
N GLN A 4 -6.02 8.95 -5.52
CA GLN A 4 -7.04 7.96 -5.89
C GLN A 4 -6.83 6.65 -5.12
N ILE A 5 -7.93 6.02 -4.74
CA ILE A 5 -7.86 4.77 -3.99
C ILE A 5 -8.55 3.63 -4.75
N TYR A 6 -7.76 2.60 -5.09
CA TYR A 6 -8.28 1.44 -5.81
C TYR A 6 -8.07 0.17 -4.98
N PRO A 7 -8.60 -0.99 -5.45
CA PRO A 7 -8.45 -2.25 -4.73
C PRO A 7 -7.00 -2.52 -4.35
N TYR A 8 -6.78 -3.54 -3.52
CA TYR A 8 -5.44 -3.88 -3.07
C TYR A 8 -4.73 -4.77 -4.09
N GLU A 9 -5.25 -5.98 -4.31
CA GLU A 9 -4.67 -6.93 -5.25
C GLU A 9 -4.29 -6.25 -6.57
N MET A 10 -5.18 -5.42 -7.09
CA MET A 10 -4.93 -4.70 -8.33
C MET A 10 -3.83 -3.66 -8.13
N LEU A 11 -3.73 -3.17 -6.90
CA LEU A 11 -2.73 -2.16 -6.55
C LEU A 11 -1.44 -2.79 -6.04
N VAL A 12 -1.32 -4.11 -6.13
CA VAL A 12 -0.12 -4.79 -5.68
C VAL A 12 1.06 -4.42 -6.57
N VAL A 13 2.26 -4.38 -5.98
CA VAL A 13 3.45 -3.98 -6.74
C VAL A 13 3.95 -5.07 -7.68
N THR A 14 4.43 -6.17 -7.13
CA THR A 14 4.97 -7.26 -7.94
C THR A 14 4.02 -8.45 -7.98
N ASN A 15 3.89 -9.12 -6.83
CA ASN A 15 3.05 -10.30 -6.68
C ASN A 15 1.86 -10.33 -7.64
N LYS A 16 1.10 -9.24 -7.72
CA LYS A 16 -0.07 -9.19 -8.60
C LYS A 16 0.05 -8.13 -9.69
N GLY A 17 1.29 -7.80 -10.08
CA GLY A 17 1.47 -6.81 -11.14
C GLY A 17 2.83 -6.14 -11.09
N ARG A 18 2.88 -4.90 -11.58
CA ARG A 18 4.12 -4.13 -11.60
C ARG A 18 3.83 -2.66 -11.27
N THR A 19 4.57 -1.73 -11.87
CA THR A 19 4.37 -0.30 -11.62
C THR A 19 3.26 0.27 -12.51
N LYS A 20 2.56 -0.62 -13.21
CA LYS A 20 1.49 -0.22 -14.12
C LYS A 20 0.14 -0.26 -13.43
N LEU A 21 0.11 0.13 -12.18
CA LEU A 21 -1.14 0.15 -11.41
C LEU A 21 -2.12 1.07 -12.12
N PRO A 22 -3.41 1.06 -11.72
CA PRO A 22 -4.42 1.93 -12.33
C PRO A 22 -3.86 3.35 -12.58
N PRO A 23 -4.59 4.21 -13.29
CA PRO A 23 -4.12 5.56 -13.59
C PRO A 23 -3.80 6.38 -12.33
N GLY A 24 -2.50 6.60 -12.08
CA GLY A 24 -2.10 7.41 -10.93
C GLY A 24 -1.59 6.61 -9.73
N VAL A 25 -0.76 5.59 -9.96
CA VAL A 25 -0.23 4.80 -8.85
C VAL A 25 1.24 4.44 -9.03
N ASP A 26 1.96 4.50 -7.90
CA ASP A 26 3.38 4.17 -7.87
C ASP A 26 3.72 3.49 -6.54
N ARG A 27 4.34 2.32 -6.62
CA ARG A 27 4.70 1.56 -5.42
C ARG A 27 5.37 2.44 -4.36
N MET A 28 5.95 3.57 -4.79
CA MET A 28 6.62 4.48 -3.87
C MET A 28 5.75 4.78 -2.64
N ARG A 29 4.44 4.91 -2.86
CA ARG A 29 3.51 5.19 -1.76
C ARG A 29 2.24 4.35 -1.88
N LEU A 30 2.36 3.21 -2.54
CA LEU A 30 1.22 2.32 -2.73
C LEU A 30 0.44 2.09 -1.44
N GLU A 31 1.15 2.11 -0.31
CA GLU A 31 0.51 1.90 0.99
C GLU A 31 -0.37 3.11 1.36
N ARG A 32 -0.51 4.05 0.44
CA ARG A 32 -1.33 5.23 0.67
C ARG A 32 -2.49 5.28 -0.31
N HIS A 33 -2.41 4.43 -1.33
CA HIS A 33 -3.43 4.34 -2.36
C HIS A 33 -4.50 3.32 -1.97
N LEU A 34 -4.28 2.63 -0.85
CA LEU A 34 -5.21 1.64 -0.36
C LEU A 34 -6.32 2.27 0.45
N SER A 35 -7.52 1.72 0.33
CA SER A 35 -8.68 2.22 1.05
C SER A 35 -8.59 1.83 2.52
N ALA A 36 -9.28 2.57 3.38
CA ALA A 36 -9.27 2.30 4.80
C ALA A 36 -9.53 0.82 5.07
N GLU A 37 -10.27 0.18 4.17
CA GLU A 37 -10.57 -1.23 4.30
C GLU A 37 -9.38 -2.05 3.83
N ASP A 38 -8.89 -1.72 2.65
CA ASP A 38 -7.74 -2.40 2.05
C ASP A 38 -6.53 -2.30 2.97
N PHE A 39 -6.18 -1.08 3.37
CA PHE A 39 -5.04 -0.87 4.26
C PHE A 39 -5.14 -1.73 5.52
N SER A 40 -6.24 -1.55 6.25
CA SER A 40 -6.46 -2.30 7.48
C SER A 40 -6.62 -3.80 7.19
N ARG A 41 -6.77 -4.16 5.93
CA ARG A 41 -6.93 -5.55 5.54
C ARG A 41 -5.58 -6.20 5.19
N VAL A 42 -4.70 -5.40 4.58
CA VAL A 42 -3.38 -5.91 4.19
C VAL A 42 -2.35 -5.68 5.30
N PHE A 43 -2.44 -4.56 5.99
CA PHE A 43 -1.50 -4.23 7.05
C PHE A 43 -2.10 -4.45 8.44
N ALA A 44 -3.40 -4.20 8.57
CA ALA A 44 -4.09 -4.37 9.85
C ALA A 44 -3.78 -3.21 10.80
N MET A 45 -3.23 -2.14 10.25
CA MET A 45 -2.87 -0.96 11.04
C MET A 45 -3.40 0.31 10.38
N SER A 46 -3.45 1.37 11.17
CA SER A 46 -3.97 2.64 10.69
C SER A 46 -3.03 3.31 9.71
N PRO A 47 -3.56 3.94 8.65
CA PRO A 47 -2.73 4.64 7.66
C PRO A 47 -1.75 5.57 8.36
N GLU A 48 -2.15 6.04 9.54
CA GLU A 48 -1.31 6.91 10.35
C GLU A 48 -0.27 6.08 11.08
N GLU A 49 -0.66 4.85 11.46
CA GLU A 49 0.25 3.96 12.16
C GLU A 49 1.54 3.77 11.35
N PHE A 50 1.40 3.40 10.08
CA PHE A 50 2.54 3.20 9.18
C PHE A 50 3.55 4.32 9.33
N GLY A 51 3.13 5.54 9.01
CA GLY A 51 4.02 6.69 9.12
C GLY A 51 4.63 6.83 10.50
N LYS A 52 3.96 6.26 11.50
CA LYS A 52 4.44 6.31 12.88
C LYS A 52 5.18 5.03 13.27
N LEU A 53 5.30 4.10 12.32
CA LEU A 53 5.99 2.85 12.57
C LEU A 53 7.50 3.06 12.48
N ALA A 54 8.20 2.07 11.94
CA ALA A 54 9.65 2.15 11.79
C ALA A 54 10.07 1.87 10.35
N LEU A 55 11.36 1.73 10.12
CA LEU A 55 11.88 1.46 8.79
C LEU A 55 11.88 -0.03 8.47
N TRP A 56 11.96 -0.83 9.52
CA TRP A 56 11.95 -2.26 9.39
C TRP A 56 10.51 -2.73 9.35
N LYS A 57 9.67 -2.00 10.08
CA LYS A 57 8.25 -2.29 10.13
C LYS A 57 7.60 -1.95 8.79
N ARG A 58 7.67 -0.67 8.42
CA ARG A 58 7.12 -0.20 7.15
C ARG A 58 7.53 -1.15 6.02
N ASN A 59 8.81 -1.50 6.04
CA ASN A 59 9.36 -2.41 5.05
C ASN A 59 8.62 -3.74 5.08
N GLU A 60 8.75 -4.46 6.21
CA GLU A 60 8.09 -5.76 6.39
C GLU A 60 6.63 -5.72 5.93
N LEU A 61 5.93 -4.65 6.29
CA LEU A 61 4.53 -4.50 5.89
C LEU A 61 4.41 -4.48 4.38
N LYS A 62 5.02 -3.47 3.79
CA LYS A 62 5.04 -3.34 2.33
C LYS A 62 5.65 -4.59 1.71
N LYS A 63 6.43 -5.30 2.51
CA LYS A 63 7.11 -6.51 2.06
C LYS A 63 6.20 -7.74 2.22
N LYS A 64 5.29 -7.69 3.18
CA LYS A 64 4.36 -8.78 3.41
C LYS A 64 3.04 -8.49 2.72
N ALA A 65 2.81 -7.21 2.46
CA ALA A 65 1.59 -6.76 1.80
C ALA A 65 1.71 -6.90 0.28
N GLU A 66 2.82 -7.47 -0.19
CA GLU A 66 3.04 -7.65 -1.61
C GLU A 66 3.26 -6.30 -2.31
N LEU A 67 3.55 -5.27 -1.53
CA LEU A 67 3.79 -3.94 -2.06
C LEU A 67 4.96 -3.22 -1.41
N PHE A 68 6.17 -3.73 -1.64
CA PHE A 68 7.38 -3.12 -1.12
C PHE A 68 8.36 -2.81 -2.25
N PRO A 1 -6.40 18.04 -2.86
CA PRO A 1 -7.68 17.31 -2.61
C PRO A 1 -7.43 15.90 -2.10
N GLY A 2 -6.40 15.26 -2.64
CA GLY A 2 -6.07 13.90 -2.22
C GLY A 2 -5.69 13.03 -3.39
N LEU A 3 -5.57 11.73 -3.12
CA LEU A 3 -5.20 10.77 -4.15
C LEU A 3 -6.30 9.74 -4.35
N GLN A 4 -6.23 9.02 -5.47
CA GLN A 4 -7.23 8.00 -5.79
C GLN A 4 -6.96 6.72 -5.01
N ILE A 5 -8.02 5.95 -4.75
CA ILE A 5 -7.90 4.70 -4.01
C ILE A 5 -8.65 3.57 -4.70
N TYR A 6 -7.93 2.48 -4.99
CA TYR A 6 -8.51 1.32 -5.65
C TYR A 6 -8.20 0.05 -4.84
N PRO A 7 -8.78 -1.11 -5.22
CA PRO A 7 -8.55 -2.38 -4.51
C PRO A 7 -7.07 -2.59 -4.19
N TYR A 8 -6.77 -3.61 -3.42
CA TYR A 8 -5.39 -3.90 -3.03
C TYR A 8 -4.62 -4.55 -4.17
N GLU A 9 -5.12 -5.68 -4.68
CA GLU A 9 -4.46 -6.40 -5.77
C GLU A 9 -4.00 -5.45 -6.88
N MET A 10 -4.88 -4.56 -7.31
CA MET A 10 -4.54 -3.61 -8.37
C MET A 10 -3.48 -2.61 -7.89
N LEU A 11 -3.34 -2.51 -6.58
CA LEU A 11 -2.37 -1.60 -5.97
C LEU A 11 -1.10 -2.34 -5.54
N VAL A 12 -0.99 -3.61 -5.90
CA VAL A 12 0.18 -4.40 -5.55
C VAL A 12 1.39 -3.94 -6.37
N VAL A 13 2.59 -4.33 -5.96
CA VAL A 13 3.79 -3.90 -6.67
C VAL A 13 4.33 -4.96 -7.63
N THR A 14 4.83 -6.05 -7.09
CA THR A 14 5.39 -7.14 -7.91
C THR A 14 4.45 -8.34 -7.96
N ASN A 15 4.24 -8.93 -6.80
CA ASN A 15 3.40 -10.13 -6.65
C ASN A 15 2.22 -10.18 -7.62
N LYS A 16 1.49 -9.08 -7.74
CA LYS A 16 0.33 -9.04 -8.63
C LYS A 16 0.57 -8.19 -9.86
N GLY A 17 1.83 -8.08 -10.29
CA GLY A 17 2.15 -7.29 -11.46
C GLY A 17 3.43 -6.49 -11.31
N ARG A 18 3.42 -5.28 -11.85
CA ARG A 18 4.58 -4.40 -11.78
C ARG A 18 4.15 -2.94 -11.64
N THR A 19 3.78 -2.32 -12.75
CA THR A 19 3.32 -0.94 -12.75
C THR A 19 1.89 -0.87 -13.27
N LYS A 20 1.21 -2.00 -13.21
CA LYS A 20 -0.17 -2.12 -13.67
C LYS A 20 -1.14 -1.36 -12.78
N LEU A 21 -0.61 -0.45 -11.97
CA LEU A 21 -1.41 0.35 -11.07
C LEU A 21 -2.48 1.16 -11.78
N PRO A 22 -3.59 1.43 -11.08
CA PRO A 22 -4.69 2.22 -11.62
C PRO A 22 -4.21 3.61 -12.04
N PRO A 23 -5.13 4.51 -12.43
CA PRO A 23 -4.78 5.87 -12.83
C PRO A 23 -4.30 6.72 -11.66
N GLY A 24 -2.99 6.99 -11.61
CA GLY A 24 -2.45 7.80 -10.55
C GLY A 24 -1.89 6.98 -9.39
N VAL A 25 -1.48 5.75 -9.68
CA VAL A 25 -0.93 4.87 -8.66
C VAL A 25 0.45 4.37 -9.05
N ASP A 26 1.41 4.59 -8.15
CA ASP A 26 2.78 4.18 -8.36
C ASP A 26 3.31 3.40 -7.16
N ARG A 27 4.21 2.47 -7.42
CA ARG A 27 4.78 1.64 -6.35
C ARG A 27 5.49 2.50 -5.30
N MET A 28 5.80 3.74 -5.65
CA MET A 28 6.50 4.64 -4.73
C MET A 28 5.75 4.78 -3.42
N ARG A 29 4.42 4.88 -3.49
CA ARG A 29 3.60 5.03 -2.28
C ARG A 29 2.33 4.19 -2.40
N LEU A 30 2.45 3.02 -3.00
CA LEU A 30 1.30 2.13 -3.17
C LEU A 30 0.58 1.87 -1.85
N GLU A 31 1.32 1.93 -0.75
CA GLU A 31 0.73 1.73 0.56
C GLU A 31 -0.05 2.96 1.02
N ARG A 32 -0.25 3.90 0.10
CA ARG A 32 -0.98 5.13 0.42
C ARG A 32 -2.23 5.22 -0.45
N HIS A 33 -2.23 4.44 -1.54
CA HIS A 33 -3.34 4.41 -2.47
C HIS A 33 -4.36 3.35 -2.06
N LEU A 34 -4.08 2.66 -0.96
CA LEU A 34 -4.97 1.62 -0.45
C LEU A 34 -6.08 2.21 0.39
N SER A 35 -7.27 1.66 0.25
CA SER A 35 -8.43 2.11 1.01
C SER A 35 -8.32 1.62 2.44
N ALA A 36 -9.13 2.20 3.32
CA ALA A 36 -9.12 1.80 4.72
C ALA A 36 -9.18 0.29 4.87
N GLU A 37 -10.12 -0.33 4.16
CA GLU A 37 -10.27 -1.78 4.20
C GLU A 37 -8.98 -2.44 3.74
N ASP A 38 -8.57 -2.12 2.51
CA ASP A 38 -7.35 -2.67 1.94
C ASP A 38 -6.17 -2.52 2.89
N PHE A 39 -5.88 -1.28 3.28
CA PHE A 39 -4.78 -1.01 4.19
C PHE A 39 -4.92 -1.78 5.49
N SER A 40 -6.02 -1.53 6.20
CA SER A 40 -6.27 -2.20 7.46
C SER A 40 -6.38 -3.71 7.29
N ARG A 41 -6.54 -4.16 6.04
CA ARG A 41 -6.66 -5.59 5.76
C ARG A 41 -5.30 -6.22 5.44
N VAL A 42 -4.48 -5.49 4.68
CA VAL A 42 -3.16 -5.98 4.31
C VAL A 42 -2.12 -5.66 5.37
N PHE A 43 -2.31 -4.56 6.08
CA PHE A 43 -1.36 -4.14 7.11
C PHE A 43 -1.92 -4.35 8.52
N ALA A 44 -3.22 -4.10 8.70
CA ALA A 44 -3.89 -4.26 10.00
C ALA A 44 -3.77 -3.00 10.86
N MET A 45 -3.21 -1.94 10.31
CA MET A 45 -3.06 -0.69 11.03
C MET A 45 -3.59 0.48 10.21
N SER A 46 -3.67 1.64 10.85
CA SER A 46 -4.17 2.83 10.20
C SER A 46 -3.17 3.38 9.18
N PRO A 47 -3.67 3.98 8.09
CA PRO A 47 -2.80 4.59 7.08
C PRO A 47 -1.85 5.59 7.74
N GLU A 48 -2.28 6.10 8.88
CA GLU A 48 -1.49 7.05 9.66
C GLU A 48 -0.60 6.31 10.66
N GLU A 49 -0.85 5.00 10.83
CA GLU A 49 -0.04 4.21 11.74
C GLU A 49 1.32 3.93 11.11
N PHE A 50 1.30 3.58 9.83
CA PHE A 50 2.54 3.31 9.07
C PHE A 50 3.60 4.35 9.38
N GLY A 51 3.32 5.61 9.02
CA GLY A 51 4.26 6.69 9.27
C GLY A 51 4.70 6.75 10.71
N LYS A 52 3.84 6.30 11.62
CA LYS A 52 4.14 6.30 13.04
C LYS A 52 4.83 4.99 13.46
N LEU A 53 5.00 4.08 12.51
CA LEU A 53 5.64 2.81 12.77
C LEU A 53 7.16 2.97 12.77
N ALA A 54 7.86 1.96 12.29
CA ALA A 54 9.32 1.99 12.24
C ALA A 54 9.82 1.66 10.83
N LEU A 55 11.14 1.72 10.65
CA LEU A 55 11.73 1.43 9.35
C LEU A 55 11.78 -0.07 9.08
N TRP A 56 11.78 -0.86 10.13
CA TRP A 56 11.80 -2.29 10.01
C TRP A 56 10.39 -2.78 9.89
N LYS A 57 9.49 -2.08 10.58
CA LYS A 57 8.08 -2.39 10.55
C LYS A 57 7.50 -2.04 9.19
N ARG A 58 7.53 -0.75 8.87
CA ARG A 58 7.03 -0.26 7.59
C ARG A 58 7.52 -1.14 6.45
N ASN A 59 8.78 -1.52 6.54
CA ASN A 59 9.41 -2.36 5.54
C ASN A 59 8.70 -3.73 5.48
N GLU A 60 8.86 -4.52 6.54
CA GLU A 60 8.25 -5.84 6.62
C GLU A 60 6.79 -5.82 6.17
N LEU A 61 6.08 -4.73 6.48
CA LEU A 61 4.69 -4.61 6.09
C LEU A 61 4.58 -4.56 4.58
N LYS A 62 5.15 -3.51 4.00
CA LYS A 62 5.16 -3.35 2.55
C LYS A 62 5.84 -4.57 1.92
N LYS A 63 6.64 -5.25 2.71
CA LYS A 63 7.37 -6.43 2.26
C LYS A 63 6.51 -7.68 2.34
N LYS A 64 5.59 -7.69 3.31
CA LYS A 64 4.68 -8.82 3.50
C LYS A 64 3.35 -8.54 2.82
N ALA A 65 3.07 -7.26 2.62
CA ALA A 65 1.86 -6.81 1.98
C ALA A 65 1.94 -6.93 0.46
N GLU A 66 3.07 -7.45 -0.03
CA GLU A 66 3.28 -7.61 -1.47
C GLU A 66 3.48 -6.25 -2.14
N LEU A 67 3.81 -5.23 -1.34
CA LEU A 67 4.03 -3.90 -1.87
C LEU A 67 5.16 -3.14 -1.18
N PHE A 68 6.39 -3.60 -1.40
CA PHE A 68 7.57 -2.95 -0.84
C PHE A 68 8.56 -2.60 -1.95
N PRO A 1 -10.51 14.39 -2.83
CA PRO A 1 -9.61 15.56 -2.93
C PRO A 1 -8.14 15.15 -3.03
N GLY A 2 -7.69 14.39 -2.04
CA GLY A 2 -6.30 13.93 -2.04
C GLY A 2 -5.96 13.11 -3.25
N LEU A 3 -5.82 11.81 -3.05
CA LEU A 3 -5.48 10.90 -4.13
C LEU A 3 -6.59 9.87 -4.35
N GLN A 4 -6.53 9.20 -5.50
CA GLN A 4 -7.52 8.18 -5.83
C GLN A 4 -7.26 6.89 -5.08
N ILE A 5 -8.32 6.14 -4.79
CA ILE A 5 -8.21 4.89 -4.07
C ILE A 5 -8.77 3.73 -4.88
N TYR A 6 -7.93 2.72 -5.12
CA TYR A 6 -8.34 1.55 -5.89
C TYR A 6 -8.07 0.27 -5.10
N PRO A 7 -8.55 -0.89 -5.59
CA PRO A 7 -8.34 -2.18 -4.91
C PRO A 7 -6.90 -2.37 -4.48
N TYR A 8 -6.64 -3.40 -3.69
CA TYR A 8 -5.30 -3.67 -3.19
C TYR A 8 -4.45 -4.39 -4.24
N GLU A 9 -4.88 -5.60 -4.62
CA GLU A 9 -4.15 -6.40 -5.61
C GLU A 9 -3.73 -5.58 -6.82
N MET A 10 -4.45 -4.48 -7.07
CA MET A 10 -4.16 -3.62 -8.21
C MET A 10 -2.96 -2.70 -7.94
N LEU A 11 -2.74 -2.36 -6.68
CA LEU A 11 -1.63 -1.47 -6.31
C LEU A 11 -0.44 -2.25 -5.75
N VAL A 12 -0.48 -3.57 -5.86
CA VAL A 12 0.61 -4.40 -5.35
C VAL A 12 1.92 -4.03 -6.05
N VAL A 13 3.04 -4.43 -5.45
CA VAL A 13 4.37 -4.08 -6.00
C VAL A 13 4.92 -5.11 -6.99
N THR A 14 5.23 -6.31 -6.52
CA THR A 14 5.78 -7.34 -7.40
C THR A 14 4.77 -8.43 -7.75
N ASN A 15 4.60 -9.36 -6.83
CA ASN A 15 3.69 -10.50 -6.99
C ASN A 15 2.42 -10.19 -7.80
N LYS A 16 1.74 -9.11 -7.45
CA LYS A 16 0.48 -8.77 -8.13
C LYS A 16 0.60 -7.56 -9.07
N GLY A 17 1.78 -7.33 -9.61
CA GLY A 17 1.96 -6.20 -10.52
C GLY A 17 2.85 -5.11 -9.97
N ARG A 18 3.52 -4.39 -10.86
CA ARG A 18 4.42 -3.31 -10.46
C ARG A 18 3.83 -1.95 -10.85
N THR A 19 4.15 -1.46 -12.04
CA THR A 19 3.63 -0.18 -12.50
C THR A 19 2.31 -0.40 -13.24
N LYS A 20 1.84 -1.63 -13.20
CA LYS A 20 0.62 -2.04 -13.86
C LYS A 20 -0.63 -1.68 -13.05
N LEU A 21 -0.46 -0.96 -11.94
CA LEU A 21 -1.60 -0.57 -11.12
C LEU A 21 -2.57 0.30 -11.93
N PRO A 22 -3.76 0.52 -11.37
CA PRO A 22 -4.78 1.36 -12.00
C PRO A 22 -4.24 2.76 -12.27
N PRO A 23 -5.11 3.71 -12.67
CA PRO A 23 -4.70 5.08 -12.96
C PRO A 23 -4.47 5.91 -11.68
N GLY A 24 -3.20 6.18 -11.38
CA GLY A 24 -2.89 6.97 -10.19
C GLY A 24 -2.25 6.14 -9.08
N VAL A 25 -1.51 5.11 -9.47
CA VAL A 25 -0.83 4.23 -8.53
C VAL A 25 0.56 3.88 -9.03
N ASP A 26 1.55 4.07 -8.17
CA ASP A 26 2.95 3.80 -8.51
C ASP A 26 3.70 3.22 -7.33
N ARG A 27 4.67 2.37 -7.62
CA ARG A 27 5.48 1.73 -6.58
C ARG A 27 6.00 2.74 -5.55
N MET A 28 6.10 4.01 -5.95
CA MET A 28 6.59 5.05 -5.06
C MET A 28 5.79 5.09 -3.76
N ARG A 29 4.47 4.96 -3.86
CA ARG A 29 3.61 4.98 -2.68
C ARG A 29 2.35 4.14 -2.92
N LEU A 30 2.53 2.82 -3.04
CA LEU A 30 1.42 1.92 -3.26
C LEU A 30 0.65 1.66 -1.98
N GLU A 31 1.34 1.73 -0.84
CA GLU A 31 0.70 1.52 0.45
C GLU A 31 -0.01 2.80 0.91
N ARG A 32 -0.18 3.75 -0.01
CA ARG A 32 -0.86 5.00 0.30
C ARG A 32 -2.11 5.15 -0.57
N HIS A 33 -2.16 4.32 -1.61
CA HIS A 33 -3.27 4.33 -2.54
C HIS A 33 -4.37 3.37 -2.09
N LEU A 34 -4.11 2.65 -1.00
CA LEU A 34 -5.08 1.71 -0.47
C LEU A 34 -6.09 2.41 0.43
N SER A 35 -7.34 2.01 0.31
CA SER A 35 -8.40 2.60 1.12
C SER A 35 -8.27 2.15 2.57
N ALA A 36 -8.91 2.90 3.47
CA ALA A 36 -8.86 2.57 4.89
C ALA A 36 -9.15 1.09 5.11
N GLU A 37 -9.96 0.53 4.23
CA GLU A 37 -10.29 -0.89 4.31
C GLU A 37 -9.12 -1.71 3.80
N ASP A 38 -8.80 -1.54 2.52
CA ASP A 38 -7.69 -2.26 1.90
C ASP A 38 -6.45 -2.18 2.77
N PHE A 39 -6.13 -0.98 3.24
CA PHE A 39 -4.97 -0.78 4.09
C PHE A 39 -5.11 -1.56 5.39
N SER A 40 -6.25 -1.40 6.05
CA SER A 40 -6.52 -2.07 7.31
C SER A 40 -6.63 -3.59 7.13
N ARG A 41 -6.74 -4.04 5.87
CA ARG A 41 -6.86 -5.47 5.60
C ARG A 41 -5.48 -6.09 5.33
N VAL A 42 -4.66 -5.37 4.57
CA VAL A 42 -3.32 -5.84 4.24
C VAL A 42 -2.32 -5.55 5.34
N PHE A 43 -2.49 -4.42 6.02
CA PHE A 43 -1.57 -4.04 7.08
C PHE A 43 -2.20 -4.16 8.47
N ALA A 44 -3.50 -3.89 8.56
CA ALA A 44 -4.21 -3.97 9.84
C ALA A 44 -3.89 -2.76 10.72
N MET A 45 -3.32 -1.73 10.11
CA MET A 45 -2.96 -0.51 10.82
C MET A 45 -3.45 0.71 10.06
N SER A 46 -3.50 1.84 10.76
CA SER A 46 -3.98 3.08 10.17
C SER A 46 -2.98 3.65 9.16
N PRO A 47 -3.48 4.20 8.04
CA PRO A 47 -2.61 4.80 7.03
C PRO A 47 -1.63 5.77 7.68
N GLU A 48 -2.03 6.34 8.81
CA GLU A 48 -1.19 7.26 9.55
C GLU A 48 -0.19 6.47 10.38
N GLU A 49 -0.63 5.30 10.86
CA GLU A 49 0.23 4.43 11.66
C GLU A 49 1.53 4.14 10.92
N PHE A 50 1.42 3.67 9.67
CA PHE A 50 2.60 3.37 8.84
C PHE A 50 3.65 4.48 8.95
N GLY A 51 3.28 5.68 8.50
CA GLY A 51 4.20 6.80 8.55
C GLY A 51 4.78 7.02 9.94
N LYS A 52 4.07 6.56 10.96
CA LYS A 52 4.52 6.72 12.33
C LYS A 52 5.20 5.45 12.85
N LEU A 53 5.30 4.43 12.00
CA LEU A 53 5.93 3.19 12.37
C LEU A 53 7.45 3.32 12.30
N ALA A 54 8.11 2.24 11.92
CA ALA A 54 9.58 2.23 11.82
C ALA A 54 10.03 1.73 10.44
N LEU A 55 11.32 1.84 10.19
CA LEU A 55 11.90 1.41 8.92
C LEU A 55 11.86 -0.10 8.76
N TRP A 56 11.89 -0.82 9.88
CA TRP A 56 11.83 -2.25 9.87
C TRP A 56 10.38 -2.67 9.82
N LYS A 57 9.55 -1.87 10.47
CA LYS A 57 8.11 -2.11 10.51
C LYS A 57 7.52 -1.85 9.12
N ARG A 58 7.65 -0.61 8.66
CA ARG A 58 7.16 -0.22 7.35
C ARG A 58 7.57 -1.25 6.31
N ASN A 59 8.81 -1.67 6.40
CA ASN A 59 9.35 -2.67 5.48
C ASN A 59 8.55 -3.97 5.58
N GLU A 60 8.68 -4.63 6.72
CA GLU A 60 7.97 -5.89 6.96
C GLU A 60 6.52 -5.84 6.49
N LEU A 61 5.87 -4.70 6.71
CA LEU A 61 4.48 -4.53 6.28
C LEU A 61 4.41 -4.62 4.77
N LYS A 62 5.04 -3.67 4.11
CA LYS A 62 5.08 -3.65 2.65
C LYS A 62 5.65 -4.97 2.14
N LYS A 63 6.42 -5.63 3.01
CA LYS A 63 7.04 -6.90 2.69
C LYS A 63 6.08 -8.07 2.89
N LYS A 64 5.17 -7.92 3.85
CA LYS A 64 4.18 -8.93 4.16
C LYS A 64 2.89 -8.64 3.41
N ALA A 65 2.71 -7.36 3.09
CA ALA A 65 1.55 -6.90 2.36
C ALA A 65 1.68 -7.18 0.87
N GLU A 66 2.79 -7.81 0.49
CA GLU A 66 3.05 -8.13 -0.90
C GLU A 66 3.38 -6.88 -1.71
N LEU A 67 3.58 -5.76 -1.03
CA LEU A 67 3.91 -4.50 -1.68
C LEU A 67 5.10 -3.77 -1.07
N PHE A 68 6.29 -4.36 -1.24
CA PHE A 68 7.52 -3.74 -0.74
C PHE A 68 8.54 -3.65 -1.88
N PRO A 1 -9.84 15.93 -1.38
CA PRO A 1 -8.72 16.67 -2.02
C PRO A 1 -7.38 15.95 -1.80
N GLY A 2 -7.39 14.63 -1.95
CA GLY A 2 -6.18 13.86 -1.78
C GLY A 2 -5.75 13.16 -3.04
N LEU A 3 -5.59 11.85 -2.95
CA LEU A 3 -5.16 11.05 -4.08
C LEU A 3 -6.23 10.02 -4.43
N GLN A 4 -6.11 9.45 -5.64
CA GLN A 4 -7.07 8.44 -6.09
C GLN A 4 -6.81 7.10 -5.42
N ILE A 5 -7.84 6.57 -4.77
CA ILE A 5 -7.75 5.29 -4.08
C ILE A 5 -8.29 4.15 -4.95
N TYR A 6 -7.52 3.07 -5.06
CA TYR A 6 -7.93 1.94 -5.87
C TYR A 6 -7.81 0.63 -5.08
N PRO A 7 -8.27 -0.49 -5.68
CA PRO A 7 -8.21 -1.81 -5.04
C PRO A 7 -6.79 -2.17 -4.59
N TYR A 8 -6.69 -3.19 -3.74
CA TYR A 8 -5.38 -3.62 -3.25
C TYR A 8 -4.74 -4.60 -4.24
N GLU A 9 -5.43 -5.70 -4.51
CA GLU A 9 -4.94 -6.70 -5.46
C GLU A 9 -4.54 -6.04 -6.78
N MET A 10 -5.15 -4.90 -7.07
CA MET A 10 -4.85 -4.16 -8.29
C MET A 10 -3.66 -3.23 -8.06
N LEU A 11 -3.50 -2.79 -6.82
CA LEU A 11 -2.42 -1.89 -6.45
C LEU A 11 -1.15 -2.65 -6.09
N VAL A 12 -1.28 -3.95 -5.84
CA VAL A 12 -0.12 -4.79 -5.49
C VAL A 12 1.04 -4.53 -6.44
N VAL A 13 2.24 -4.97 -6.07
CA VAL A 13 3.41 -4.73 -6.90
C VAL A 13 3.84 -5.94 -7.74
N THR A 14 4.33 -6.97 -7.07
CA THR A 14 4.79 -8.17 -7.77
C THR A 14 3.81 -9.33 -7.61
N ASN A 15 3.82 -9.92 -6.42
CA ASN A 15 2.97 -11.07 -6.09
C ASN A 15 1.71 -11.16 -6.96
N LYS A 16 1.01 -10.04 -7.12
CA LYS A 16 -0.22 -10.02 -7.90
C LYS A 16 0.01 -9.47 -9.31
N GLY A 17 0.97 -8.55 -9.44
CA GLY A 17 1.24 -7.97 -10.75
C GLY A 17 2.69 -7.53 -10.91
N ARG A 18 2.87 -6.35 -11.48
CA ARG A 18 4.20 -5.79 -11.70
C ARG A 18 4.23 -4.32 -11.32
N THR A 19 3.90 -3.45 -12.26
CA THR A 19 3.86 -2.01 -12.00
C THR A 19 2.71 -1.38 -12.79
N LYS A 20 1.80 -2.25 -13.20
CA LYS A 20 0.61 -1.87 -13.96
C LYS A 20 -0.38 -1.11 -13.09
N LEU A 21 0.15 -0.23 -12.24
CA LEU A 21 -0.65 0.55 -11.33
C LEU A 21 -1.68 1.41 -12.04
N PRO A 22 -2.85 1.60 -11.41
CA PRO A 22 -3.90 2.45 -11.97
C PRO A 22 -3.35 3.84 -12.28
N PRO A 23 -4.22 4.80 -12.65
CA PRO A 23 -3.78 6.16 -12.97
C PRO A 23 -3.27 6.93 -11.76
N GLY A 24 -1.96 7.13 -11.69
CA GLY A 24 -1.37 7.88 -10.59
C GLY A 24 -0.92 7.04 -9.40
N VAL A 25 -0.28 5.90 -9.66
CA VAL A 25 0.20 5.05 -8.57
C VAL A 25 1.64 4.60 -8.79
N ASP A 26 2.45 4.79 -7.76
CA ASP A 26 3.86 4.42 -7.80
C ASP A 26 4.26 3.72 -6.51
N ARG A 27 5.21 2.79 -6.60
CA ARG A 27 5.68 2.05 -5.43
C ARG A 27 6.16 2.99 -4.32
N MET A 28 6.50 4.23 -4.68
CA MET A 28 6.97 5.21 -3.72
C MET A 28 6.05 5.29 -2.51
N ARG A 29 4.74 5.26 -2.75
CA ARG A 29 3.76 5.33 -1.67
C ARG A 29 2.53 4.49 -2.00
N LEU A 30 2.76 3.27 -2.48
CA LEU A 30 1.67 2.38 -2.83
C LEU A 30 0.82 2.08 -1.60
N GLU A 31 1.46 2.06 -0.43
CA GLU A 31 0.76 1.83 0.82
C GLU A 31 0.02 3.10 1.27
N ARG A 32 -0.05 4.07 0.37
CA ARG A 32 -0.72 5.33 0.64
C ARG A 32 -1.91 5.51 -0.30
N HIS A 33 -1.90 4.71 -1.36
CA HIS A 33 -2.96 4.75 -2.37
C HIS A 33 -4.08 3.79 -2.02
N LEU A 34 -3.91 3.03 -0.94
CA LEU A 34 -4.90 2.07 -0.50
C LEU A 34 -5.96 2.76 0.36
N SER A 35 -7.19 2.27 0.24
CA SER A 35 -8.31 2.82 1.01
C SER A 35 -8.30 2.27 2.43
N ALA A 36 -9.05 2.92 3.30
CA ALA A 36 -9.13 2.49 4.70
C ALA A 36 -9.47 1.01 4.79
N GLU A 37 -10.15 0.49 3.78
CA GLU A 37 -10.51 -0.92 3.75
C GLU A 37 -9.31 -1.74 3.30
N ASP A 38 -8.76 -1.37 2.15
CA ASP A 38 -7.60 -2.05 1.59
C ASP A 38 -6.44 -2.02 2.57
N PHE A 39 -6.13 -0.84 3.09
CA PHE A 39 -5.03 -0.68 4.03
C PHE A 39 -5.23 -1.56 5.27
N SER A 40 -6.27 -1.25 6.04
CA SER A 40 -6.57 -1.98 7.26
C SER A 40 -6.77 -3.48 6.99
N ARG A 41 -7.01 -3.82 5.73
CA ARG A 41 -7.23 -5.21 5.35
C ARG A 41 -5.91 -5.91 5.02
N VAL A 42 -4.93 -5.14 4.54
CA VAL A 42 -3.63 -5.70 4.19
C VAL A 42 -2.62 -5.52 5.31
N PHE A 43 -2.63 -4.34 5.94
CA PHE A 43 -1.69 -4.05 7.02
C PHE A 43 -2.35 -4.20 8.40
N ALA A 44 -3.63 -3.83 8.50
CA ALA A 44 -4.35 -3.91 9.77
C ALA A 44 -3.96 -2.77 10.70
N MET A 45 -3.35 -1.74 10.11
CA MET A 45 -2.89 -0.57 10.85
C MET A 45 -3.39 0.69 10.18
N SER A 46 -3.43 1.78 10.94
CA SER A 46 -3.91 3.06 10.43
C SER A 46 -2.94 3.67 9.44
N PRO A 47 -3.45 4.24 8.32
CA PRO A 47 -2.60 4.88 7.32
C PRO A 47 -1.60 5.83 7.98
N GLU A 48 -2.00 6.38 9.12
CA GLU A 48 -1.15 7.28 9.88
C GLU A 48 -0.13 6.47 10.66
N GLU A 49 -0.54 5.29 11.11
CA GLU A 49 0.33 4.41 11.87
C GLU A 49 1.61 4.12 11.06
N PHE A 50 1.44 3.63 9.84
CA PHE A 50 2.57 3.33 8.95
C PHE A 50 3.65 4.42 9.02
N GLY A 51 3.28 5.63 8.59
CA GLY A 51 4.22 6.74 8.61
C GLY A 51 4.83 6.97 9.99
N LYS A 52 4.15 6.50 11.03
CA LYS A 52 4.65 6.66 12.39
C LYS A 52 5.31 5.37 12.90
N LEU A 53 5.41 4.37 12.04
CA LEU A 53 6.01 3.10 12.39
C LEU A 53 7.54 3.19 12.31
N ALA A 54 8.17 2.13 11.83
CA ALA A 54 9.62 2.10 11.70
C ALA A 54 10.05 1.71 10.29
N LEU A 55 11.33 1.39 10.13
CA LEU A 55 11.87 1.01 8.82
C LEU A 55 11.77 -0.50 8.62
N TRP A 56 11.74 -1.23 9.71
CA TRP A 56 11.64 -2.67 9.67
C TRP A 56 10.17 -3.05 9.64
N LYS A 57 9.38 -2.21 10.29
CA LYS A 57 7.93 -2.39 10.34
C LYS A 57 7.35 -2.12 8.96
N ARG A 58 7.50 -0.88 8.49
CA ARG A 58 7.01 -0.48 7.18
C ARG A 58 7.43 -1.50 6.14
N ASN A 59 8.68 -1.93 6.22
CA ASN A 59 9.23 -2.91 5.30
C ASN A 59 8.40 -4.19 5.36
N GLU A 60 8.40 -4.86 6.51
CA GLU A 60 7.65 -6.09 6.70
C GLU A 60 6.22 -5.95 6.19
N LEU A 61 5.57 -4.83 6.51
CA LEU A 61 4.20 -4.58 6.07
C LEU A 61 4.13 -4.58 4.56
N LYS A 62 4.86 -3.63 3.96
CA LYS A 62 4.92 -3.53 2.51
C LYS A 62 5.49 -4.82 1.92
N LYS A 63 6.17 -5.58 2.77
CA LYS A 63 6.77 -6.85 2.37
C LYS A 63 5.79 -8.00 2.51
N LYS A 64 4.80 -7.83 3.38
CA LYS A 64 3.76 -8.83 3.60
C LYS A 64 2.55 -8.50 2.75
N ALA A 65 2.35 -7.20 2.55
CA ALA A 65 1.25 -6.69 1.76
C ALA A 65 1.46 -6.90 0.27
N GLU A 66 2.55 -7.59 -0.10
CA GLU A 66 2.84 -7.84 -1.51
C GLU A 66 3.15 -6.52 -2.23
N LEU A 67 3.55 -5.51 -1.46
CA LEU A 67 3.87 -4.20 -2.01
C LEU A 67 5.06 -3.54 -1.32
N PHE A 68 6.23 -4.17 -1.47
CA PHE A 68 7.46 -3.62 -0.90
C PHE A 68 8.52 -3.42 -1.98
N PRO A 1 -6.26 18.46 -3.40
CA PRO A 1 -7.50 17.65 -3.21
C PRO A 1 -7.20 16.28 -2.62
N GLY A 2 -6.27 15.56 -3.25
CA GLY A 2 -5.91 14.24 -2.77
C GLY A 2 -5.71 13.25 -3.90
N LEU A 3 -5.65 11.98 -3.54
CA LEU A 3 -5.45 10.92 -4.53
C LEU A 3 -6.64 9.97 -4.55
N GLN A 4 -6.73 9.18 -5.62
CA GLN A 4 -7.81 8.21 -5.78
C GLN A 4 -7.47 6.87 -5.14
N ILE A 5 -8.44 6.29 -4.46
CA ILE A 5 -8.27 5.00 -3.79
C ILE A 5 -8.82 3.86 -4.65
N TYR A 6 -8.16 2.71 -4.61
CA TYR A 6 -8.59 1.56 -5.40
C TYR A 6 -8.38 0.26 -4.63
N PRO A 7 -8.77 -0.88 -5.23
CA PRO A 7 -8.59 -2.19 -4.59
C PRO A 7 -7.14 -2.42 -4.17
N TYR A 8 -6.89 -3.50 -3.45
CA TYR A 8 -5.53 -3.80 -3.00
C TYR A 8 -4.74 -4.55 -4.08
N GLU A 9 -5.25 -5.72 -4.48
CA GLU A 9 -4.60 -6.54 -5.49
C GLU A 9 -4.18 -5.73 -6.72
N MET A 10 -4.86 -4.61 -6.96
CA MET A 10 -4.56 -3.76 -8.10
C MET A 10 -3.39 -2.81 -7.81
N LEU A 11 -3.08 -2.64 -6.53
CA LEU A 11 -1.99 -1.74 -6.13
C LEU A 11 -0.78 -2.53 -5.64
N VAL A 12 -0.81 -3.85 -5.80
CA VAL A 12 0.29 -4.69 -5.37
C VAL A 12 1.49 -4.45 -6.26
N VAL A 13 2.69 -4.54 -5.68
CA VAL A 13 3.92 -4.27 -6.42
C VAL A 13 4.36 -5.40 -7.34
N THR A 14 4.75 -6.53 -6.77
CA THR A 14 5.22 -7.66 -7.56
C THR A 14 4.20 -8.80 -7.64
N ASN A 15 3.91 -9.37 -6.48
CA ASN A 15 2.98 -10.49 -6.34
C ASN A 15 1.82 -10.46 -7.35
N LYS A 16 1.29 -9.26 -7.63
CA LYS A 16 0.17 -9.15 -8.57
C LYS A 16 0.53 -8.33 -9.81
N GLY A 17 1.80 -8.31 -10.17
CA GLY A 17 2.23 -7.57 -11.34
C GLY A 17 3.53 -6.81 -11.10
N ARG A 18 3.61 -5.60 -11.64
CA ARG A 18 4.81 -4.79 -11.50
C ARG A 18 4.44 -3.31 -11.38
N THR A 19 4.26 -2.64 -12.51
CA THR A 19 3.90 -1.23 -12.53
C THR A 19 2.51 -1.05 -13.15
N LYS A 20 1.75 -2.13 -13.15
CA LYS A 20 0.40 -2.14 -13.72
C LYS A 20 -0.59 -1.40 -12.83
N LEU A 21 -0.08 -0.56 -11.95
CA LEU A 21 -0.91 0.21 -11.04
C LEU A 21 -1.92 1.09 -11.76
N PRO A 22 -3.06 1.34 -11.11
CA PRO A 22 -4.11 2.20 -11.65
C PRO A 22 -3.56 3.60 -11.96
N PRO A 23 -4.41 4.55 -12.33
CA PRO A 23 -3.99 5.92 -12.64
C PRO A 23 -3.62 6.70 -11.37
N GLY A 24 -2.32 6.93 -11.18
CA GLY A 24 -1.87 7.67 -10.00
C GLY A 24 -1.19 6.79 -8.97
N VAL A 25 -1.31 5.47 -9.13
CA VAL A 25 -0.71 4.53 -8.19
C VAL A 25 0.68 4.12 -8.64
N ASP A 26 1.65 4.29 -7.73
CA ASP A 26 3.04 3.98 -8.01
C ASP A 26 3.72 3.38 -6.77
N ARG A 27 4.68 2.49 -7.00
CA ARG A 27 5.40 1.86 -5.91
C ARG A 27 5.83 2.85 -4.84
N MET A 28 6.03 4.10 -5.24
CA MET A 28 6.45 5.16 -4.32
C MET A 28 5.56 5.21 -3.08
N ARG A 29 4.25 5.08 -3.27
CA ARG A 29 3.31 5.13 -2.16
C ARG A 29 2.13 4.18 -2.38
N LEU A 30 2.43 2.95 -2.78
CA LEU A 30 1.39 1.97 -3.03
C LEU A 30 0.59 1.68 -1.77
N GLU A 31 1.24 1.79 -0.61
CA GLU A 31 0.56 1.56 0.65
C GLU A 31 -0.18 2.82 1.11
N ARG A 32 -0.34 3.79 0.21
CA ARG A 32 -1.03 5.03 0.51
C ARG A 32 -2.26 5.16 -0.38
N HIS A 33 -2.30 4.37 -1.44
CA HIS A 33 -3.39 4.37 -2.38
C HIS A 33 -4.48 3.39 -1.97
N LEU A 34 -4.23 2.65 -0.89
CA LEU A 34 -5.18 1.68 -0.38
C LEU A 34 -6.22 2.34 0.51
N SER A 35 -7.44 1.83 0.47
CA SER A 35 -8.52 2.37 1.27
C SER A 35 -8.47 1.80 2.68
N ALA A 36 -9.22 2.40 3.58
CA ALA A 36 -9.25 1.96 4.97
C ALA A 36 -9.54 0.46 5.06
N GLU A 37 -10.24 -0.07 4.06
CA GLU A 37 -10.55 -1.49 4.02
C GLU A 37 -9.35 -2.27 3.52
N ASP A 38 -8.84 -1.85 2.38
CA ASP A 38 -7.68 -2.50 1.76
C ASP A 38 -6.47 -2.41 2.69
N PHE A 39 -6.19 -1.21 3.19
CA PHE A 39 -5.06 -1.00 4.08
C PHE A 39 -5.15 -1.89 5.32
N SER A 40 -6.21 -1.69 6.10
CA SER A 40 -6.43 -2.46 7.31
C SER A 40 -6.55 -3.96 7.01
N ARG A 41 -6.77 -4.30 5.75
CA ARG A 41 -6.91 -5.70 5.34
C ARG A 41 -5.55 -6.31 4.99
N VAL A 42 -4.63 -5.49 4.51
CA VAL A 42 -3.30 -5.97 4.14
C VAL A 42 -2.28 -5.74 5.25
N PHE A 43 -2.34 -4.56 5.87
CA PHE A 43 -1.41 -4.22 6.94
C PHE A 43 -2.01 -4.45 8.32
N ALA A 44 -3.32 -4.24 8.44
CA ALA A 44 -4.02 -4.41 9.72
C ALA A 44 -3.75 -3.23 10.65
N MET A 45 -3.22 -2.15 10.10
CA MET A 45 -2.90 -0.95 10.86
C MET A 45 -3.47 0.28 10.17
N SER A 46 -3.57 1.37 10.93
CA SER A 46 -4.13 2.61 10.42
C SER A 46 -3.19 3.28 9.44
N PRO A 47 -3.73 3.87 8.35
CA PRO A 47 -2.92 4.58 7.36
C PRO A 47 -1.96 5.54 8.04
N GLU A 48 -2.38 6.04 9.21
CA GLU A 48 -1.57 6.95 9.99
C GLU A 48 -0.51 6.16 10.76
N GLU A 49 -0.88 4.95 11.18
CA GLU A 49 0.03 4.08 11.90
C GLU A 49 1.33 3.91 11.11
N PHE A 50 1.22 3.50 9.84
CA PHE A 50 2.39 3.32 8.97
C PHE A 50 3.36 4.48 9.10
N GLY A 51 2.93 5.68 8.71
CA GLY A 51 3.78 6.85 8.80
C GLY A 51 4.38 7.04 10.19
N LYS A 52 3.71 6.49 11.20
CA LYS A 52 4.18 6.62 12.57
C LYS A 52 4.97 5.37 13.00
N LEU A 53 5.11 4.41 12.09
CA LEU A 53 5.83 3.19 12.39
C LEU A 53 7.34 3.43 12.27
N ALA A 54 8.06 2.43 11.81
CA ALA A 54 9.52 2.54 11.65
C ALA A 54 9.94 2.17 10.23
N LEU A 55 11.26 2.14 10.01
CA LEU A 55 11.80 1.80 8.70
C LEU A 55 11.83 0.29 8.49
N TRP A 56 11.91 -0.45 9.58
CA TRP A 56 11.92 -1.89 9.53
C TRP A 56 10.49 -2.37 9.52
N LYS A 57 9.64 -1.63 10.21
CA LYS A 57 8.22 -1.95 10.27
C LYS A 57 7.59 -1.70 8.91
N ARG A 58 7.64 -0.45 8.45
CA ARG A 58 7.09 -0.08 7.15
C ARG A 58 7.55 -1.06 6.10
N ASN A 59 8.83 -1.39 6.17
CA ASN A 59 9.42 -2.34 5.23
C ASN A 59 8.68 -3.69 5.29
N GLU A 60 8.83 -4.37 6.41
CA GLU A 60 8.18 -5.67 6.63
C GLU A 60 6.73 -5.65 6.19
N LEU A 61 6.02 -4.55 6.46
CA LEU A 61 4.63 -4.44 6.06
C LEU A 61 4.51 -4.48 4.56
N LYS A 62 5.10 -3.48 3.92
CA LYS A 62 5.11 -3.41 2.46
C LYS A 62 5.71 -4.69 1.89
N LYS A 63 6.52 -5.35 2.71
CA LYS A 63 7.19 -6.58 2.33
C LYS A 63 6.29 -7.79 2.55
N LYS A 64 5.39 -7.69 3.51
CA LYS A 64 4.45 -8.76 3.82
C LYS A 64 3.12 -8.51 3.12
N ALA A 65 2.88 -7.23 2.80
CA ALA A 65 1.67 -6.82 2.13
C ALA A 65 1.76 -7.03 0.63
N GLU A 66 2.86 -7.62 0.17
CA GLU A 66 3.06 -7.87 -1.26
C GLU A 66 3.35 -6.58 -2.01
N LEU A 67 3.62 -5.50 -1.27
CA LEU A 67 3.90 -4.21 -1.89
C LEU A 67 5.08 -3.46 -1.26
N PHE A 68 6.28 -3.97 -1.48
CA PHE A 68 7.50 -3.32 -0.98
C PHE A 68 8.50 -3.14 -2.12
N PRO A 1 -9.94 13.88 -1.37
CA PRO A 1 -8.79 14.72 -0.94
C PRO A 1 -7.50 13.91 -0.84
N GLY A 2 -6.54 14.22 -1.69
CA GLY A 2 -5.27 13.52 -1.70
C GLY A 2 -5.02 12.78 -2.98
N LEU A 3 -4.96 11.45 -2.89
CA LEU A 3 -4.72 10.61 -4.05
C LEU A 3 -5.91 9.68 -4.30
N GLN A 4 -5.94 9.09 -5.49
CA GLN A 4 -7.02 8.18 -5.86
C GLN A 4 -6.84 6.83 -5.20
N ILE A 5 -7.92 6.30 -4.64
CA ILE A 5 -7.89 5.00 -3.97
C ILE A 5 -8.36 3.89 -4.90
N TYR A 6 -7.60 2.79 -4.94
CA TYR A 6 -7.94 1.66 -5.79
C TYR A 6 -7.78 0.34 -5.03
N PRO A 7 -8.38 -0.75 -5.54
CA PRO A 7 -8.28 -2.08 -4.90
C PRO A 7 -6.85 -2.39 -4.49
N TYR A 8 -6.67 -3.47 -3.73
CA TYR A 8 -5.35 -3.86 -3.27
C TYR A 8 -4.61 -4.69 -4.32
N GLU A 9 -5.16 -5.85 -4.64
CA GLU A 9 -4.56 -6.75 -5.64
C GLU A 9 -4.06 -5.98 -6.86
N MET A 10 -4.89 -5.10 -7.38
CA MET A 10 -4.52 -4.30 -8.55
C MET A 10 -3.43 -3.29 -8.17
N LEU A 11 -3.44 -2.89 -6.91
CA LEU A 11 -2.46 -1.94 -6.40
C LEU A 11 -1.20 -2.63 -5.87
N VAL A 12 -1.13 -3.95 -6.02
CA VAL A 12 0.03 -4.69 -5.56
C VAL A 12 1.27 -4.28 -6.35
N VAL A 13 2.43 -4.30 -5.69
CA VAL A 13 3.68 -3.88 -6.34
C VAL A 13 4.22 -4.92 -7.33
N THR A 14 4.64 -6.07 -6.81
CA THR A 14 5.21 -7.12 -7.66
C THR A 14 4.24 -8.28 -7.84
N ASN A 15 4.08 -9.05 -6.77
CA ASN A 15 3.22 -10.23 -6.74
C ASN A 15 2.08 -10.19 -7.76
N LYS A 16 1.24 -9.15 -7.70
CA LYS A 16 0.12 -9.04 -8.62
C LYS A 16 0.22 -7.82 -9.53
N GLY A 17 1.43 -7.36 -9.79
CA GLY A 17 1.62 -6.20 -10.65
C GLY A 17 3.05 -5.71 -10.69
N ARG A 18 3.23 -4.49 -11.20
CA ARG A 18 4.55 -3.89 -11.31
C ARG A 18 4.46 -2.37 -11.09
N THR A 19 4.12 -1.65 -12.16
CA THR A 19 3.99 -0.21 -12.11
C THR A 19 2.81 0.23 -12.99
N LYS A 20 2.01 -0.74 -13.40
CA LYS A 20 0.86 -0.51 -14.25
C LYS A 20 -0.41 -0.37 -13.43
N LEU A 21 -0.28 0.17 -12.24
CA LEU A 21 -1.43 0.37 -11.35
C LEU A 21 -2.44 1.27 -12.06
N PRO A 22 -3.68 1.38 -11.54
CA PRO A 22 -4.68 2.26 -12.15
C PRO A 22 -4.11 3.65 -12.42
N PRO A 23 -4.93 4.60 -12.88
CA PRO A 23 -4.46 5.95 -13.20
C PRO A 23 -3.98 6.74 -11.97
N GLY A 24 -2.66 6.93 -11.87
CA GLY A 24 -2.11 7.71 -10.77
C GLY A 24 -1.54 6.88 -9.62
N VAL A 25 -0.80 5.82 -9.92
CA VAL A 25 -0.22 4.98 -8.87
C VAL A 25 1.20 4.54 -9.17
N ASP A 26 2.00 4.56 -8.10
CA ASP A 26 3.40 4.15 -8.17
C ASP A 26 3.78 3.44 -6.86
N ARG A 27 4.61 2.41 -6.98
CA ARG A 27 5.03 1.64 -5.81
C ARG A 27 5.64 2.55 -4.73
N MET A 28 6.08 3.74 -5.13
CA MET A 28 6.69 4.68 -4.19
C MET A 28 5.86 4.84 -2.91
N ARG A 29 4.53 4.92 -3.08
CA ARG A 29 3.64 5.08 -1.92
C ARG A 29 2.38 4.23 -2.09
N LEU A 30 2.52 3.08 -2.72
CA LEU A 30 1.39 2.19 -2.93
C LEU A 30 0.62 1.92 -1.64
N GLU A 31 1.33 1.86 -0.51
CA GLU A 31 0.69 1.64 0.78
C GLU A 31 -0.11 2.87 1.21
N ARG A 32 -0.18 3.87 0.33
CA ARG A 32 -0.91 5.09 0.62
C ARG A 32 -2.10 5.22 -0.34
N HIS A 33 -2.07 4.41 -1.39
CA HIS A 33 -3.12 4.41 -2.39
C HIS A 33 -4.23 3.43 -2.01
N LEU A 34 -4.02 2.69 -0.93
CA LEU A 34 -4.99 1.72 -0.46
C LEU A 34 -6.05 2.39 0.41
N SER A 35 -7.28 1.93 0.27
CA SER A 35 -8.38 2.48 1.05
C SER A 35 -8.36 1.89 2.45
N ALA A 36 -9.15 2.49 3.35
CA ALA A 36 -9.20 2.01 4.73
C ALA A 36 -9.37 0.50 4.77
N GLU A 37 -10.30 0.00 3.95
CA GLU A 37 -10.54 -1.45 3.89
C GLU A 37 -9.29 -2.18 3.45
N ASP A 38 -8.78 -1.80 2.28
CA ASP A 38 -7.59 -2.41 1.72
C ASP A 38 -6.42 -2.33 2.71
N PHE A 39 -6.10 -1.12 3.15
CA PHE A 39 -4.99 -0.93 4.09
C PHE A 39 -5.20 -1.76 5.35
N SER A 40 -6.31 -1.51 6.04
CA SER A 40 -6.62 -2.24 7.28
C SER A 40 -6.78 -3.74 7.03
N ARG A 41 -6.90 -4.12 5.76
CA ARG A 41 -7.08 -5.53 5.40
C ARG A 41 -5.73 -6.19 5.09
N VAL A 42 -4.79 -5.40 4.58
CA VAL A 42 -3.48 -5.92 4.23
C VAL A 42 -2.47 -5.71 5.36
N PHE A 43 -2.57 -4.57 6.04
CA PHE A 43 -1.67 -4.24 7.13
C PHE A 43 -2.33 -4.41 8.49
N ALA A 44 -3.63 -4.11 8.56
CA ALA A 44 -4.38 -4.21 9.82
C ALA A 44 -4.06 -3.03 10.74
N MET A 45 -3.46 -1.99 10.18
CA MET A 45 -3.09 -0.80 10.93
C MET A 45 -3.59 0.45 10.23
N SER A 46 -3.65 1.54 10.96
CA SER A 46 -4.13 2.81 10.44
C SER A 46 -3.13 3.43 9.46
N PRO A 47 -3.63 4.01 8.35
CA PRO A 47 -2.77 4.65 7.36
C PRO A 47 -1.76 5.57 8.03
N GLU A 48 -2.17 6.11 9.18
CA GLU A 48 -1.31 6.99 9.96
C GLU A 48 -0.32 6.16 10.75
N GLU A 49 -0.77 4.98 11.19
CA GLU A 49 0.09 4.08 11.95
C GLU A 49 1.39 3.81 11.19
N PHE A 50 1.27 3.41 9.93
CA PHE A 50 2.43 3.15 9.07
C PHE A 50 3.48 4.25 9.20
N GLY A 51 3.11 5.46 8.79
CA GLY A 51 4.01 6.59 8.87
C GLY A 51 4.59 6.77 10.25
N LYS A 52 3.87 6.28 11.26
CA LYS A 52 4.32 6.39 12.64
C LYS A 52 5.04 5.12 13.11
N LEU A 53 5.14 4.14 12.21
CA LEU A 53 5.80 2.90 12.52
C LEU A 53 7.33 3.07 12.44
N ALA A 54 8.02 2.04 12.00
CA ALA A 54 9.48 2.08 11.86
C ALA A 54 9.92 1.68 10.46
N LEU A 55 11.19 1.91 10.16
CA LEU A 55 11.75 1.57 8.86
C LEU A 55 11.77 0.07 8.61
N TRP A 56 11.86 -0.70 9.69
CA TRP A 56 11.88 -2.14 9.60
C TRP A 56 10.45 -2.63 9.59
N LYS A 57 9.60 -1.92 10.32
CA LYS A 57 8.18 -2.25 10.38
C LYS A 57 7.53 -1.93 9.04
N ARG A 58 7.60 -0.67 8.64
CA ARG A 58 7.04 -0.23 7.36
C ARG A 58 7.47 -1.17 6.25
N ASN A 59 8.74 -1.53 6.28
CA ASN A 59 9.30 -2.43 5.29
C ASN A 59 8.57 -3.78 5.33
N GLU A 60 8.75 -4.51 6.43
CA GLU A 60 8.11 -5.82 6.61
C GLU A 60 6.65 -5.80 6.15
N LEU A 61 5.94 -4.73 6.46
CA LEU A 61 4.54 -4.61 6.06
C LEU A 61 4.43 -4.62 4.56
N LYS A 62 5.00 -3.60 3.94
CA LYS A 62 5.00 -3.49 2.49
C LYS A 62 5.69 -4.70 1.88
N LYS A 63 6.51 -5.37 2.69
CA LYS A 63 7.25 -6.54 2.27
C LYS A 63 6.40 -7.81 2.36
N LYS A 64 5.51 -7.85 3.36
CA LYS A 64 4.63 -8.98 3.55
C LYS A 64 3.28 -8.72 2.89
N ALA A 65 3.00 -7.44 2.66
CA ALA A 65 1.77 -7.01 2.03
C ALA A 65 1.85 -7.14 0.53
N GLU A 66 2.96 -7.67 0.02
CA GLU A 66 3.14 -7.84 -1.42
C GLU A 66 3.34 -6.50 -2.11
N LEU A 67 3.58 -5.45 -1.33
CA LEU A 67 3.78 -4.12 -1.89
C LEU A 67 4.94 -3.35 -1.27
N PHE A 68 6.17 -3.86 -1.47
CA PHE A 68 7.36 -3.19 -0.97
C PHE A 68 8.32 -2.87 -2.12
N PRO A 1 -9.09 14.28 -1.32
CA PRO A 1 -8.30 15.52 -1.11
C PRO A 1 -6.80 15.29 -1.34
N GLY A 2 -6.30 14.16 -0.82
CA GLY A 2 -4.90 13.84 -0.98
C GLY A 2 -4.60 13.12 -2.28
N LEU A 3 -4.56 11.80 -2.20
CA LEU A 3 -4.27 10.98 -3.36
C LEU A 3 -5.44 10.06 -3.69
N GLN A 4 -5.42 9.50 -4.89
CA GLN A 4 -6.48 8.60 -5.33
C GLN A 4 -6.32 7.22 -4.71
N ILE A 5 -7.44 6.62 -4.32
CA ILE A 5 -7.42 5.31 -3.69
C ILE A 5 -8.15 4.27 -4.56
N TYR A 6 -7.45 3.18 -4.85
CA TYR A 6 -8.01 2.10 -5.67
C TYR A 6 -7.90 0.75 -4.94
N PRO A 7 -8.56 -0.30 -5.48
CA PRO A 7 -8.52 -1.64 -4.88
C PRO A 7 -7.10 -2.07 -4.54
N TYR A 8 -6.98 -3.20 -3.85
CA TYR A 8 -5.67 -3.72 -3.46
C TYR A 8 -5.04 -4.53 -4.60
N GLU A 9 -5.73 -5.58 -5.03
CA GLU A 9 -5.25 -6.44 -6.11
C GLU A 9 -4.67 -5.63 -7.26
N MET A 10 -5.42 -4.62 -7.71
CA MET A 10 -4.97 -3.77 -8.81
C MET A 10 -3.79 -2.92 -8.35
N LEU A 11 -3.75 -2.61 -7.07
CA LEU A 11 -2.69 -1.81 -6.49
C LEU A 11 -1.48 -2.68 -6.10
N VAL A 12 -1.63 -3.99 -6.22
CA VAL A 12 -0.54 -4.91 -5.88
C VAL A 12 0.76 -4.52 -6.56
N VAL A 13 1.88 -4.97 -6.02
CA VAL A 13 3.19 -4.61 -6.56
C VAL A 13 3.83 -5.72 -7.41
N THR A 14 4.20 -6.83 -6.77
CA THR A 14 4.86 -7.93 -7.48
C THR A 14 3.93 -9.13 -7.70
N ASN A 15 3.50 -9.74 -6.60
CA ASN A 15 2.66 -10.93 -6.64
C ASN A 15 1.60 -10.89 -7.76
N LYS A 16 1.17 -9.70 -8.16
CA LYS A 16 0.17 -9.57 -9.22
C LYS A 16 0.74 -8.83 -10.44
N GLY A 17 2.04 -8.91 -10.62
CA GLY A 17 2.69 -8.24 -11.74
C GLY A 17 3.96 -7.53 -11.33
N ARG A 18 3.99 -6.22 -11.52
CA ARG A 18 5.14 -5.42 -11.15
C ARG A 18 4.71 -4.00 -10.81
N THR A 19 3.96 -3.38 -11.71
CA THR A 19 3.47 -2.03 -11.51
C THR A 19 1.99 -1.97 -11.89
N LYS A 20 1.73 -1.80 -13.19
CA LYS A 20 0.37 -1.76 -13.70
C LYS A 20 -0.57 -0.93 -12.82
N LEU A 21 0.00 -0.04 -12.02
CA LEU A 21 -0.77 0.79 -11.12
C LEU A 21 -1.74 1.70 -11.85
N PRO A 22 -2.93 1.91 -11.26
CA PRO A 22 -3.95 2.81 -11.82
C PRO A 22 -3.36 4.19 -12.02
N PRO A 23 -4.19 5.20 -12.36
CA PRO A 23 -3.72 6.56 -12.57
C PRO A 23 -3.34 7.27 -11.28
N GLY A 24 -2.02 7.46 -11.07
CA GLY A 24 -1.55 8.14 -9.88
C GLY A 24 -1.10 7.20 -8.76
N VAL A 25 -0.36 6.16 -9.12
CA VAL A 25 0.14 5.20 -8.13
C VAL A 25 1.58 4.79 -8.40
N ASP A 26 2.42 4.97 -7.38
CA ASP A 26 3.82 4.62 -7.47
C ASP A 26 4.24 3.82 -6.24
N ARG A 27 5.19 2.92 -6.43
CA ARG A 27 5.68 2.07 -5.34
C ARG A 27 6.17 2.88 -4.15
N MET A 28 6.51 4.15 -4.38
CA MET A 28 7.00 5.01 -3.31
C MET A 28 6.04 5.03 -2.12
N ARG A 29 4.74 4.99 -2.41
CA ARG A 29 3.73 4.99 -1.36
C ARG A 29 2.48 4.22 -1.80
N LEU A 30 2.67 2.97 -2.21
CA LEU A 30 1.57 2.15 -2.66
C LEU A 30 0.70 1.70 -1.48
N GLU A 31 1.34 1.53 -0.33
CA GLU A 31 0.63 1.13 0.88
C GLU A 31 -0.13 2.32 1.47
N ARG A 32 -0.17 3.42 0.73
CA ARG A 32 -0.89 4.61 1.18
C ARG A 32 -2.01 4.94 0.21
N HIS A 33 -2.05 4.22 -0.90
CA HIS A 33 -3.06 4.40 -1.93
C HIS A 33 -4.23 3.45 -1.71
N LEU A 34 -4.11 2.56 -0.72
CA LEU A 34 -5.15 1.61 -0.42
C LEU A 34 -6.22 2.21 0.47
N SER A 35 -7.46 1.82 0.24
CA SER A 35 -8.58 2.33 1.03
C SER A 35 -8.52 1.79 2.45
N ALA A 36 -9.25 2.45 3.35
CA ALA A 36 -9.27 2.04 4.75
C ALA A 36 -9.50 0.54 4.87
N GLU A 37 -10.23 -0.02 3.91
CA GLU A 37 -10.51 -1.45 3.90
C GLU A 37 -9.29 -2.22 3.41
N ASP A 38 -8.84 -1.88 2.22
CA ASP A 38 -7.68 -2.54 1.61
C ASP A 38 -6.47 -2.45 2.54
N PHE A 39 -6.26 -1.28 3.14
CA PHE A 39 -5.14 -1.09 4.03
C PHE A 39 -5.31 -1.87 5.34
N SER A 40 -6.37 -1.56 6.07
CA SER A 40 -6.63 -2.22 7.34
C SER A 40 -6.80 -3.73 7.17
N ARG A 41 -7.04 -4.19 5.94
CA ARG A 41 -7.22 -5.62 5.71
C ARG A 41 -5.89 -6.29 5.33
N VAL A 42 -4.96 -5.51 4.77
CA VAL A 42 -3.66 -6.04 4.39
C VAL A 42 -2.61 -5.73 5.45
N PHE A 43 -2.81 -4.62 6.16
CA PHE A 43 -1.86 -4.21 7.19
C PHE A 43 -2.46 -4.27 8.59
N ALA A 44 -3.77 -4.12 8.69
CA ALA A 44 -4.47 -4.15 9.99
C ALA A 44 -4.20 -2.88 10.78
N MET A 45 -3.48 -1.94 10.16
CA MET A 45 -3.14 -0.67 10.80
C MET A 45 -3.86 0.49 10.16
N SER A 46 -3.58 1.66 10.68
CA SER A 46 -4.17 2.89 10.19
C SER A 46 -3.25 3.55 9.17
N PRO A 47 -3.79 4.13 8.10
CA PRO A 47 -2.97 4.82 7.10
C PRO A 47 -2.01 5.79 7.77
N GLU A 48 -2.39 6.23 8.96
CA GLU A 48 -1.58 7.16 9.74
C GLU A 48 -0.55 6.38 10.56
N GLU A 49 -0.83 5.11 10.86
CA GLU A 49 0.08 4.29 11.62
C GLU A 49 1.37 4.09 10.84
N PHE A 50 1.24 3.75 9.56
CA PHE A 50 2.41 3.55 8.69
C PHE A 50 3.40 4.70 8.82
N GLY A 51 2.97 5.89 8.40
CA GLY A 51 3.84 7.05 8.48
C GLY A 51 4.50 7.20 9.84
N LYS A 52 3.84 6.68 10.87
CA LYS A 52 4.36 6.77 12.24
C LYS A 52 5.22 5.55 12.57
N LEU A 53 5.25 4.57 11.66
CA LEU A 53 6.02 3.37 11.85
C LEU A 53 7.51 3.67 11.59
N ALA A 54 8.22 2.67 11.11
CA ALA A 54 9.65 2.80 10.82
C ALA A 54 9.97 2.37 9.40
N LEU A 55 11.24 2.53 9.01
CA LEU A 55 11.68 2.16 7.67
C LEU A 55 11.77 0.64 7.51
N TRP A 56 11.99 -0.04 8.62
CA TRP A 56 12.08 -1.48 8.62
C TRP A 56 10.68 -2.04 8.73
N LYS A 57 9.84 -1.30 9.45
CA LYS A 57 8.45 -1.68 9.63
C LYS A 57 7.71 -1.53 8.31
N ARG A 58 7.66 -0.30 7.79
CA ARG A 58 7.01 -0.02 6.52
C ARG A 58 7.43 -1.04 5.48
N ASN A 59 8.73 -1.31 5.45
CA ASN A 59 9.28 -2.29 4.53
C ASN A 59 8.64 -3.66 4.74
N GLU A 60 8.93 -4.27 5.88
CA GLU A 60 8.38 -5.58 6.24
C GLU A 60 6.89 -5.66 5.92
N LEU A 61 6.15 -4.61 6.28
CA LEU A 61 4.72 -4.59 6.01
C LEU A 61 4.49 -4.64 4.52
N LYS A 62 4.97 -3.62 3.82
CA LYS A 62 4.87 -3.59 2.36
C LYS A 62 5.39 -4.89 1.78
N LYS A 63 6.29 -5.52 2.54
CA LYS A 63 6.91 -6.77 2.15
C LYS A 63 6.03 -7.97 2.49
N LYS A 64 5.25 -7.86 3.55
CA LYS A 64 4.36 -8.94 3.98
C LYS A 64 2.95 -8.71 3.44
N ALA A 65 2.64 -7.45 3.16
CA ALA A 65 1.33 -7.07 2.64
C ALA A 65 1.22 -7.34 1.14
N GLU A 66 2.30 -7.87 0.56
CA GLU A 66 2.35 -8.19 -0.87
C GLU A 66 2.46 -6.92 -1.71
N LEU A 67 3.05 -5.87 -1.14
CA LEU A 67 3.24 -4.62 -1.85
C LEU A 67 4.47 -3.86 -1.39
N PHE A 68 5.64 -4.41 -1.70
CA PHE A 68 6.91 -3.77 -1.35
C PHE A 68 7.79 -3.61 -2.59
N PRO A 1 -2.87 17.40 -2.06
CA PRO A 1 -4.02 16.71 -2.68
C PRO A 1 -3.92 15.19 -2.54
N GLY A 2 -5.01 14.56 -2.11
CA GLY A 2 -5.02 13.12 -1.94
C GLY A 2 -4.93 12.38 -3.24
N LEU A 3 -4.89 11.06 -3.15
CA LEU A 3 -4.80 10.20 -4.33
C LEU A 3 -6.02 9.30 -4.45
N GLN A 4 -6.21 8.72 -5.62
CA GLN A 4 -7.33 7.83 -5.87
C GLN A 4 -7.09 6.45 -5.25
N ILE A 5 -8.07 5.99 -4.48
CA ILE A 5 -7.99 4.69 -3.80
C ILE A 5 -8.61 3.58 -4.65
N TYR A 6 -7.91 2.45 -4.74
CA TYR A 6 -8.39 1.31 -5.52
C TYR A 6 -8.19 0.02 -4.73
N PRO A 7 -8.76 -1.11 -5.19
CA PRO A 7 -8.60 -2.40 -4.52
C PRO A 7 -7.14 -2.69 -4.18
N TYR A 8 -6.90 -3.77 -3.42
CA TYR A 8 -5.56 -4.12 -3.02
C TYR A 8 -4.84 -4.94 -4.11
N GLU A 9 -5.37 -6.13 -4.40
CA GLU A 9 -4.78 -7.01 -5.40
C GLU A 9 -4.34 -6.23 -6.64
N MET A 10 -5.11 -5.22 -7.01
CA MET A 10 -4.77 -4.40 -8.17
C MET A 10 -3.65 -3.44 -7.82
N LEU A 11 -3.70 -2.91 -6.61
CA LEU A 11 -2.71 -1.97 -6.12
C LEU A 11 -1.40 -2.65 -5.73
N VAL A 12 -1.40 -3.98 -5.72
CA VAL A 12 -0.20 -4.75 -5.36
C VAL A 12 0.99 -4.30 -6.23
N VAL A 13 2.20 -4.53 -5.74
CA VAL A 13 3.40 -4.09 -6.47
C VAL A 13 3.83 -5.06 -7.56
N THR A 14 4.29 -6.23 -7.16
CA THR A 14 4.76 -7.24 -8.12
C THR A 14 3.76 -8.38 -8.28
N ASN A 15 3.44 -9.01 -7.15
CA ASN A 15 2.53 -10.15 -7.10
C ASN A 15 1.40 -10.05 -8.13
N LYS A 16 0.73 -8.90 -8.19
CA LYS A 16 -0.39 -8.72 -9.11
C LYS A 16 -0.14 -7.63 -10.15
N GLY A 17 1.12 -7.37 -10.48
CA GLY A 17 1.42 -6.35 -11.48
C GLY A 17 2.73 -5.64 -11.23
N ARG A 18 2.78 -4.36 -11.60
CA ARG A 18 3.99 -3.56 -11.43
C ARG A 18 3.64 -2.13 -10.97
N THR A 19 3.68 -1.17 -11.91
CA THR A 19 3.35 0.22 -11.59
C THR A 19 2.21 0.70 -12.48
N LYS A 20 1.59 -0.23 -13.19
CA LYS A 20 0.48 0.07 -14.09
C LYS A 20 -0.85 -0.13 -13.38
N LEU A 21 -0.87 0.14 -12.10
CA LEU A 21 -2.07 -0.01 -11.29
C LEU A 21 -3.06 1.08 -11.72
N PRO A 22 -4.33 1.00 -11.28
CA PRO A 22 -5.36 1.98 -11.63
C PRO A 22 -4.79 3.39 -11.83
N PRO A 23 -5.40 4.20 -12.70
CA PRO A 23 -4.93 5.57 -12.97
C PRO A 23 -4.50 6.32 -11.71
N GLY A 24 -3.19 6.51 -11.56
CA GLY A 24 -2.67 7.23 -10.40
C GLY A 24 -1.99 6.34 -9.38
N VAL A 25 -1.17 5.40 -9.85
CA VAL A 25 -0.45 4.50 -8.94
C VAL A 25 1.02 4.40 -9.28
N ASP A 26 1.84 4.57 -8.25
CA ASP A 26 3.29 4.50 -8.37
C ASP A 26 3.90 3.88 -7.12
N ARG A 27 5.01 3.18 -7.29
CA ARG A 27 5.69 2.53 -6.17
C ARG A 27 6.02 3.54 -5.07
N MET A 28 6.04 4.82 -5.40
CA MET A 28 6.35 5.87 -4.44
C MET A 28 5.47 5.79 -3.20
N ARG A 29 4.18 5.53 -3.40
CA ARG A 29 3.24 5.44 -2.28
C ARG A 29 2.10 4.48 -2.59
N LEU A 30 2.43 3.20 -2.68
CA LEU A 30 1.45 2.18 -2.98
C LEU A 30 0.61 1.84 -1.75
N GLU A 31 1.25 1.67 -0.60
CA GLU A 31 0.54 1.37 0.63
C GLU A 31 -0.24 2.59 1.11
N ARG A 32 -0.38 3.59 0.24
CA ARG A 32 -1.12 4.80 0.56
C ARG A 32 -2.32 4.92 -0.38
N HIS A 33 -2.32 4.07 -1.40
CA HIS A 33 -3.39 4.03 -2.39
C HIS A 33 -4.49 3.08 -1.95
N LEU A 34 -4.25 2.35 -0.86
CA LEU A 34 -5.21 1.40 -0.35
C LEU A 34 -6.24 2.09 0.54
N SER A 35 -7.48 1.61 0.48
CA SER A 35 -8.55 2.17 1.29
C SER A 35 -8.43 1.70 2.73
N ALA A 36 -9.09 2.42 3.63
CA ALA A 36 -9.06 2.08 5.05
C ALA A 36 -9.30 0.58 5.25
N GLU A 37 -10.07 -0.01 4.35
CA GLU A 37 -10.36 -1.43 4.42
C GLU A 37 -9.14 -2.22 3.94
N ASP A 38 -8.80 -2.04 2.67
CA ASP A 38 -7.66 -2.73 2.08
C ASP A 38 -6.42 -2.61 2.97
N PHE A 39 -6.19 -1.41 3.49
CA PHE A 39 -5.04 -1.17 4.35
C PHE A 39 -5.11 -2.00 5.63
N SER A 40 -6.21 -1.85 6.36
CA SER A 40 -6.40 -2.58 7.62
C SER A 40 -6.44 -4.09 7.40
N ARG A 41 -6.59 -4.53 6.16
CA ARG A 41 -6.65 -5.96 5.86
C ARG A 41 -5.27 -6.51 5.55
N VAL A 42 -4.49 -5.73 4.80
CA VAL A 42 -3.15 -6.16 4.41
C VAL A 42 -2.11 -5.83 5.49
N PHE A 43 -2.27 -4.69 6.15
CA PHE A 43 -1.32 -4.28 7.18
C PHE A 43 -1.89 -4.45 8.59
N ALA A 44 -3.19 -4.27 8.74
CA ALA A 44 -3.85 -4.41 10.04
C ALA A 44 -3.56 -3.20 10.93
N MET A 45 -3.08 -2.13 10.31
CA MET A 45 -2.75 -0.90 11.02
C MET A 45 -3.34 0.32 10.31
N SER A 46 -3.42 1.42 11.03
CA SER A 46 -3.99 2.64 10.49
C SER A 46 -3.08 3.29 9.46
N PRO A 47 -3.65 3.84 8.37
CA PRO A 47 -2.87 4.51 7.34
C PRO A 47 -1.91 5.52 7.97
N GLU A 48 -2.31 6.03 9.13
CA GLU A 48 -1.50 6.99 9.87
C GLU A 48 -0.41 6.23 10.64
N GLU A 49 -0.75 5.01 11.07
CA GLU A 49 0.19 4.18 11.81
C GLU A 49 1.48 3.99 11.00
N PHE A 50 1.33 3.52 9.76
CA PHE A 50 2.49 3.30 8.86
C PHE A 50 3.47 4.47 8.93
N GLY A 51 3.02 5.64 8.51
CA GLY A 51 3.88 6.81 8.53
C GLY A 51 4.49 7.06 9.90
N LYS A 52 3.83 6.55 10.95
CA LYS A 52 4.31 6.72 12.31
C LYS A 52 5.10 5.49 12.78
N LEU A 53 5.24 4.50 11.91
CA LEU A 53 5.96 3.29 12.24
C LEU A 53 7.46 3.52 12.07
N ALA A 54 8.18 2.47 11.67
CA ALA A 54 9.63 2.56 11.49
C ALA A 54 10.06 2.08 10.11
N LEU A 55 11.28 2.41 9.72
CA LEU A 55 11.82 2.02 8.42
C LEU A 55 11.86 0.51 8.25
N TRP A 56 12.04 -0.20 9.35
CA TRP A 56 12.08 -1.64 9.33
C TRP A 56 10.66 -2.16 9.35
N LYS A 57 9.80 -1.41 10.05
CA LYS A 57 8.38 -1.73 10.12
C LYS A 57 7.77 -1.54 8.75
N ARG A 58 7.78 -0.28 8.27
CA ARG A 58 7.25 0.05 6.95
C ARG A 58 7.69 -0.98 5.93
N ASN A 59 8.96 -1.35 6.00
CA ASN A 59 9.52 -2.36 5.10
C ASN A 59 8.77 -3.69 5.26
N GLU A 60 8.97 -4.32 6.42
CA GLU A 60 8.33 -5.60 6.71
C GLU A 60 6.86 -5.61 6.31
N LEU A 61 6.16 -4.50 6.54
CA LEU A 61 4.75 -4.41 6.17
C LEU A 61 4.61 -4.53 4.67
N LYS A 62 5.18 -3.58 3.95
CA LYS A 62 5.14 -3.61 2.49
C LYS A 62 5.75 -4.90 1.99
N LYS A 63 6.58 -5.51 2.82
CA LYS A 63 7.26 -6.75 2.49
C LYS A 63 6.38 -7.96 2.78
N LYS A 64 5.50 -7.83 3.77
CA LYS A 64 4.59 -8.91 4.15
C LYS A 64 3.24 -8.71 3.46
N ALA A 65 2.96 -7.46 3.11
CA ALA A 65 1.73 -7.09 2.45
C ALA A 65 1.78 -7.40 0.95
N GLU A 66 2.89 -7.98 0.50
CA GLU A 66 3.06 -8.31 -0.91
C GLU A 66 3.23 -7.05 -1.75
N LEU A 67 3.62 -5.96 -1.09
CA LEU A 67 3.83 -4.69 -1.78
C LEU A 67 5.02 -3.90 -1.24
N PHE A 68 6.23 -4.42 -1.48
CA PHE A 68 7.45 -3.75 -1.05
C PHE A 68 8.42 -3.65 -2.23
#